data_6B25
# 
_entry.id   6B25 
# 
_audit_conform.dict_name       mmcif_pdbx.dic 
_audit_conform.dict_version    5.387 
_audit_conform.dict_location   http://mmcif.pdb.org/dictionaries/ascii/mmcif_pdbx.dic 
# 
loop_
_database_2.database_id 
_database_2.database_code 
_database_2.pdbx_database_accession 
_database_2.pdbx_DOI 
PDB   6B25         pdb_00006b25 10.2210/pdb6b25/pdb 
WWPDB D_1000230114 ?            ?                   
# 
loop_
_pdbx_audit_revision_history.ordinal 
_pdbx_audit_revision_history.data_content_type 
_pdbx_audit_revision_history.major_revision 
_pdbx_audit_revision_history.minor_revision 
_pdbx_audit_revision_history.revision_date 
1 'Structure model' 1 0 2017-10-25 
2 'Structure model' 1 1 2017-11-08 
3 'Structure model' 1 2 2017-11-22 
4 'Structure model' 1 3 2017-12-06 
5 'Structure model' 1 4 2020-01-08 
6 'Structure model' 1 5 2024-03-13 
# 
_pdbx_audit_revision_details.ordinal             1 
_pdbx_audit_revision_details.revision_ordinal    1 
_pdbx_audit_revision_details.data_content_type   'Structure model' 
_pdbx_audit_revision_details.provider            repository 
_pdbx_audit_revision_details.type                'Initial release' 
_pdbx_audit_revision_details.description         ? 
_pdbx_audit_revision_details.details             ? 
# 
loop_
_pdbx_audit_revision_group.ordinal 
_pdbx_audit_revision_group.revision_ordinal 
_pdbx_audit_revision_group.data_content_type 
_pdbx_audit_revision_group.group 
1 2 'Structure model' 'Database references'        
2 3 'Structure model' 'Database references'        
3 4 'Structure model' 'Author supporting evidence' 
4 5 'Structure model' 'Author supporting evidence' 
5 6 'Structure model' 'Data collection'            
6 6 'Structure model' 'Database references'        
# 
loop_
_pdbx_audit_revision_category.ordinal 
_pdbx_audit_revision_category.revision_ordinal 
_pdbx_audit_revision_category.data_content_type 
_pdbx_audit_revision_category.category 
1 2 'Structure model' citation           
2 3 'Structure model' citation           
3 4 'Structure model' pdbx_audit_support 
4 5 'Structure model' pdbx_audit_support 
5 6 'Structure model' chem_comp_atom     
6 6 'Structure model' chem_comp_bond     
7 6 'Structure model' database_2         
# 
loop_
_pdbx_audit_revision_item.ordinal 
_pdbx_audit_revision_item.revision_ordinal 
_pdbx_audit_revision_item.data_content_type 
_pdbx_audit_revision_item.item 
1  2 'Structure model' '_citation.country'                        
2  2 'Structure model' '_citation.journal_abbrev'                 
3  2 'Structure model' '_citation.journal_id_ASTM'                
4  2 'Structure model' '_citation.journal_id_CSD'                 
5  2 'Structure model' '_citation.journal_id_ISSN'                
6  2 'Structure model' '_citation.pdbx_database_id_DOI'           
7  2 'Structure model' '_citation.pdbx_database_id_PubMed'        
8  2 'Structure model' '_citation.title'                          
9  2 'Structure model' '_citation.year'                           
10 3 'Structure model' '_citation.journal_volume'                 
11 3 'Structure model' '_citation.page_first'                     
12 3 'Structure model' '_citation.page_last'                      
13 4 'Structure model' '_pdbx_audit_support.funding_organization' 
14 5 'Structure model' '_pdbx_audit_support.funding_organization' 
15 6 'Structure model' '_database_2.pdbx_DOI'                     
16 6 'Structure model' '_database_2.pdbx_database_accession'      
# 
_pdbx_database_status.status_code                     REL 
_pdbx_database_status.status_code_sf                  REL 
_pdbx_database_status.status_code_mr                  ? 
_pdbx_database_status.entry_id                        6B25 
_pdbx_database_status.recvd_initial_deposition_date   2017-09-19 
_pdbx_database_status.SG_entry                        N 
_pdbx_database_status.deposit_site                    RCSB 
_pdbx_database_status.process_site                    RCSB 
_pdbx_database_status.status_code_cs                  ? 
_pdbx_database_status.methods_development_category    ? 
_pdbx_database_status.pdb_format_compatible           Y 
_pdbx_database_status.status_code_nmr_data            ? 
# 
loop_
_audit_author.name 
_audit_author.pdbx_ordinal 
_audit_author.identifier_ORCID 
'Wong King Yuen, S.M.' 1 ? 
'Van Petegem, F.'      2 ? 
# 
_citation.abstract                  ? 
_citation.abstract_id_CAS           ? 
_citation.book_id_ISBN              ? 
_citation.book_publisher            ? 
_citation.book_publisher_city       ? 
_citation.book_title                ? 
_citation.coordinate_linkage        ? 
_citation.country                   US 
_citation.database_id_Medline       ? 
_citation.details                   ? 
_citation.id                        primary 
_citation.journal_abbrev            'Proc. Natl. Acad. Sci. U.S.A.' 
_citation.journal_id_ASTM           PNASA6 
_citation.journal_id_CSD            0040 
_citation.journal_id_ISSN           1091-6490 
_citation.journal_full              ? 
_citation.journal_issue             ? 
_citation.journal_volume            114 
_citation.language                  ? 
_citation.page_first                E9520 
_citation.page_last                 E9528 
_citation.title                     'Structural insights into binding of STAC proteins to voltage-gated calcium channels.' 
_citation.year                      2017 
_citation.database_id_CSD           ? 
_citation.pdbx_database_id_DOI      10.1073/pnas.1708852114 
_citation.pdbx_database_id_PubMed   29078335 
_citation.unpublished_flag          ? 
# 
loop_
_citation_author.citation_id 
_citation_author.name 
_citation_author.ordinal 
_citation_author.identifier_ORCID 
primary 'Wong King Yuen, S.M.' 1 ? 
primary 'Campiglio, M.'        2 ? 
primary 'Tung, C.C.'           3 ? 
primary 'Flucher, B.E.'        4 ? 
primary 'Van Petegem, F.'      5 ? 
# 
loop_
_entity.id 
_entity.type 
_entity.src_method 
_entity.pdbx_description 
_entity.formula_weight 
_entity.pdbx_number_of_molecules 
_entity.pdbx_ec 
_entity.pdbx_mutation 
_entity.pdbx_fragment 
_entity.details 
1 polymer     man 'SH3 and cysteine-rich domain-containing protein'     13682.508 1  ? ? 'residues 296-411' ? 
2 non-polymer syn '4-(2-HYDROXYETHYL)-1-PIPERAZINE ETHANESULFONIC ACID' 238.305   1  ? ? ?                  ? 
3 water       nat water                                                 18.015    32 ? ? ?                  ? 
# 
_entity_name_com.entity_id   1 
_entity_name_com.name        'Src homology 3 and cysteine-rich domain-containing protein' 
# 
_entity_poly.entity_id                      1 
_entity_poly.type                           'polypeptide(L)' 
_entity_poly.nstd_linkage                   no 
_entity_poly.nstd_monomer                   no 
_entity_poly.pdbx_seq_one_letter_code       
;SNANTYVALYKFVPQENEDLEMRPGDIITLLEDSNEDWWKGKIQDRIGFFPANFVQRLQQNEKIFRCVRTFIGCKEQGQI
TLKENQICVSSEEEQDGFIRVLSGKKKGLIPLDVLENI
;
_entity_poly.pdbx_seq_one_letter_code_can   
;SNANTYVALYKFVPQENEDLEMRPGDIITLLEDSNEDWWKGKIQDRIGFFPANFVQRLQQNEKIFRCVRTFIGCKEQGQI
TLKENQICVSSEEEQDGFIRVLSGKKKGLIPLDVLENI
;
_entity_poly.pdbx_strand_id                 A 
_entity_poly.pdbx_target_identifier         ? 
# 
loop_
_pdbx_entity_nonpoly.entity_id 
_pdbx_entity_nonpoly.name 
_pdbx_entity_nonpoly.comp_id 
2 '4-(2-HYDROXYETHYL)-1-PIPERAZINE ETHANESULFONIC ACID' EPE 
3 water                                                 HOH 
# 
loop_
_entity_poly_seq.entity_id 
_entity_poly_seq.num 
_entity_poly_seq.mon_id 
_entity_poly_seq.hetero 
1 1   SER n 
1 2   ASN n 
1 3   ALA n 
1 4   ASN n 
1 5   THR n 
1 6   TYR n 
1 7   VAL n 
1 8   ALA n 
1 9   LEU n 
1 10  TYR n 
1 11  LYS n 
1 12  PHE n 
1 13  VAL n 
1 14  PRO n 
1 15  GLN n 
1 16  GLU n 
1 17  ASN n 
1 18  GLU n 
1 19  ASP n 
1 20  LEU n 
1 21  GLU n 
1 22  MET n 
1 23  ARG n 
1 24  PRO n 
1 25  GLY n 
1 26  ASP n 
1 27  ILE n 
1 28  ILE n 
1 29  THR n 
1 30  LEU n 
1 31  LEU n 
1 32  GLU n 
1 33  ASP n 
1 34  SER n 
1 35  ASN n 
1 36  GLU n 
1 37  ASP n 
1 38  TRP n 
1 39  TRP n 
1 40  LYS n 
1 41  GLY n 
1 42  LYS n 
1 43  ILE n 
1 44  GLN n 
1 45  ASP n 
1 46  ARG n 
1 47  ILE n 
1 48  GLY n 
1 49  PHE n 
1 50  PHE n 
1 51  PRO n 
1 52  ALA n 
1 53  ASN n 
1 54  PHE n 
1 55  VAL n 
1 56  GLN n 
1 57  ARG n 
1 58  LEU n 
1 59  GLN n 
1 60  GLN n 
1 61  ASN n 
1 62  GLU n 
1 63  LYS n 
1 64  ILE n 
1 65  PHE n 
1 66  ARG n 
1 67  CYS n 
1 68  VAL n 
1 69  ARG n 
1 70  THR n 
1 71  PHE n 
1 72  ILE n 
1 73  GLY n 
1 74  CYS n 
1 75  LYS n 
1 76  GLU n 
1 77  GLN n 
1 78  GLY n 
1 79  GLN n 
1 80  ILE n 
1 81  THR n 
1 82  LEU n 
1 83  LYS n 
1 84  GLU n 
1 85  ASN n 
1 86  GLN n 
1 87  ILE n 
1 88  CYS n 
1 89  VAL n 
1 90  SER n 
1 91  SER n 
1 92  GLU n 
1 93  GLU n 
1 94  GLU n 
1 95  GLN n 
1 96  ASP n 
1 97  GLY n 
1 98  PHE n 
1 99  ILE n 
1 100 ARG n 
1 101 VAL n 
1 102 LEU n 
1 103 SER n 
1 104 GLY n 
1 105 LYS n 
1 106 LYS n 
1 107 LYS n 
1 108 GLY n 
1 109 LEU n 
1 110 ILE n 
1 111 PRO n 
1 112 LEU n 
1 113 ASP n 
1 114 VAL n 
1 115 LEU n 
1 116 GLU n 
1 117 ASN n 
1 118 ILE n 
# 
_entity_src_gen.entity_id                          1 
_entity_src_gen.pdbx_src_id                        1 
_entity_src_gen.pdbx_alt_source_flag               sample 
_entity_src_gen.pdbx_seq_type                      'Biological sequence' 
_entity_src_gen.pdbx_beg_seq_num                   1 
_entity_src_gen.pdbx_end_seq_num                   118 
_entity_src_gen.gene_src_common_name               Human 
_entity_src_gen.gene_src_genus                     ? 
_entity_src_gen.pdbx_gene_src_gene                 STAC 
_entity_src_gen.gene_src_species                   ? 
_entity_src_gen.gene_src_strain                    ? 
_entity_src_gen.gene_src_tissue                    ? 
_entity_src_gen.gene_src_tissue_fraction           ? 
_entity_src_gen.gene_src_details                   ? 
_entity_src_gen.pdbx_gene_src_fragment             ? 
_entity_src_gen.pdbx_gene_src_scientific_name      'Homo sapiens' 
_entity_src_gen.pdbx_gene_src_ncbi_taxonomy_id     9606 
_entity_src_gen.pdbx_gene_src_variant              ? 
_entity_src_gen.pdbx_gene_src_cell_line            ? 
_entity_src_gen.pdbx_gene_src_atcc                 ? 
_entity_src_gen.pdbx_gene_src_organ                ? 
_entity_src_gen.pdbx_gene_src_organelle            ? 
_entity_src_gen.pdbx_gene_src_cell                 ? 
_entity_src_gen.pdbx_gene_src_cellular_location    ? 
_entity_src_gen.host_org_common_name               ? 
_entity_src_gen.pdbx_host_org_scientific_name      'Escherichia coli' 
_entity_src_gen.pdbx_host_org_ncbi_taxonomy_id     562 
_entity_src_gen.host_org_genus                     ? 
_entity_src_gen.pdbx_host_org_gene                 ? 
_entity_src_gen.pdbx_host_org_organ                ? 
_entity_src_gen.host_org_species                   ? 
_entity_src_gen.pdbx_host_org_tissue               ? 
_entity_src_gen.pdbx_host_org_tissue_fraction      ? 
_entity_src_gen.pdbx_host_org_strain               ? 
_entity_src_gen.pdbx_host_org_variant              ? 
_entity_src_gen.pdbx_host_org_cell_line            ? 
_entity_src_gen.pdbx_host_org_atcc                 ? 
_entity_src_gen.pdbx_host_org_culture_collection   ? 
_entity_src_gen.pdbx_host_org_cell                 ? 
_entity_src_gen.pdbx_host_org_organelle            ? 
_entity_src_gen.pdbx_host_org_cellular_location    ? 
_entity_src_gen.pdbx_host_org_vector_type          ? 
_entity_src_gen.pdbx_host_org_vector               ? 
_entity_src_gen.host_org_details                   ? 
_entity_src_gen.expression_system_id               ? 
_entity_src_gen.plasmid_name                       ? 
_entity_src_gen.plasmid_details                    ? 
_entity_src_gen.pdbx_description                   ? 
# 
loop_
_chem_comp.id 
_chem_comp.type 
_chem_comp.mon_nstd_flag 
_chem_comp.name 
_chem_comp.pdbx_synonyms 
_chem_comp.formula 
_chem_comp.formula_weight 
ALA 'L-peptide linking' y ALANINE                                               ?     'C3 H7 N O2'     89.093  
ARG 'L-peptide linking' y ARGININE                                              ?     'C6 H15 N4 O2 1' 175.209 
ASN 'L-peptide linking' y ASPARAGINE                                            ?     'C4 H8 N2 O3'    132.118 
ASP 'L-peptide linking' y 'ASPARTIC ACID'                                       ?     'C4 H7 N O4'     133.103 
CYS 'L-peptide linking' y CYSTEINE                                              ?     'C3 H7 N O2 S'   121.158 
EPE non-polymer         . '4-(2-HYDROXYETHYL)-1-PIPERAZINE ETHANESULFONIC ACID' HEPES 'C8 H18 N2 O4 S' 238.305 
GLN 'L-peptide linking' y GLUTAMINE                                             ?     'C5 H10 N2 O3'   146.144 
GLU 'L-peptide linking' y 'GLUTAMIC ACID'                                       ?     'C5 H9 N O4'     147.129 
GLY 'peptide linking'   y GLYCINE                                               ?     'C2 H5 N O2'     75.067  
HOH non-polymer         . WATER                                                 ?     'H2 O'           18.015  
ILE 'L-peptide linking' y ISOLEUCINE                                            ?     'C6 H13 N O2'    131.173 
LEU 'L-peptide linking' y LEUCINE                                               ?     'C6 H13 N O2'    131.173 
LYS 'L-peptide linking' y LYSINE                                                ?     'C6 H15 N2 O2 1' 147.195 
MET 'L-peptide linking' y METHIONINE                                            ?     'C5 H11 N O2 S'  149.211 
PHE 'L-peptide linking' y PHENYLALANINE                                         ?     'C9 H11 N O2'    165.189 
PRO 'L-peptide linking' y PROLINE                                               ?     'C5 H9 N O2'     115.130 
SER 'L-peptide linking' y SERINE                                                ?     'C3 H7 N O3'     105.093 
THR 'L-peptide linking' y THREONINE                                             ?     'C4 H9 N O3'     119.119 
TRP 'L-peptide linking' y TRYPTOPHAN                                            ?     'C11 H12 N2 O2'  204.225 
TYR 'L-peptide linking' y TYROSINE                                              ?     'C9 H11 N O3'    181.189 
VAL 'L-peptide linking' y VALINE                                                ?     'C5 H11 N O2'    117.146 
# 
loop_
_pdbx_poly_seq_scheme.asym_id 
_pdbx_poly_seq_scheme.entity_id 
_pdbx_poly_seq_scheme.seq_id 
_pdbx_poly_seq_scheme.mon_id 
_pdbx_poly_seq_scheme.ndb_seq_num 
_pdbx_poly_seq_scheme.pdb_seq_num 
_pdbx_poly_seq_scheme.auth_seq_num 
_pdbx_poly_seq_scheme.pdb_mon_id 
_pdbx_poly_seq_scheme.auth_mon_id 
_pdbx_poly_seq_scheme.pdb_strand_id 
_pdbx_poly_seq_scheme.pdb_ins_code 
_pdbx_poly_seq_scheme.hetero 
A 1 1   SER 1   1   ?   ?   ?   A . n 
A 1 2   ASN 2   2   ?   ?   ?   A . n 
A 1 3   ALA 3   3   ?   ?   ?   A . n 
A 1 4   ASN 4   4   4   ASN ASN A . n 
A 1 5   THR 5   5   5   THR THR A . n 
A 1 6   TYR 6   6   6   TYR TYR A . n 
A 1 7   VAL 7   7   7   VAL VAL A . n 
A 1 8   ALA 8   8   8   ALA ALA A . n 
A 1 9   LEU 9   9   9   LEU LEU A . n 
A 1 10  TYR 10  10  10  TYR TYR A . n 
A 1 11  LYS 11  11  11  LYS LYS A . n 
A 1 12  PHE 12  12  12  PHE PHE A . n 
A 1 13  VAL 13  13  13  VAL VAL A . n 
A 1 14  PRO 14  14  14  PRO PRO A . n 
A 1 15  GLN 15  15  15  GLN GLN A . n 
A 1 16  GLU 16  16  16  GLU GLU A . n 
A 1 17  ASN 17  17  17  ASN ASN A . n 
A 1 18  GLU 18  18  18  GLU GLU A . n 
A 1 19  ASP 19  19  19  ASP ASP A . n 
A 1 20  LEU 20  20  20  LEU LEU A . n 
A 1 21  GLU 21  21  21  GLU GLU A . n 
A 1 22  MET 22  22  22  MET MET A . n 
A 1 23  ARG 23  23  23  ARG ARG A . n 
A 1 24  PRO 24  24  24  PRO PRO A . n 
A 1 25  GLY 25  25  25  GLY GLY A . n 
A 1 26  ASP 26  26  26  ASP ASP A . n 
A 1 27  ILE 27  27  27  ILE ILE A . n 
A 1 28  ILE 28  28  28  ILE ILE A . n 
A 1 29  THR 29  29  29  THR THR A . n 
A 1 30  LEU 30  30  30  LEU LEU A . n 
A 1 31  LEU 31  31  31  LEU LEU A . n 
A 1 32  GLU 32  32  32  GLU GLU A . n 
A 1 33  ASP 33  33  33  ASP ASP A . n 
A 1 34  SER 34  34  34  SER SER A . n 
A 1 35  ASN 35  35  35  ASN ASN A . n 
A 1 36  GLU 36  36  36  GLU GLU A . n 
A 1 37  ASP 37  37  37  ASP ASP A . n 
A 1 38  TRP 38  38  38  TRP TRP A . n 
A 1 39  TRP 39  39  39  TRP TRP A . n 
A 1 40  LYS 40  40  40  LYS LYS A . n 
A 1 41  GLY 41  41  41  GLY GLY A . n 
A 1 42  LYS 42  42  42  LYS LYS A . n 
A 1 43  ILE 43  43  43  ILE ILE A . n 
A 1 44  GLN 44  44  44  GLN GLN A . n 
A 1 45  ASP 45  45  45  ASP ASP A . n 
A 1 46  ARG 46  46  46  ARG ARG A . n 
A 1 47  ILE 47  47  47  ILE ILE A . n 
A 1 48  GLY 48  48  48  GLY GLY A . n 
A 1 49  PHE 49  49  49  PHE PHE A . n 
A 1 50  PHE 50  50  50  PHE PHE A . n 
A 1 51  PRO 51  51  51  PRO PRO A . n 
A 1 52  ALA 52  52  52  ALA ALA A . n 
A 1 53  ASN 53  53  53  ASN ASN A . n 
A 1 54  PHE 54  54  54  PHE PHE A . n 
A 1 55  VAL 55  55  55  VAL VAL A . n 
A 1 56  GLN 56  56  56  GLN GLN A . n 
A 1 57  ARG 57  57  57  ARG ARG A . n 
A 1 58  LEU 58  58  58  LEU LEU A . n 
A 1 59  GLN 59  59  59  GLN GLN A . n 
A 1 60  GLN 60  60  60  GLN GLN A . n 
A 1 61  ASN 61  61  61  ASN ASN A . n 
A 1 62  GLU 62  62  62  GLU GLU A . n 
A 1 63  LYS 63  63  63  LYS LYS A . n 
A 1 64  ILE 64  64  64  ILE ILE A . n 
A 1 65  PHE 65  65  65  PHE PHE A . n 
A 1 66  ARG 66  66  66  ARG ARG A . n 
A 1 67  CYS 67  67  67  CYS CYS A . n 
A 1 68  VAL 68  68  68  VAL VAL A . n 
A 1 69  ARG 69  69  69  ARG ARG A . n 
A 1 70  THR 70  70  70  THR THR A . n 
A 1 71  PHE 71  71  71  PHE PHE A . n 
A 1 72  ILE 72  72  72  ILE ILE A . n 
A 1 73  GLY 73  73  73  GLY GLY A . n 
A 1 74  CYS 74  74  74  CYS CYS A . n 
A 1 75  LYS 75  75  75  LYS LYS A . n 
A 1 76  GLU 76  76  76  GLU GLU A . n 
A 1 77  GLN 77  77  77  GLN GLN A . n 
A 1 78  GLY 78  78  78  GLY GLY A . n 
A 1 79  GLN 79  79  79  GLN GLN A . n 
A 1 80  ILE 80  80  80  ILE ILE A . n 
A 1 81  THR 81  81  81  THR THR A . n 
A 1 82  LEU 82  82  82  LEU LEU A . n 
A 1 83  LYS 83  83  83  LYS LYS A . n 
A 1 84  GLU 84  84  84  GLU GLU A . n 
A 1 85  ASN 85  85  85  ASN ASN A . n 
A 1 86  GLN 86  86  86  GLN GLN A . n 
A 1 87  ILE 87  87  87  ILE ILE A . n 
A 1 88  CYS 88  88  88  CYS CYS A . n 
A 1 89  VAL 89  89  89  VAL VAL A . n 
A 1 90  SER 90  90  90  SER SER A . n 
A 1 91  SER 91  91  91  SER SER A . n 
A 1 92  GLU 92  92  92  GLU GLU A . n 
A 1 93  GLU 93  93  93  GLU GLU A . n 
A 1 94  GLU 94  94  94  GLU GLU A . n 
A 1 95  GLN 95  95  95  GLN GLN A . n 
A 1 96  ASP 96  96  96  ASP ASP A . n 
A 1 97  GLY 97  97  97  GLY GLY A . n 
A 1 98  PHE 98  98  98  PHE PHE A . n 
A 1 99  ILE 99  99  99  ILE ILE A . n 
A 1 100 ARG 100 100 100 ARG ARG A . n 
A 1 101 VAL 101 101 101 VAL VAL A . n 
A 1 102 LEU 102 102 102 LEU LEU A . n 
A 1 103 SER 103 103 103 SER SER A . n 
A 1 104 GLY 104 104 104 GLY GLY A . n 
A 1 105 LYS 105 105 105 LYS LYS A . n 
A 1 106 LYS 106 106 106 LYS LYS A . n 
A 1 107 LYS 107 107 107 LYS LYS A . n 
A 1 108 GLY 108 108 108 GLY GLY A . n 
A 1 109 LEU 109 109 109 LEU LEU A . n 
A 1 110 ILE 110 110 110 ILE ILE A . n 
A 1 111 PRO 111 111 111 PRO PRO A . n 
A 1 112 LEU 112 112 112 LEU LEU A . n 
A 1 113 ASP 113 113 113 ASP ASP A . n 
A 1 114 VAL 114 114 114 VAL VAL A . n 
A 1 115 LEU 115 115 115 LEU LEU A . n 
A 1 116 GLU 116 116 116 GLU GLU A . n 
A 1 117 ASN 117 117 117 ASN ASN A . n 
A 1 118 ILE 118 118 118 ILE ILE A . n 
# 
loop_
_pdbx_nonpoly_scheme.asym_id 
_pdbx_nonpoly_scheme.entity_id 
_pdbx_nonpoly_scheme.mon_id 
_pdbx_nonpoly_scheme.ndb_seq_num 
_pdbx_nonpoly_scheme.pdb_seq_num 
_pdbx_nonpoly_scheme.auth_seq_num 
_pdbx_nonpoly_scheme.pdb_mon_id 
_pdbx_nonpoly_scheme.auth_mon_id 
_pdbx_nonpoly_scheme.pdb_strand_id 
_pdbx_nonpoly_scheme.pdb_ins_code 
B 2 EPE 1  201 1  EPE EPE A . 
C 3 HOH 1  301 30 HOH HOH A . 
C 3 HOH 2  302 27 HOH HOH A . 
C 3 HOH 3  303 11 HOH HOH A . 
C 3 HOH 4  304 1  HOH HOH A . 
C 3 HOH 5  305 3  HOH HOH A . 
C 3 HOH 6  306 38 HOH HOH A . 
C 3 HOH 7  307 2  HOH HOH A . 
C 3 HOH 8  308 14 HOH HOH A . 
C 3 HOH 9  309 9  HOH HOH A . 
C 3 HOH 10 310 16 HOH HOH A . 
C 3 HOH 11 311 17 HOH HOH A . 
C 3 HOH 12 312 31 HOH HOH A . 
C 3 HOH 13 313 4  HOH HOH A . 
C 3 HOH 14 314 7  HOH HOH A . 
C 3 HOH 15 315 39 HOH HOH A . 
C 3 HOH 16 316 6  HOH HOH A . 
C 3 HOH 17 317 12 HOH HOH A . 
C 3 HOH 18 318 10 HOH HOH A . 
C 3 HOH 19 319 33 HOH HOH A . 
C 3 HOH 20 320 25 HOH HOH A . 
C 3 HOH 21 321 22 HOH HOH A . 
C 3 HOH 22 322 13 HOH HOH A . 
C 3 HOH 23 323 18 HOH HOH A . 
C 3 HOH 24 324 29 HOH HOH A . 
C 3 HOH 25 325 15 HOH HOH A . 
C 3 HOH 26 326 5  HOH HOH A . 
C 3 HOH 27 327 28 HOH HOH A . 
C 3 HOH 28 328 32 HOH HOH A . 
C 3 HOH 29 329 23 HOH HOH A . 
C 3 HOH 30 330 20 HOH HOH A . 
C 3 HOH 31 331 36 HOH HOH A . 
C 3 HOH 32 332 24 HOH HOH A . 
# 
loop_
_pdbx_unobs_or_zero_occ_atoms.id 
_pdbx_unobs_or_zero_occ_atoms.PDB_model_num 
_pdbx_unobs_or_zero_occ_atoms.polymer_flag 
_pdbx_unobs_or_zero_occ_atoms.occupancy_flag 
_pdbx_unobs_or_zero_occ_atoms.auth_asym_id 
_pdbx_unobs_or_zero_occ_atoms.auth_comp_id 
_pdbx_unobs_or_zero_occ_atoms.auth_seq_id 
_pdbx_unobs_or_zero_occ_atoms.PDB_ins_code 
_pdbx_unobs_or_zero_occ_atoms.auth_atom_id 
_pdbx_unobs_or_zero_occ_atoms.label_alt_id 
_pdbx_unobs_or_zero_occ_atoms.label_asym_id 
_pdbx_unobs_or_zero_occ_atoms.label_comp_id 
_pdbx_unobs_or_zero_occ_atoms.label_seq_id 
_pdbx_unobs_or_zero_occ_atoms.label_atom_id 
1  1 Y 1 A ARG 23 ? CG  ? A ARG 23 CG  
2  1 Y 1 A ARG 23 ? CD  ? A ARG 23 CD  
3  1 Y 1 A ARG 23 ? NE  ? A ARG 23 NE  
4  1 Y 1 A ARG 23 ? CZ  ? A ARG 23 CZ  
5  1 Y 1 A ARG 23 ? NH1 ? A ARG 23 NH1 
6  1 Y 1 A ARG 23 ? NH2 ? A ARG 23 NH2 
7  1 Y 1 A GLN 60 ? CG  ? A GLN 60 CG  
8  1 Y 1 A GLN 60 ? CD  ? A GLN 60 CD  
9  1 Y 1 A GLN 60 ? OE1 ? A GLN 60 OE1 
10 1 Y 1 A GLN 60 ? NE2 ? A GLN 60 NE2 
11 1 Y 1 A ASN 61 ? CG  ? A ASN 61 CG  
12 1 Y 1 A ASN 61 ? OD1 ? A ASN 61 OD1 
13 1 Y 1 A ASN 61 ? ND2 ? A ASN 61 ND2 
14 1 Y 1 A LYS 63 ? CG  ? A LYS 63 CG  
15 1 Y 1 A LYS 63 ? CD  ? A LYS 63 CD  
16 1 Y 1 A LYS 63 ? CE  ? A LYS 63 CE  
17 1 Y 1 A LYS 63 ? NZ  ? A LYS 63 NZ  
18 1 Y 1 A LYS 75 ? CG  ? A LYS 75 CG  
19 1 Y 1 A LYS 75 ? CD  ? A LYS 75 CD  
20 1 Y 1 A LYS 75 ? CE  ? A LYS 75 CE  
21 1 Y 1 A LYS 75 ? NZ  ? A LYS 75 NZ  
22 1 Y 1 A GLU 76 ? CG  ? A GLU 76 CG  
23 1 Y 1 A GLU 76 ? CD  ? A GLU 76 CD  
24 1 Y 1 A GLU 76 ? OE1 ? A GLU 76 OE1 
25 1 Y 1 A GLU 76 ? OE2 ? A GLU 76 OE2 
26 1 Y 1 A GLN 77 ? CG  ? A GLN 77 CG  
27 1 Y 1 A GLN 77 ? CD  ? A GLN 77 CD  
28 1 Y 1 A GLN 77 ? OE1 ? A GLN 77 OE1 
29 1 Y 1 A GLN 77 ? NE2 ? A GLN 77 NE2 
# 
loop_
_software.citation_id 
_software.classification 
_software.compiler_name 
_software.compiler_version 
_software.contact_author 
_software.contact_author_email 
_software.date 
_software.description 
_software.dependencies 
_software.hardware 
_software.language 
_software.location 
_software.mods 
_software.name 
_software.os 
_software.os_version 
_software.type 
_software.version 
_software.pdbx_ordinal 
? 'data collection' ? ? ? ? ? ? ? ? ? ? ? HKL-2000    ? ? ? .        1 
? 'data scaling'    ? ? ? ? ? ? ? ? ? ? ? SCALEPACK   ? ? ? .        2 
? refinement        ? ? ? ? ? ? ? ? ? ? ? REFMAC      ? ? ? 5.8.0158 3 
? 'data extraction' ? ? ? ? ? ? ? ? ? ? ? PDB_EXTRACT ? ? ? 3.22     4 
? 'data reduction'  ? ? ? ? ? ? ? ? ? ? ? DENZO       ? ? ? .        5 
? phasing           ? ? ? ? ? ? ? ? ? ? ? REFMAC      ? ? ? .        6 
# 
_cell.angle_alpha                  90.000 
_cell.angle_alpha_esd              ? 
_cell.angle_beta                   90.000 
_cell.angle_beta_esd               ? 
_cell.angle_gamma                  90.000 
_cell.angle_gamma_esd              ? 
_cell.entry_id                     6B25 
_cell.details                      ? 
_cell.formula_units_Z              ? 
_cell.length_a                     28.958 
_cell.length_a_esd                 ? 
_cell.length_b                     36.727 
_cell.length_b_esd                 ? 
_cell.length_c                     113.001 
_cell.length_c_esd                 ? 
_cell.volume                       ? 
_cell.volume_esd                   ? 
_cell.Z_PDB                        4 
_cell.reciprocal_angle_alpha       ? 
_cell.reciprocal_angle_beta        ? 
_cell.reciprocal_angle_gamma       ? 
_cell.reciprocal_angle_alpha_esd   ? 
_cell.reciprocal_angle_beta_esd    ? 
_cell.reciprocal_angle_gamma_esd   ? 
_cell.reciprocal_length_a          ? 
_cell.reciprocal_length_b          ? 
_cell.reciprocal_length_c          ? 
_cell.reciprocal_length_a_esd      ? 
_cell.reciprocal_length_b_esd      ? 
_cell.reciprocal_length_c_esd      ? 
_cell.pdbx_unique_axis             ? 
# 
_symmetry.entry_id                         6B25 
_symmetry.cell_setting                     ? 
_symmetry.Int_Tables_number                19 
_symmetry.space_group_name_Hall            ? 
_symmetry.space_group_name_H-M             'P 21 21 21' 
_symmetry.pdbx_full_space_group_name_H-M   ? 
# 
_exptl.absorpt_coefficient_mu     ? 
_exptl.absorpt_correction_T_max   ? 
_exptl.absorpt_correction_T_min   ? 
_exptl.absorpt_correction_type    ? 
_exptl.absorpt_process_details    ? 
_exptl.entry_id                   6B25 
_exptl.crystals_number            1 
_exptl.details                    ? 
_exptl.method                     'X-RAY DIFFRACTION' 
_exptl.method_details             ? 
# 
_exptl_crystal.colour                      ? 
_exptl_crystal.density_diffrn              ? 
_exptl_crystal.density_Matthews            2.20 
_exptl_crystal.density_method              ? 
_exptl_crystal.density_percent_sol         43.99 
_exptl_crystal.description                 ? 
_exptl_crystal.F_000                       ? 
_exptl_crystal.id                          1 
_exptl_crystal.preparation                 ? 
_exptl_crystal.size_max                    ? 
_exptl_crystal.size_mid                    ? 
_exptl_crystal.size_min                    ? 
_exptl_crystal.size_rad                    ? 
_exptl_crystal.colour_lustre               ? 
_exptl_crystal.colour_modifier             ? 
_exptl_crystal.colour_primary              ? 
_exptl_crystal.density_meas                ? 
_exptl_crystal.density_meas_esd            ? 
_exptl_crystal.density_meas_gt             ? 
_exptl_crystal.density_meas_lt             ? 
_exptl_crystal.density_meas_temp           ? 
_exptl_crystal.density_meas_temp_esd       ? 
_exptl_crystal.density_meas_temp_gt        ? 
_exptl_crystal.density_meas_temp_lt        ? 
_exptl_crystal.pdbx_crystal_image_url      ? 
_exptl_crystal.pdbx_crystal_image_format   ? 
_exptl_crystal.pdbx_mosaicity              ? 
_exptl_crystal.pdbx_mosaicity_esd          ? 
# 
_exptl_crystal_grow.apparatus       ? 
_exptl_crystal_grow.atmosphere      ? 
_exptl_crystal_grow.crystal_id      1 
_exptl_crystal_grow.details         ? 
_exptl_crystal_grow.method          'VAPOR DIFFUSION' 
_exptl_crystal_grow.method_ref      ? 
_exptl_crystal_grow.pH              7.5 
_exptl_crystal_grow.pressure        ? 
_exptl_crystal_grow.pressure_esd    ? 
_exptl_crystal_grow.seeding         ? 
_exptl_crystal_grow.seeding_ref     ? 
_exptl_crystal_grow.temp            298.15 
_exptl_crystal_grow.temp_details    ? 
_exptl_crystal_grow.temp_esd        ? 
_exptl_crystal_grow.time            ? 
_exptl_crystal_grow.pdbx_details    '0.1M sodium-HEPES, 25% PEG1000' 
_exptl_crystal_grow.pdbx_pH_range   ? 
# 
_diffrn.ambient_environment    ? 
_diffrn.ambient_temp           100 
_diffrn.ambient_temp_details   ? 
_diffrn.ambient_temp_esd       ? 
_diffrn.crystal_id             1 
_diffrn.crystal_support        ? 
_diffrn.crystal_treatment      ? 
_diffrn.details                ? 
_diffrn.id                     1 
_diffrn.ambient_pressure       ? 
_diffrn.ambient_pressure_esd   ? 
_diffrn.ambient_pressure_gt    ? 
_diffrn.ambient_pressure_lt    ? 
_diffrn.ambient_temp_gt        ? 
_diffrn.ambient_temp_lt        ? 
# 
_diffrn_detector.details                      ? 
_diffrn_detector.detector                     PIXEL 
_diffrn_detector.diffrn_id                    1 
_diffrn_detector.type                         'DECTRIS PILATUS3 6M' 
_diffrn_detector.area_resol_mean              ? 
_diffrn_detector.dtime                        ? 
_diffrn_detector.pdbx_frames_total            ? 
_diffrn_detector.pdbx_collection_time_total   ? 
_diffrn_detector.pdbx_collection_date         2016-05-06 
# 
_diffrn_radiation.collimation                      ? 
_diffrn_radiation.diffrn_id                        1 
_diffrn_radiation.filter_edge                      ? 
_diffrn_radiation.inhomogeneity                    ? 
_diffrn_radiation.monochromator                    ? 
_diffrn_radiation.polarisn_norm                    ? 
_diffrn_radiation.polarisn_ratio                   ? 
_diffrn_radiation.probe                            ? 
_diffrn_radiation.type                             ? 
_diffrn_radiation.xray_symbol                      ? 
_diffrn_radiation.wavelength_id                    1 
_diffrn_radiation.pdbx_monochromatic_or_laue_m_l   M 
_diffrn_radiation.pdbx_wavelength_list             ? 
_diffrn_radiation.pdbx_wavelength                  ? 
_diffrn_radiation.pdbx_diffrn_protocol             'SINGLE WAVELENGTH' 
_diffrn_radiation.pdbx_analyzer                    ? 
_diffrn_radiation.pdbx_scattering_type             x-ray 
# 
_diffrn_radiation_wavelength.id           1 
_diffrn_radiation_wavelength.wavelength   0.97946 
_diffrn_radiation_wavelength.wt           1.0 
# 
_diffrn_source.current                     ? 
_diffrn_source.details                     ? 
_diffrn_source.diffrn_id                   1 
_diffrn_source.power                       ? 
_diffrn_source.size                        ? 
_diffrn_source.source                      SYNCHROTRON 
_diffrn_source.target                      ? 
_diffrn_source.type                        'SSRL BEAMLINE BL9-2' 
_diffrn_source.voltage                     ? 
_diffrn_source.take-off_angle              ? 
_diffrn_source.pdbx_wavelength_list        0.97946 
_diffrn_source.pdbx_wavelength             ? 
_diffrn_source.pdbx_synchrotron_beamline   BL9-2 
_diffrn_source.pdbx_synchrotron_site       SSRL 
# 
_reflns.B_iso_Wilson_estimate            ? 
_reflns.entry_id                         6B25 
_reflns.data_reduction_details           ? 
_reflns.data_reduction_method            ? 
_reflns.d_resolution_high                2.390 
_reflns.d_resolution_low                 56.5000 
_reflns.details                          ? 
_reflns.limit_h_max                      ? 
_reflns.limit_h_min                      ? 
_reflns.limit_k_max                      ? 
_reflns.limit_k_min                      ? 
_reflns.limit_l_max                      ? 
_reflns.limit_l_min                      ? 
_reflns.number_all                       ? 
_reflns.number_obs                       5120 
_reflns.observed_criterion               ? 
_reflns.observed_criterion_F_max         ? 
_reflns.observed_criterion_F_min         ? 
_reflns.observed_criterion_I_max         ? 
_reflns.observed_criterion_I_min         ? 
_reflns.observed_criterion_sigma_F       ? 
_reflns.observed_criterion_sigma_I       ? 
_reflns.percent_possible_obs             98.000 
_reflns.R_free_details                   ? 
_reflns.Rmerge_F_all                     ? 
_reflns.Rmerge_F_obs                     ? 
_reflns.Friedel_coverage                 ? 
_reflns.number_gt                        ? 
_reflns.threshold_expression             ? 
_reflns.pdbx_redundancy                  4.000 
_reflns.pdbx_Rmerge_I_obs                0.124 
_reflns.pdbx_Rmerge_I_all                ? 
_reflns.pdbx_Rsym_value                  ? 
_reflns.pdbx_netI_over_av_sigmaI         ? 
_reflns.pdbx_netI_over_sigmaI            7.400 
_reflns.pdbx_res_netI_over_av_sigmaI_2   ? 
_reflns.pdbx_res_netI_over_sigmaI_2      ? 
_reflns.pdbx_chi_squared                 1.044 
_reflns.pdbx_scaling_rejects             ? 
_reflns.pdbx_d_res_high_opt              ? 
_reflns.pdbx_d_res_low_opt               ? 
_reflns.pdbx_d_res_opt_method            ? 
_reflns.phase_calculation_details        ? 
_reflns.pdbx_Rrim_I_all                  0.143 
_reflns.pdbx_Rpim_I_all                  0.069 
_reflns.pdbx_d_opt                       ? 
_reflns.pdbx_number_measured_all         ? 
_reflns.pdbx_diffrn_id                   1 
_reflns.pdbx_ordinal                     1 
_reflns.pdbx_CC_half                     ? 
_reflns.pdbx_R_split                     ? 
# 
loop_
_reflns_shell.d_res_high 
_reflns_shell.d_res_low 
_reflns_shell.meanI_over_sigI_all 
_reflns_shell.meanI_over_sigI_obs 
_reflns_shell.number_measured_all 
_reflns_shell.number_measured_obs 
_reflns_shell.number_possible 
_reflns_shell.number_unique_all 
_reflns_shell.number_unique_obs 
_reflns_shell.percent_possible_all 
_reflns_shell.percent_possible_obs 
_reflns_shell.Rmerge_F_all 
_reflns_shell.Rmerge_F_obs 
_reflns_shell.Rmerge_I_all 
_reflns_shell.Rmerge_I_obs 
_reflns_shell.meanI_over_sigI_gt 
_reflns_shell.meanI_over_uI_all 
_reflns_shell.meanI_over_uI_gt 
_reflns_shell.number_measured_gt 
_reflns_shell.number_unique_gt 
_reflns_shell.percent_possible_gt 
_reflns_shell.Rmerge_F_gt 
_reflns_shell.Rmerge_I_gt 
_reflns_shell.pdbx_redundancy 
_reflns_shell.pdbx_Rsym_value 
_reflns_shell.pdbx_chi_squared 
_reflns_shell.pdbx_netI_over_sigmaI_all 
_reflns_shell.pdbx_netI_over_sigmaI_obs 
_reflns_shell.pdbx_Rrim_I_all 
_reflns_shell.pdbx_Rpim_I_all 
_reflns_shell.pdbx_rejects 
_reflns_shell.pdbx_ordinal 
_reflns_shell.pdbx_diffrn_id 
_reflns_shell.pdbx_CC_half 
_reflns_shell.pdbx_R_split 
2.390 2.460  ? ? ? ? ? ? 406 93.800 ? ? ? ? 0.520 ? ? ? ? ? ? ? ? 3.200 ? 1.029 ? ? 0.619 0.327 ? 1  1 0.793 ? 
2.460 2.540  ? ? ? ? ? ? 408 98.800 ? ? ? ? 0.475 ? ? ? ? ? ? ? ? 3.700 ? 1.112 ? ? 0.557 0.283 ? 2  1 0.713 ? 
2.540 2.630  ? ? ? ? ? ? 429 97.900 ? ? ? ? 0.445 ? ? ? ? ? ? ? ? 4.100 ? 0.944 ? ? 0.511 0.246 ? 3  1 0.833 ? 
2.630 2.740  ? ? ? ? ? ? 389 97.700 ? ? ? ? 0.359 ? ? ? ? ? ? ? ? 4.000 ? 1.151 ? ? 0.415 0.202 ? 4  1 0.854 ? 
2.740 2.860  ? ? ? ? ? ? 424 97.700 ? ? ? ? 0.291 ? ? ? ? ? ? ? ? 3.800 ? 1.169 ? ? 0.337 0.165 ? 5  1 0.904 ? 
2.860 3.010  ? ? ? ? ? ? 409 98.600 ? ? ? ? 0.217 ? ? ? ? ? ? ? ? 4.400 ? 1.077 ? ? 0.247 0.116 ? 6  1 0.925 ? 
3.010 3.200  ? ? ? ? ? ? 428 99.100 ? ? ? ? 0.176 ? ? ? ? ? ? ? ? 4.300 ? 1.024 ? ? 0.201 0.095 ? 7  1 0.961 ? 
3.200 3.450  ? ? ? ? ? ? 419 97.900 ? ? ? ? 0.141 ? ? ? ? ? ? ? ? 4.100 ? 1.045 ? ? 0.163 0.079 ? 8  1 0.976 ? 
3.450 3.790  ? ? ? ? ? ? 432 98.900 ? ? ? ? 0.104 ? ? ? ? ? ? ? ? 4.100 ? 1.037 ? ? 0.120 0.058 ? 9  1 0.986 ? 
3.790 4.340  ? ? ? ? ? ? 441 98.900 ? ? ? ? 0.088 ? ? ? ? ? ? ? ? 4.200 ? 0.994 ? ? 0.100 0.048 ? 10 1 0.987 ? 
4.340 5.470  ? ? ? ? ? ? 439 98.400 ? ? ? ? 0.083 ? ? ? ? ? ? ? ? 4.100 ? 1.024 ? ? 0.094 0.044 ? 11 1 0.992 ? 
5.470 35.000 ? ? ? ? ? ? 496 97.800 ? ? ? ? 0.082 ? ? ? ? ? ? ? ? 3.800 ? 0.958 ? ? 0.095 0.046 ? 12 1 0.986 ? 
# 
_refine.aniso_B[1][1]                            1.4000 
_refine.aniso_B[1][2]                            0.0000 
_refine.aniso_B[1][3]                            0.0000 
_refine.aniso_B[2][2]                            -0.1100 
_refine.aniso_B[2][3]                            0.0000 
_refine.aniso_B[3][3]                            -1.3000 
_refine.B_iso_max                                73.070 
_refine.B_iso_mean                               34.5830 
_refine.B_iso_min                                19.690 
_refine.correlation_coeff_Fo_to_Fc               0.9410 
_refine.correlation_coeff_Fo_to_Fc_free          0.9010 
_refine.details                                  
'HYDROGENS HAVE BEEN ADDED IN THE RIDING POSITIONS U VALUES      : REFINED INDIVIDUALLY' 
_refine.diff_density_max                         ? 
_refine.diff_density_max_esd                     ? 
_refine.diff_density_min                         ? 
_refine.diff_density_min_esd                     ? 
_refine.diff_density_rms                         ? 
_refine.diff_density_rms_esd                     ? 
_refine.entry_id                                 6B25 
_refine.pdbx_refine_id                           'X-RAY DIFFRACTION' 
_refine.ls_abs_structure_details                 ? 
_refine.ls_abs_structure_Flack                   ? 
_refine.ls_abs_structure_Flack_esd               ? 
_refine.ls_abs_structure_Rogers                  ? 
_refine.ls_abs_structure_Rogers_esd              ? 
_refine.ls_d_res_high                            2.3900 
_refine.ls_d_res_low                             56.5000 
_refine.ls_extinction_coef                       ? 
_refine.ls_extinction_coef_esd                   ? 
_refine.ls_extinction_expression                 ? 
_refine.ls_extinction_method                     ? 
_refine.ls_goodness_of_fit_all                   ? 
_refine.ls_goodness_of_fit_all_esd               ? 
_refine.ls_goodness_of_fit_obs                   ? 
_refine.ls_goodness_of_fit_obs_esd               ? 
_refine.ls_hydrogen_treatment                    ? 
_refine.ls_matrix_type                           ? 
_refine.ls_number_constraints                    ? 
_refine.ls_number_parameters                     ? 
_refine.ls_number_reflns_all                     ? 
_refine.ls_number_reflns_obs                     4819 
_refine.ls_number_reflns_R_free                  273 
_refine.ls_number_reflns_R_work                  ? 
_refine.ls_number_restraints                     ? 
_refine.ls_percent_reflns_obs                    97.6600 
_refine.ls_percent_reflns_R_free                 5.4000 
_refine.ls_R_factor_all                          ? 
_refine.ls_R_factor_obs                          0.2054 
_refine.ls_R_factor_R_free                       0.2588 
_refine.ls_R_factor_R_free_error                 ? 
_refine.ls_R_factor_R_free_error_details         ? 
_refine.ls_R_factor_R_work                       0.2026 
_refine.ls_R_Fsqd_factor_obs                     ? 
_refine.ls_R_I_factor_obs                        ? 
_refine.ls_redundancy_reflns_all                 ? 
_refine.ls_redundancy_reflns_obs                 ? 
_refine.ls_restrained_S_all                      ? 
_refine.ls_restrained_S_obs                      ? 
_refine.ls_shift_over_esd_max                    ? 
_refine.ls_shift_over_esd_mean                   ? 
_refine.ls_structure_factor_coef                 ? 
_refine.ls_weighting_details                     ? 
_refine.ls_weighting_scheme                      ? 
_refine.ls_wR_factor_all                         ? 
_refine.ls_wR_factor_obs                         ? 
_refine.ls_wR_factor_R_free                      ? 
_refine.ls_wR_factor_R_work                      ? 
_refine.occupancy_max                            ? 
_refine.occupancy_min                            ? 
_refine.solvent_model_details                    ? 
_refine.solvent_model_param_bsol                 ? 
_refine.solvent_model_param_ksol                 ? 
_refine.ls_R_factor_gt                           ? 
_refine.ls_goodness_of_fit_gt                    ? 
_refine.ls_goodness_of_fit_ref                   ? 
_refine.ls_shift_over_su_max                     ? 
_refine.ls_shift_over_su_max_lt                  ? 
_refine.ls_shift_over_su_mean                    ? 
_refine.ls_shift_over_su_mean_lt                 ? 
_refine.pdbx_ls_sigma_I                          ? 
_refine.pdbx_ls_sigma_F                          0.000 
_refine.pdbx_ls_sigma_Fsqd                       ? 
_refine.pdbx_data_cutoff_high_absF               ? 
_refine.pdbx_data_cutoff_high_rms_absF           ? 
_refine.pdbx_data_cutoff_low_absF                ? 
_refine.pdbx_isotropic_thermal_model             ? 
_refine.pdbx_ls_cross_valid_method               THROUGHOUT 
_refine.pdbx_method_to_determine_struct          'MOLECULAR REPLACEMENT' 
_refine.pdbx_starting_model                      ? 
_refine.pdbx_stereochemistry_target_values       ? 
_refine.pdbx_R_Free_selection_details            RANDOM 
_refine.pdbx_stereochem_target_val_spec_case     ? 
_refine.pdbx_overall_ESU_R                       0.4910 
_refine.pdbx_overall_ESU_R_Free                  0.2830 
_refine.pdbx_solvent_vdw_probe_radii             1.2000 
_refine.pdbx_solvent_ion_probe_radii             0.8000 
_refine.pdbx_solvent_shrinkage_radii             0.8000 
_refine.pdbx_real_space_R                        ? 
_refine.pdbx_density_correlation                 ? 
_refine.pdbx_pd_number_of_powder_patterns        ? 
_refine.pdbx_pd_number_of_points                 ? 
_refine.pdbx_pd_meas_number_of_points            ? 
_refine.pdbx_pd_proc_ls_prof_R_factor            ? 
_refine.pdbx_pd_proc_ls_prof_wR_factor           ? 
_refine.pdbx_pd_Marquardt_correlation_coeff      ? 
_refine.pdbx_pd_Fsqrd_R_factor                   ? 
_refine.pdbx_pd_ls_matrix_band_width             ? 
_refine.pdbx_overall_phase_error                 ? 
_refine.pdbx_overall_SU_R_free_Cruickshank_DPI   ? 
_refine.pdbx_overall_SU_R_free_Blow_DPI          ? 
_refine.pdbx_overall_SU_R_Blow_DPI               ? 
_refine.pdbx_TLS_residual_ADP_flag               ? 
_refine.pdbx_diffrn_id                           1 
_refine.overall_SU_B                             8.3370 
_refine.overall_SU_ML                            0.1910 
_refine.overall_SU_R_Cruickshank_DPI             ? 
_refine.overall_SU_R_free                        ? 
_refine.overall_FOM_free_R_set                   ? 
_refine.overall_FOM_work_R_set                   ? 
_refine.pdbx_average_fsc_overall                 ? 
_refine.pdbx_average_fsc_work                    ? 
_refine.pdbx_average_fsc_free                    ? 
# 
_refine_hist.cycle_id                         final 
_refine_hist.pdbx_refine_id                   'X-RAY DIFFRACTION' 
_refine_hist.d_res_high                       2.3900 
_refine_hist.d_res_low                        56.5000 
_refine_hist.pdbx_number_atoms_ligand         15 
_refine_hist.number_atoms_solvent             32 
_refine_hist.number_atoms_total               960 
_refine_hist.pdbx_number_residues_total       115 
_refine_hist.pdbx_B_iso_mean_ligand           50.33 
_refine_hist.pdbx_B_iso_mean_solvent          35.74 
_refine_hist.pdbx_number_atoms_protein        913 
_refine_hist.pdbx_number_atoms_nucleic_acid   0 
# 
loop_
_refine_ls_restr.pdbx_refine_id 
_refine_ls_restr.criterion 
_refine_ls_restr.dev_ideal 
_refine_ls_restr.dev_ideal_target 
_refine_ls_restr.number 
_refine_ls_restr.rejects 
_refine_ls_restr.type 
_refine_ls_restr.weight 
_refine_ls_restr.pdbx_restraint_function 
'X-RAY DIFFRACTION' ? 0.010  0.020  944  ? r_bond_refined_d       ? ? 
'X-RAY DIFFRACTION' ? 0.002  0.020  871  ? r_bond_other_d         ? ? 
'X-RAY DIFFRACTION' ? 1.528  1.978  1275 ? r_angle_refined_deg    ? ? 
'X-RAY DIFFRACTION' ? 0.907  3.000  2025 ? r_angle_other_deg      ? ? 
'X-RAY DIFFRACTION' ? 5.956  5.000  114  ? r_dihedral_angle_1_deg ? ? 
'X-RAY DIFFRACTION' ? 40.298 25.532 47   ? r_dihedral_angle_2_deg ? ? 
'X-RAY DIFFRACTION' ? 15.186 15.000 166  ? r_dihedral_angle_3_deg ? ? 
'X-RAY DIFFRACTION' ? 13.538 15.000 5    ? r_dihedral_angle_4_deg ? ? 
'X-RAY DIFFRACTION' ? 0.074  0.200  142  ? r_chiral_restr         ? ? 
'X-RAY DIFFRACTION' ? 0.005  0.020  1036 ? r_gen_planes_refined   ? ? 
'X-RAY DIFFRACTION' ? 0.001  0.020  185  ? r_gen_planes_other     ? ? 
# 
_refine_ls_shell.pdbx_refine_id                   'X-RAY DIFFRACTION' 
_refine_ls_shell.d_res_high                       2.3850 
_refine_ls_shell.d_res_low                        2.4470 
_refine_ls_shell.number_reflns_all                352 
_refine_ls_shell.number_reflns_obs                ? 
_refine_ls_shell.number_reflns_R_free             21 
_refine_ls_shell.number_reflns_R_work             331 
_refine_ls_shell.percent_reflns_obs               88.4400 
_refine_ls_shell.percent_reflns_R_free            ? 
_refine_ls_shell.R_factor_all                     ? 
_refine_ls_shell.R_factor_obs                     ? 
_refine_ls_shell.R_factor_R_free                  0.3600 
_refine_ls_shell.R_factor_R_free_error            0.0000 
_refine_ls_shell.R_factor_R_work                  0.2800 
_refine_ls_shell.redundancy_reflns_all            ? 
_refine_ls_shell.redundancy_reflns_obs            ? 
_refine_ls_shell.wR_factor_all                    ? 
_refine_ls_shell.wR_factor_obs                    ? 
_refine_ls_shell.wR_factor_R_free                 ? 
_refine_ls_shell.wR_factor_R_work                 ? 
_refine_ls_shell.pdbx_total_number_of_bins_used   20 
_refine_ls_shell.pdbx_phase_error                 ? 
_refine_ls_shell.pdbx_fsc_work                    ? 
_refine_ls_shell.pdbx_fsc_free                    ? 
# 
_struct.entry_id                     6B25 
_struct.title                        'Crystal structure of human STAC1 Tandem SH3 Domains (288-402)' 
_struct.pdbx_model_details           ? 
_struct.pdbx_formula_weight          ? 
_struct.pdbx_formula_weight_method   ? 
_struct.pdbx_model_type_details      ? 
_struct.pdbx_CASP_flag               N 
# 
_struct_keywords.entry_id        6B25 
_struct_keywords.text            'Excitation-contraction coupling, ion channel adaptor protein, PROTEIN BINDING' 
_struct_keywords.pdbx_keywords   'PROTEIN BINDING' 
# 
loop_
_struct_asym.id 
_struct_asym.pdbx_blank_PDB_chainid_flag 
_struct_asym.pdbx_modified 
_struct_asym.entity_id 
_struct_asym.details 
A N N 1 ? 
B N N 2 ? 
C N N 3 ? 
# 
_struct_ref.id                         1 
_struct_ref.db_name                    UNP 
_struct_ref.db_code                    STAC_HUMAN 
_struct_ref.pdbx_db_accession          Q99469 
_struct_ref.pdbx_db_isoform            ? 
_struct_ref.entity_id                  1 
_struct_ref.pdbx_seq_one_letter_code   
;NTYVALYKFVPQENEDLEMRPGDIITLLEDSNEDWWKGKIQDRIGFFPANFVQRLQQNEKIFRCVRTFIGCKEQGQITLK
ENQICVSSEEEQDGFIRVLSGKKKGLIPLDVLENI
;
_struct_ref.pdbx_align_begin           288 
# 
_struct_ref_seq.align_id                      1 
_struct_ref_seq.ref_id                        1 
_struct_ref_seq.pdbx_PDB_id_code              6B25 
_struct_ref_seq.pdbx_strand_id                A 
_struct_ref_seq.seq_align_beg                 4 
_struct_ref_seq.pdbx_seq_align_beg_ins_code   ? 
_struct_ref_seq.seq_align_end                 118 
_struct_ref_seq.pdbx_seq_align_end_ins_code   ? 
_struct_ref_seq.pdbx_db_accession             Q99469 
_struct_ref_seq.db_align_beg                  288 
_struct_ref_seq.pdbx_db_align_beg_ins_code    ? 
_struct_ref_seq.db_align_end                  402 
_struct_ref_seq.pdbx_db_align_end_ins_code    ? 
_struct_ref_seq.pdbx_auth_seq_align_beg       4 
_struct_ref_seq.pdbx_auth_seq_align_end       118 
# 
loop_
_struct_ref_seq_dif.align_id 
_struct_ref_seq_dif.pdbx_pdb_id_code 
_struct_ref_seq_dif.mon_id 
_struct_ref_seq_dif.pdbx_pdb_strand_id 
_struct_ref_seq_dif.seq_num 
_struct_ref_seq_dif.pdbx_pdb_ins_code 
_struct_ref_seq_dif.pdbx_seq_db_name 
_struct_ref_seq_dif.pdbx_seq_db_accession_code 
_struct_ref_seq_dif.db_mon_id 
_struct_ref_seq_dif.pdbx_seq_db_seq_num 
_struct_ref_seq_dif.details 
_struct_ref_seq_dif.pdbx_auth_seq_num 
_struct_ref_seq_dif.pdbx_ordinal 
1 6B25 SER A 1 ? UNP Q99469 ? ? 'expression tag' 1 1 
1 6B25 ASN A 2 ? UNP Q99469 ? ? 'expression tag' 2 2 
1 6B25 ALA A 3 ? UNP Q99469 ? ? 'expression tag' 3 3 
# 
_pdbx_struct_assembly.id                   1 
_pdbx_struct_assembly.details              author_and_software_defined_assembly 
_pdbx_struct_assembly.method_details       PISA 
_pdbx_struct_assembly.oligomeric_details   monomeric 
_pdbx_struct_assembly.oligomeric_count     1 
# 
_pdbx_struct_assembly_gen.assembly_id       1 
_pdbx_struct_assembly_gen.oper_expression   1 
_pdbx_struct_assembly_gen.asym_id_list      A,B,C 
# 
_pdbx_struct_assembly_auth_evidence.id                     1 
_pdbx_struct_assembly_auth_evidence.assembly_id            1 
_pdbx_struct_assembly_auth_evidence.experimental_support   'gel filtration' 
_pdbx_struct_assembly_auth_evidence.details                ? 
# 
_pdbx_struct_oper_list.id                   1 
_pdbx_struct_oper_list.type                 'identity operation' 
_pdbx_struct_oper_list.name                 1_555 
_pdbx_struct_oper_list.symmetry_operation   x,y,z 
_pdbx_struct_oper_list.matrix[1][1]         1.0000000000 
_pdbx_struct_oper_list.matrix[1][2]         0.0000000000 
_pdbx_struct_oper_list.matrix[1][3]         0.0000000000 
_pdbx_struct_oper_list.vector[1]            0.0000000000 
_pdbx_struct_oper_list.matrix[2][1]         0.0000000000 
_pdbx_struct_oper_list.matrix[2][2]         1.0000000000 
_pdbx_struct_oper_list.matrix[2][3]         0.0000000000 
_pdbx_struct_oper_list.vector[2]            0.0000000000 
_pdbx_struct_oper_list.matrix[3][1]         0.0000000000 
_pdbx_struct_oper_list.matrix[3][2]         0.0000000000 
_pdbx_struct_oper_list.matrix[3][3]         1.0000000000 
_pdbx_struct_oper_list.vector[3]            0.0000000000 
# 
_struct_conf.conf_type_id            HELX_P 
_struct_conf.id                      HELX_P1 
_struct_conf.pdbx_PDB_helix_id       AA1 
_struct_conf.beg_label_comp_id       CYS 
_struct_conf.beg_label_asym_id       A 
_struct_conf.beg_label_seq_id        74 
_struct_conf.pdbx_beg_PDB_ins_code   ? 
_struct_conf.end_label_comp_id       GLY 
_struct_conf.end_label_asym_id       A 
_struct_conf.end_label_seq_id        78 
_struct_conf.pdbx_end_PDB_ins_code   ? 
_struct_conf.beg_auth_comp_id        CYS 
_struct_conf.beg_auth_asym_id        A 
_struct_conf.beg_auth_seq_id         74 
_struct_conf.end_auth_comp_id        GLY 
_struct_conf.end_auth_asym_id        A 
_struct_conf.end_auth_seq_id         78 
_struct_conf.pdbx_PDB_helix_class    5 
_struct_conf.details                 ? 
_struct_conf.pdbx_PDB_helix_length   5 
# 
_struct_conf_type.id          HELX_P 
_struct_conf_type.criteria    ? 
_struct_conf_type.reference   ? 
# 
loop_
_struct_sheet.id 
_struct_sheet.type 
_struct_sheet.number_strands 
_struct_sheet.details 
AA1 ? 5 ? 
AA2 ? 3 ? 
AA3 ? 2 ? 
# 
loop_
_struct_sheet_order.sheet_id 
_struct_sheet_order.range_id_1 
_struct_sheet_order.range_id_2 
_struct_sheet_order.offset 
_struct_sheet_order.sense 
AA1 1 2 ? anti-parallel 
AA1 2 3 ? anti-parallel 
AA1 3 4 ? anti-parallel 
AA1 4 5 ? anti-parallel 
AA2 1 2 ? anti-parallel 
AA2 2 3 ? anti-parallel 
AA3 1 2 ? anti-parallel 
# 
loop_
_struct_sheet_range.sheet_id 
_struct_sheet_range.id 
_struct_sheet_range.beg_label_comp_id 
_struct_sheet_range.beg_label_asym_id 
_struct_sheet_range.beg_label_seq_id 
_struct_sheet_range.pdbx_beg_PDB_ins_code 
_struct_sheet_range.end_label_comp_id 
_struct_sheet_range.end_label_asym_id 
_struct_sheet_range.end_label_seq_id 
_struct_sheet_range.pdbx_end_PDB_ins_code 
_struct_sheet_range.beg_auth_comp_id 
_struct_sheet_range.beg_auth_asym_id 
_struct_sheet_range.beg_auth_seq_id 
_struct_sheet_range.end_auth_comp_id 
_struct_sheet_range.end_auth_asym_id 
_struct_sheet_range.end_auth_seq_id 
AA1 1 ARG A 46  ? PRO A 51  ? ARG A 46  PRO A 51  
AA1 2 TRP A 38  ? ILE A 43  ? TRP A 38  ILE A 43  
AA1 3 ILE A 27  ? GLU A 32  ? ILE A 27  GLU A 32  
AA1 4 THR A 5   ? ALA A 8   ? THR A 5   ALA A 8   
AA1 5 VAL A 55  ? ARG A 57  ? VAL A 55  ARG A 57  
AA2 1 ILE A 87  ? SER A 90  ? ILE A 87  SER A 90  
AA2 2 LYS A 63  ? CYS A 67  ? LYS A 63  CYS A 67  
AA2 3 LEU A 115 ? GLU A 116 ? LEU A 115 GLU A 116 
AA3 1 PHE A 98  ? SER A 103 ? PHE A 98  SER A 103 
AA3 2 LYS A 106 ? PRO A 111 ? LYS A 106 PRO A 111 
# 
loop_
_pdbx_struct_sheet_hbond.sheet_id 
_pdbx_struct_sheet_hbond.range_id_1 
_pdbx_struct_sheet_hbond.range_id_2 
_pdbx_struct_sheet_hbond.range_1_label_atom_id 
_pdbx_struct_sheet_hbond.range_1_label_comp_id 
_pdbx_struct_sheet_hbond.range_1_label_asym_id 
_pdbx_struct_sheet_hbond.range_1_label_seq_id 
_pdbx_struct_sheet_hbond.range_1_PDB_ins_code 
_pdbx_struct_sheet_hbond.range_1_auth_atom_id 
_pdbx_struct_sheet_hbond.range_1_auth_comp_id 
_pdbx_struct_sheet_hbond.range_1_auth_asym_id 
_pdbx_struct_sheet_hbond.range_1_auth_seq_id 
_pdbx_struct_sheet_hbond.range_2_label_atom_id 
_pdbx_struct_sheet_hbond.range_2_label_comp_id 
_pdbx_struct_sheet_hbond.range_2_label_asym_id 
_pdbx_struct_sheet_hbond.range_2_label_seq_id 
_pdbx_struct_sheet_hbond.range_2_PDB_ins_code 
_pdbx_struct_sheet_hbond.range_2_auth_atom_id 
_pdbx_struct_sheet_hbond.range_2_auth_comp_id 
_pdbx_struct_sheet_hbond.range_2_auth_asym_id 
_pdbx_struct_sheet_hbond.range_2_auth_seq_id 
AA1 1 2 O GLY A 48 ? O GLY A 48 N GLY A 41  ? N GLY A 41  
AA1 2 3 O LYS A 40 ? O LYS A 40 N GLU A 32  ? N GLU A 32  
AA1 3 4 O ILE A 28 ? O ILE A 28 N TYR A 6   ? N TYR A 6   
AA1 4 5 N VAL A 7  ? N VAL A 7  O GLN A 56  ? O GLN A 56  
AA2 1 2 O SER A 90 ? O SER A 90 N LYS A 63  ? N LYS A 63  
AA2 2 3 N ARG A 66 ? N ARG A 66 O GLU A 116 ? O GLU A 116 
AA3 1 2 N ILE A 99 ? N ILE A 99 O ILE A 110 ? O ILE A 110 
# 
_struct_site.id                   AC1 
_struct_site.pdbx_evidence_code   Software 
_struct_site.pdbx_auth_asym_id    A 
_struct_site.pdbx_auth_comp_id    EPE 
_struct_site.pdbx_auth_seq_id     201 
_struct_site.pdbx_auth_ins_code   ? 
_struct_site.pdbx_num_residues    5 
_struct_site.details              'binding site for residue EPE A 201' 
# 
loop_
_struct_site_gen.id 
_struct_site_gen.site_id 
_struct_site_gen.pdbx_num_res 
_struct_site_gen.label_comp_id 
_struct_site_gen.label_asym_id 
_struct_site_gen.label_seq_id 
_struct_site_gen.pdbx_auth_ins_code 
_struct_site_gen.auth_comp_id 
_struct_site_gen.auth_asym_id 
_struct_site_gen.auth_seq_id 
_struct_site_gen.label_atom_id 
_struct_site_gen.label_alt_id 
_struct_site_gen.symmetry 
_struct_site_gen.details 
1 AC1 5 GLU A 18 ? GLU A 18 . ? 1_555 ? 
2 AC1 5 ASP A 19 ? ASP A 19 . ? 1_555 ? 
3 AC1 5 ASN A 35 ? ASN A 35 . ? 1_555 ? 
4 AC1 5 TRP A 38 ? TRP A 38 . ? 1_555 ? 
5 AC1 5 LYS A 83 ? LYS A 83 . ? 3_545 ? 
# 
loop_
_pdbx_validate_torsion.id 
_pdbx_validate_torsion.PDB_model_num 
_pdbx_validate_torsion.auth_comp_id 
_pdbx_validate_torsion.auth_asym_id 
_pdbx_validate_torsion.auth_seq_id 
_pdbx_validate_torsion.PDB_ins_code 
_pdbx_validate_torsion.label_alt_id 
_pdbx_validate_torsion.phi 
_pdbx_validate_torsion.psi 
1 1 GLN A 44 ? ? 44.78 -117.42 
2 1 ASN A 85 ? ? 78.02 -4.40   
# 
loop_
_pdbx_unobs_or_zero_occ_residues.id 
_pdbx_unobs_or_zero_occ_residues.PDB_model_num 
_pdbx_unobs_or_zero_occ_residues.polymer_flag 
_pdbx_unobs_or_zero_occ_residues.occupancy_flag 
_pdbx_unobs_or_zero_occ_residues.auth_asym_id 
_pdbx_unobs_or_zero_occ_residues.auth_comp_id 
_pdbx_unobs_or_zero_occ_residues.auth_seq_id 
_pdbx_unobs_or_zero_occ_residues.PDB_ins_code 
_pdbx_unobs_or_zero_occ_residues.label_asym_id 
_pdbx_unobs_or_zero_occ_residues.label_comp_id 
_pdbx_unobs_or_zero_occ_residues.label_seq_id 
1 1 Y 1 A SER 1 ? A SER 1 
2 1 Y 1 A ASN 2 ? A ASN 2 
3 1 Y 1 A ALA 3 ? A ALA 3 
# 
loop_
_chem_comp_atom.comp_id 
_chem_comp_atom.atom_id 
_chem_comp_atom.type_symbol 
_chem_comp_atom.pdbx_aromatic_flag 
_chem_comp_atom.pdbx_stereo_config 
_chem_comp_atom.pdbx_ordinal 
ALA N    N N N 1   
ALA CA   C N S 2   
ALA C    C N N 3   
ALA O    O N N 4   
ALA CB   C N N 5   
ALA OXT  O N N 6   
ALA H    H N N 7   
ALA H2   H N N 8   
ALA HA   H N N 9   
ALA HB1  H N N 10  
ALA HB2  H N N 11  
ALA HB3  H N N 12  
ALA HXT  H N N 13  
ARG N    N N N 14  
ARG CA   C N S 15  
ARG C    C N N 16  
ARG O    O N N 17  
ARG CB   C N N 18  
ARG CG   C N N 19  
ARG CD   C N N 20  
ARG NE   N N N 21  
ARG CZ   C N N 22  
ARG NH1  N N N 23  
ARG NH2  N N N 24  
ARG OXT  O N N 25  
ARG H    H N N 26  
ARG H2   H N N 27  
ARG HA   H N N 28  
ARG HB2  H N N 29  
ARG HB3  H N N 30  
ARG HG2  H N N 31  
ARG HG3  H N N 32  
ARG HD2  H N N 33  
ARG HD3  H N N 34  
ARG HE   H N N 35  
ARG HH11 H N N 36  
ARG HH12 H N N 37  
ARG HH21 H N N 38  
ARG HH22 H N N 39  
ARG HXT  H N N 40  
ASN N    N N N 41  
ASN CA   C N S 42  
ASN C    C N N 43  
ASN O    O N N 44  
ASN CB   C N N 45  
ASN CG   C N N 46  
ASN OD1  O N N 47  
ASN ND2  N N N 48  
ASN OXT  O N N 49  
ASN H    H N N 50  
ASN H2   H N N 51  
ASN HA   H N N 52  
ASN HB2  H N N 53  
ASN HB3  H N N 54  
ASN HD21 H N N 55  
ASN HD22 H N N 56  
ASN HXT  H N N 57  
ASP N    N N N 58  
ASP CA   C N S 59  
ASP C    C N N 60  
ASP O    O N N 61  
ASP CB   C N N 62  
ASP CG   C N N 63  
ASP OD1  O N N 64  
ASP OD2  O N N 65  
ASP OXT  O N N 66  
ASP H    H N N 67  
ASP H2   H N N 68  
ASP HA   H N N 69  
ASP HB2  H N N 70  
ASP HB3  H N N 71  
ASP HD2  H N N 72  
ASP HXT  H N N 73  
CYS N    N N N 74  
CYS CA   C N R 75  
CYS C    C N N 76  
CYS O    O N N 77  
CYS CB   C N N 78  
CYS SG   S N N 79  
CYS OXT  O N N 80  
CYS H    H N N 81  
CYS H2   H N N 82  
CYS HA   H N N 83  
CYS HB2  H N N 84  
CYS HB3  H N N 85  
CYS HG   H N N 86  
CYS HXT  H N N 87  
EPE N1   N N N 88  
EPE C2   C N N 89  
EPE C3   C N N 90  
EPE N4   N N N 91  
EPE C5   C N N 92  
EPE C6   C N N 93  
EPE C7   C N N 94  
EPE C8   C N N 95  
EPE O8   O N N 96  
EPE C9   C N N 97  
EPE C10  C N N 98  
EPE S    S N N 99  
EPE O1S  O N N 100 
EPE O2S  O N N 101 
EPE O3S  O N N 102 
EPE H21  H N N 103 
EPE H22  H N N 104 
EPE H31  H N N 105 
EPE H32  H N N 106 
EPE H51  H N N 107 
EPE H52  H N N 108 
EPE H61  H N N 109 
EPE H62  H N N 110 
EPE H71  H N N 111 
EPE H72  H N N 112 
EPE H81  H N N 113 
EPE H82  H N N 114 
EPE HO8  H N N 115 
EPE H91  H N N 116 
EPE H92  H N N 117 
EPE H101 H N N 118 
EPE H102 H N N 119 
EPE HOS3 H N N 120 
GLN N    N N N 121 
GLN CA   C N S 122 
GLN C    C N N 123 
GLN O    O N N 124 
GLN CB   C N N 125 
GLN CG   C N N 126 
GLN CD   C N N 127 
GLN OE1  O N N 128 
GLN NE2  N N N 129 
GLN OXT  O N N 130 
GLN H    H N N 131 
GLN H2   H N N 132 
GLN HA   H N N 133 
GLN HB2  H N N 134 
GLN HB3  H N N 135 
GLN HG2  H N N 136 
GLN HG3  H N N 137 
GLN HE21 H N N 138 
GLN HE22 H N N 139 
GLN HXT  H N N 140 
GLU N    N N N 141 
GLU CA   C N S 142 
GLU C    C N N 143 
GLU O    O N N 144 
GLU CB   C N N 145 
GLU CG   C N N 146 
GLU CD   C N N 147 
GLU OE1  O N N 148 
GLU OE2  O N N 149 
GLU OXT  O N N 150 
GLU H    H N N 151 
GLU H2   H N N 152 
GLU HA   H N N 153 
GLU HB2  H N N 154 
GLU HB3  H N N 155 
GLU HG2  H N N 156 
GLU HG3  H N N 157 
GLU HE2  H N N 158 
GLU HXT  H N N 159 
GLY N    N N N 160 
GLY CA   C N N 161 
GLY C    C N N 162 
GLY O    O N N 163 
GLY OXT  O N N 164 
GLY H    H N N 165 
GLY H2   H N N 166 
GLY HA2  H N N 167 
GLY HA3  H N N 168 
GLY HXT  H N N 169 
HOH O    O N N 170 
HOH H1   H N N 171 
HOH H2   H N N 172 
ILE N    N N N 173 
ILE CA   C N S 174 
ILE C    C N N 175 
ILE O    O N N 176 
ILE CB   C N S 177 
ILE CG1  C N N 178 
ILE CG2  C N N 179 
ILE CD1  C N N 180 
ILE OXT  O N N 181 
ILE H    H N N 182 
ILE H2   H N N 183 
ILE HA   H N N 184 
ILE HB   H N N 185 
ILE HG12 H N N 186 
ILE HG13 H N N 187 
ILE HG21 H N N 188 
ILE HG22 H N N 189 
ILE HG23 H N N 190 
ILE HD11 H N N 191 
ILE HD12 H N N 192 
ILE HD13 H N N 193 
ILE HXT  H N N 194 
LEU N    N N N 195 
LEU CA   C N S 196 
LEU C    C N N 197 
LEU O    O N N 198 
LEU CB   C N N 199 
LEU CG   C N N 200 
LEU CD1  C N N 201 
LEU CD2  C N N 202 
LEU OXT  O N N 203 
LEU H    H N N 204 
LEU H2   H N N 205 
LEU HA   H N N 206 
LEU HB2  H N N 207 
LEU HB3  H N N 208 
LEU HG   H N N 209 
LEU HD11 H N N 210 
LEU HD12 H N N 211 
LEU HD13 H N N 212 
LEU HD21 H N N 213 
LEU HD22 H N N 214 
LEU HD23 H N N 215 
LEU HXT  H N N 216 
LYS N    N N N 217 
LYS CA   C N S 218 
LYS C    C N N 219 
LYS O    O N N 220 
LYS CB   C N N 221 
LYS CG   C N N 222 
LYS CD   C N N 223 
LYS CE   C N N 224 
LYS NZ   N N N 225 
LYS OXT  O N N 226 
LYS H    H N N 227 
LYS H2   H N N 228 
LYS HA   H N N 229 
LYS HB2  H N N 230 
LYS HB3  H N N 231 
LYS HG2  H N N 232 
LYS HG3  H N N 233 
LYS HD2  H N N 234 
LYS HD3  H N N 235 
LYS HE2  H N N 236 
LYS HE3  H N N 237 
LYS HZ1  H N N 238 
LYS HZ2  H N N 239 
LYS HZ3  H N N 240 
LYS HXT  H N N 241 
MET N    N N N 242 
MET CA   C N S 243 
MET C    C N N 244 
MET O    O N N 245 
MET CB   C N N 246 
MET CG   C N N 247 
MET SD   S N N 248 
MET CE   C N N 249 
MET OXT  O N N 250 
MET H    H N N 251 
MET H2   H N N 252 
MET HA   H N N 253 
MET HB2  H N N 254 
MET HB3  H N N 255 
MET HG2  H N N 256 
MET HG3  H N N 257 
MET HE1  H N N 258 
MET HE2  H N N 259 
MET HE3  H N N 260 
MET HXT  H N N 261 
PHE N    N N N 262 
PHE CA   C N S 263 
PHE C    C N N 264 
PHE O    O N N 265 
PHE CB   C N N 266 
PHE CG   C Y N 267 
PHE CD1  C Y N 268 
PHE CD2  C Y N 269 
PHE CE1  C Y N 270 
PHE CE2  C Y N 271 
PHE CZ   C Y N 272 
PHE OXT  O N N 273 
PHE H    H N N 274 
PHE H2   H N N 275 
PHE HA   H N N 276 
PHE HB2  H N N 277 
PHE HB3  H N N 278 
PHE HD1  H N N 279 
PHE HD2  H N N 280 
PHE HE1  H N N 281 
PHE HE2  H N N 282 
PHE HZ   H N N 283 
PHE HXT  H N N 284 
PRO N    N N N 285 
PRO CA   C N S 286 
PRO C    C N N 287 
PRO O    O N N 288 
PRO CB   C N N 289 
PRO CG   C N N 290 
PRO CD   C N N 291 
PRO OXT  O N N 292 
PRO H    H N N 293 
PRO HA   H N N 294 
PRO HB2  H N N 295 
PRO HB3  H N N 296 
PRO HG2  H N N 297 
PRO HG3  H N N 298 
PRO HD2  H N N 299 
PRO HD3  H N N 300 
PRO HXT  H N N 301 
SER N    N N N 302 
SER CA   C N S 303 
SER C    C N N 304 
SER O    O N N 305 
SER CB   C N N 306 
SER OG   O N N 307 
SER OXT  O N N 308 
SER H    H N N 309 
SER H2   H N N 310 
SER HA   H N N 311 
SER HB2  H N N 312 
SER HB3  H N N 313 
SER HG   H N N 314 
SER HXT  H N N 315 
THR N    N N N 316 
THR CA   C N S 317 
THR C    C N N 318 
THR O    O N N 319 
THR CB   C N R 320 
THR OG1  O N N 321 
THR CG2  C N N 322 
THR OXT  O N N 323 
THR H    H N N 324 
THR H2   H N N 325 
THR HA   H N N 326 
THR HB   H N N 327 
THR HG1  H N N 328 
THR HG21 H N N 329 
THR HG22 H N N 330 
THR HG23 H N N 331 
THR HXT  H N N 332 
TRP N    N N N 333 
TRP CA   C N S 334 
TRP C    C N N 335 
TRP O    O N N 336 
TRP CB   C N N 337 
TRP CG   C Y N 338 
TRP CD1  C Y N 339 
TRP CD2  C Y N 340 
TRP NE1  N Y N 341 
TRP CE2  C Y N 342 
TRP CE3  C Y N 343 
TRP CZ2  C Y N 344 
TRP CZ3  C Y N 345 
TRP CH2  C Y N 346 
TRP OXT  O N N 347 
TRP H    H N N 348 
TRP H2   H N N 349 
TRP HA   H N N 350 
TRP HB2  H N N 351 
TRP HB3  H N N 352 
TRP HD1  H N N 353 
TRP HE1  H N N 354 
TRP HE3  H N N 355 
TRP HZ2  H N N 356 
TRP HZ3  H N N 357 
TRP HH2  H N N 358 
TRP HXT  H N N 359 
TYR N    N N N 360 
TYR CA   C N S 361 
TYR C    C N N 362 
TYR O    O N N 363 
TYR CB   C N N 364 
TYR CG   C Y N 365 
TYR CD1  C Y N 366 
TYR CD2  C Y N 367 
TYR CE1  C Y N 368 
TYR CE2  C Y N 369 
TYR CZ   C Y N 370 
TYR OH   O N N 371 
TYR OXT  O N N 372 
TYR H    H N N 373 
TYR H2   H N N 374 
TYR HA   H N N 375 
TYR HB2  H N N 376 
TYR HB3  H N N 377 
TYR HD1  H N N 378 
TYR HD2  H N N 379 
TYR HE1  H N N 380 
TYR HE2  H N N 381 
TYR HH   H N N 382 
TYR HXT  H N N 383 
VAL N    N N N 384 
VAL CA   C N S 385 
VAL C    C N N 386 
VAL O    O N N 387 
VAL CB   C N N 388 
VAL CG1  C N N 389 
VAL CG2  C N N 390 
VAL OXT  O N N 391 
VAL H    H N N 392 
VAL H2   H N N 393 
VAL HA   H N N 394 
VAL HB   H N N 395 
VAL HG11 H N N 396 
VAL HG12 H N N 397 
VAL HG13 H N N 398 
VAL HG21 H N N 399 
VAL HG22 H N N 400 
VAL HG23 H N N 401 
VAL HXT  H N N 402 
# 
loop_
_chem_comp_bond.comp_id 
_chem_comp_bond.atom_id_1 
_chem_comp_bond.atom_id_2 
_chem_comp_bond.value_order 
_chem_comp_bond.pdbx_aromatic_flag 
_chem_comp_bond.pdbx_stereo_config 
_chem_comp_bond.pdbx_ordinal 
ALA N   CA   sing N N 1   
ALA N   H    sing N N 2   
ALA N   H2   sing N N 3   
ALA CA  C    sing N N 4   
ALA CA  CB   sing N N 5   
ALA CA  HA   sing N N 6   
ALA C   O    doub N N 7   
ALA C   OXT  sing N N 8   
ALA CB  HB1  sing N N 9   
ALA CB  HB2  sing N N 10  
ALA CB  HB3  sing N N 11  
ALA OXT HXT  sing N N 12  
ARG N   CA   sing N N 13  
ARG N   H    sing N N 14  
ARG N   H2   sing N N 15  
ARG CA  C    sing N N 16  
ARG CA  CB   sing N N 17  
ARG CA  HA   sing N N 18  
ARG C   O    doub N N 19  
ARG C   OXT  sing N N 20  
ARG CB  CG   sing N N 21  
ARG CB  HB2  sing N N 22  
ARG CB  HB3  sing N N 23  
ARG CG  CD   sing N N 24  
ARG CG  HG2  sing N N 25  
ARG CG  HG3  sing N N 26  
ARG CD  NE   sing N N 27  
ARG CD  HD2  sing N N 28  
ARG CD  HD3  sing N N 29  
ARG NE  CZ   sing N N 30  
ARG NE  HE   sing N N 31  
ARG CZ  NH1  sing N N 32  
ARG CZ  NH2  doub N N 33  
ARG NH1 HH11 sing N N 34  
ARG NH1 HH12 sing N N 35  
ARG NH2 HH21 sing N N 36  
ARG NH2 HH22 sing N N 37  
ARG OXT HXT  sing N N 38  
ASN N   CA   sing N N 39  
ASN N   H    sing N N 40  
ASN N   H2   sing N N 41  
ASN CA  C    sing N N 42  
ASN CA  CB   sing N N 43  
ASN CA  HA   sing N N 44  
ASN C   O    doub N N 45  
ASN C   OXT  sing N N 46  
ASN CB  CG   sing N N 47  
ASN CB  HB2  sing N N 48  
ASN CB  HB3  sing N N 49  
ASN CG  OD1  doub N N 50  
ASN CG  ND2  sing N N 51  
ASN ND2 HD21 sing N N 52  
ASN ND2 HD22 sing N N 53  
ASN OXT HXT  sing N N 54  
ASP N   CA   sing N N 55  
ASP N   H    sing N N 56  
ASP N   H2   sing N N 57  
ASP CA  C    sing N N 58  
ASP CA  CB   sing N N 59  
ASP CA  HA   sing N N 60  
ASP C   O    doub N N 61  
ASP C   OXT  sing N N 62  
ASP CB  CG   sing N N 63  
ASP CB  HB2  sing N N 64  
ASP CB  HB3  sing N N 65  
ASP CG  OD1  doub N N 66  
ASP CG  OD2  sing N N 67  
ASP OD2 HD2  sing N N 68  
ASP OXT HXT  sing N N 69  
CYS N   CA   sing N N 70  
CYS N   H    sing N N 71  
CYS N   H2   sing N N 72  
CYS CA  C    sing N N 73  
CYS CA  CB   sing N N 74  
CYS CA  HA   sing N N 75  
CYS C   O    doub N N 76  
CYS C   OXT  sing N N 77  
CYS CB  SG   sing N N 78  
CYS CB  HB2  sing N N 79  
CYS CB  HB3  sing N N 80  
CYS SG  HG   sing N N 81  
CYS OXT HXT  sing N N 82  
EPE N1  C2   sing N N 83  
EPE N1  C6   sing N N 84  
EPE N1  C9   sing N N 85  
EPE C2  C3   sing N N 86  
EPE C2  H21  sing N N 87  
EPE C2  H22  sing N N 88  
EPE C3  N4   sing N N 89  
EPE C3  H31  sing N N 90  
EPE C3  H32  sing N N 91  
EPE N4  C5   sing N N 92  
EPE N4  C7   sing N N 93  
EPE C5  C6   sing N N 94  
EPE C5  H51  sing N N 95  
EPE C5  H52  sing N N 96  
EPE C6  H61  sing N N 97  
EPE C6  H62  sing N N 98  
EPE C7  C8   sing N N 99  
EPE C7  H71  sing N N 100 
EPE C7  H72  sing N N 101 
EPE C8  O8   sing N N 102 
EPE C8  H81  sing N N 103 
EPE C8  H82  sing N N 104 
EPE O8  HO8  sing N N 105 
EPE C9  C10  sing N N 106 
EPE C9  H91  sing N N 107 
EPE C9  H92  sing N N 108 
EPE C10 S    sing N N 109 
EPE C10 H101 sing N N 110 
EPE C10 H102 sing N N 111 
EPE S   O1S  doub N N 112 
EPE S   O2S  doub N N 113 
EPE S   O3S  sing N N 114 
EPE O3S HOS3 sing N N 115 
GLN N   CA   sing N N 116 
GLN N   H    sing N N 117 
GLN N   H2   sing N N 118 
GLN CA  C    sing N N 119 
GLN CA  CB   sing N N 120 
GLN CA  HA   sing N N 121 
GLN C   O    doub N N 122 
GLN C   OXT  sing N N 123 
GLN CB  CG   sing N N 124 
GLN CB  HB2  sing N N 125 
GLN CB  HB3  sing N N 126 
GLN CG  CD   sing N N 127 
GLN CG  HG2  sing N N 128 
GLN CG  HG3  sing N N 129 
GLN CD  OE1  doub N N 130 
GLN CD  NE2  sing N N 131 
GLN NE2 HE21 sing N N 132 
GLN NE2 HE22 sing N N 133 
GLN OXT HXT  sing N N 134 
GLU N   CA   sing N N 135 
GLU N   H    sing N N 136 
GLU N   H2   sing N N 137 
GLU CA  C    sing N N 138 
GLU CA  CB   sing N N 139 
GLU CA  HA   sing N N 140 
GLU C   O    doub N N 141 
GLU C   OXT  sing N N 142 
GLU CB  CG   sing N N 143 
GLU CB  HB2  sing N N 144 
GLU CB  HB3  sing N N 145 
GLU CG  CD   sing N N 146 
GLU CG  HG2  sing N N 147 
GLU CG  HG3  sing N N 148 
GLU CD  OE1  doub N N 149 
GLU CD  OE2  sing N N 150 
GLU OE2 HE2  sing N N 151 
GLU OXT HXT  sing N N 152 
GLY N   CA   sing N N 153 
GLY N   H    sing N N 154 
GLY N   H2   sing N N 155 
GLY CA  C    sing N N 156 
GLY CA  HA2  sing N N 157 
GLY CA  HA3  sing N N 158 
GLY C   O    doub N N 159 
GLY C   OXT  sing N N 160 
GLY OXT HXT  sing N N 161 
HOH O   H1   sing N N 162 
HOH O   H2   sing N N 163 
ILE N   CA   sing N N 164 
ILE N   H    sing N N 165 
ILE N   H2   sing N N 166 
ILE CA  C    sing N N 167 
ILE CA  CB   sing N N 168 
ILE CA  HA   sing N N 169 
ILE C   O    doub N N 170 
ILE C   OXT  sing N N 171 
ILE CB  CG1  sing N N 172 
ILE CB  CG2  sing N N 173 
ILE CB  HB   sing N N 174 
ILE CG1 CD1  sing N N 175 
ILE CG1 HG12 sing N N 176 
ILE CG1 HG13 sing N N 177 
ILE CG2 HG21 sing N N 178 
ILE CG2 HG22 sing N N 179 
ILE CG2 HG23 sing N N 180 
ILE CD1 HD11 sing N N 181 
ILE CD1 HD12 sing N N 182 
ILE CD1 HD13 sing N N 183 
ILE OXT HXT  sing N N 184 
LEU N   CA   sing N N 185 
LEU N   H    sing N N 186 
LEU N   H2   sing N N 187 
LEU CA  C    sing N N 188 
LEU CA  CB   sing N N 189 
LEU CA  HA   sing N N 190 
LEU C   O    doub N N 191 
LEU C   OXT  sing N N 192 
LEU CB  CG   sing N N 193 
LEU CB  HB2  sing N N 194 
LEU CB  HB3  sing N N 195 
LEU CG  CD1  sing N N 196 
LEU CG  CD2  sing N N 197 
LEU CG  HG   sing N N 198 
LEU CD1 HD11 sing N N 199 
LEU CD1 HD12 sing N N 200 
LEU CD1 HD13 sing N N 201 
LEU CD2 HD21 sing N N 202 
LEU CD2 HD22 sing N N 203 
LEU CD2 HD23 sing N N 204 
LEU OXT HXT  sing N N 205 
LYS N   CA   sing N N 206 
LYS N   H    sing N N 207 
LYS N   H2   sing N N 208 
LYS CA  C    sing N N 209 
LYS CA  CB   sing N N 210 
LYS CA  HA   sing N N 211 
LYS C   O    doub N N 212 
LYS C   OXT  sing N N 213 
LYS CB  CG   sing N N 214 
LYS CB  HB2  sing N N 215 
LYS CB  HB3  sing N N 216 
LYS CG  CD   sing N N 217 
LYS CG  HG2  sing N N 218 
LYS CG  HG3  sing N N 219 
LYS CD  CE   sing N N 220 
LYS CD  HD2  sing N N 221 
LYS CD  HD3  sing N N 222 
LYS CE  NZ   sing N N 223 
LYS CE  HE2  sing N N 224 
LYS CE  HE3  sing N N 225 
LYS NZ  HZ1  sing N N 226 
LYS NZ  HZ2  sing N N 227 
LYS NZ  HZ3  sing N N 228 
LYS OXT HXT  sing N N 229 
MET N   CA   sing N N 230 
MET N   H    sing N N 231 
MET N   H2   sing N N 232 
MET CA  C    sing N N 233 
MET CA  CB   sing N N 234 
MET CA  HA   sing N N 235 
MET C   O    doub N N 236 
MET C   OXT  sing N N 237 
MET CB  CG   sing N N 238 
MET CB  HB2  sing N N 239 
MET CB  HB3  sing N N 240 
MET CG  SD   sing N N 241 
MET CG  HG2  sing N N 242 
MET CG  HG3  sing N N 243 
MET SD  CE   sing N N 244 
MET CE  HE1  sing N N 245 
MET CE  HE2  sing N N 246 
MET CE  HE3  sing N N 247 
MET OXT HXT  sing N N 248 
PHE N   CA   sing N N 249 
PHE N   H    sing N N 250 
PHE N   H2   sing N N 251 
PHE CA  C    sing N N 252 
PHE CA  CB   sing N N 253 
PHE CA  HA   sing N N 254 
PHE C   O    doub N N 255 
PHE C   OXT  sing N N 256 
PHE CB  CG   sing N N 257 
PHE CB  HB2  sing N N 258 
PHE CB  HB3  sing N N 259 
PHE CG  CD1  doub Y N 260 
PHE CG  CD2  sing Y N 261 
PHE CD1 CE1  sing Y N 262 
PHE CD1 HD1  sing N N 263 
PHE CD2 CE2  doub Y N 264 
PHE CD2 HD2  sing N N 265 
PHE CE1 CZ   doub Y N 266 
PHE CE1 HE1  sing N N 267 
PHE CE2 CZ   sing Y N 268 
PHE CE2 HE2  sing N N 269 
PHE CZ  HZ   sing N N 270 
PHE OXT HXT  sing N N 271 
PRO N   CA   sing N N 272 
PRO N   CD   sing N N 273 
PRO N   H    sing N N 274 
PRO CA  C    sing N N 275 
PRO CA  CB   sing N N 276 
PRO CA  HA   sing N N 277 
PRO C   O    doub N N 278 
PRO C   OXT  sing N N 279 
PRO CB  CG   sing N N 280 
PRO CB  HB2  sing N N 281 
PRO CB  HB3  sing N N 282 
PRO CG  CD   sing N N 283 
PRO CG  HG2  sing N N 284 
PRO CG  HG3  sing N N 285 
PRO CD  HD2  sing N N 286 
PRO CD  HD3  sing N N 287 
PRO OXT HXT  sing N N 288 
SER N   CA   sing N N 289 
SER N   H    sing N N 290 
SER N   H2   sing N N 291 
SER CA  C    sing N N 292 
SER CA  CB   sing N N 293 
SER CA  HA   sing N N 294 
SER C   O    doub N N 295 
SER C   OXT  sing N N 296 
SER CB  OG   sing N N 297 
SER CB  HB2  sing N N 298 
SER CB  HB3  sing N N 299 
SER OG  HG   sing N N 300 
SER OXT HXT  sing N N 301 
THR N   CA   sing N N 302 
THR N   H    sing N N 303 
THR N   H2   sing N N 304 
THR CA  C    sing N N 305 
THR CA  CB   sing N N 306 
THR CA  HA   sing N N 307 
THR C   O    doub N N 308 
THR C   OXT  sing N N 309 
THR CB  OG1  sing N N 310 
THR CB  CG2  sing N N 311 
THR CB  HB   sing N N 312 
THR OG1 HG1  sing N N 313 
THR CG2 HG21 sing N N 314 
THR CG2 HG22 sing N N 315 
THR CG2 HG23 sing N N 316 
THR OXT HXT  sing N N 317 
TRP N   CA   sing N N 318 
TRP N   H    sing N N 319 
TRP N   H2   sing N N 320 
TRP CA  C    sing N N 321 
TRP CA  CB   sing N N 322 
TRP CA  HA   sing N N 323 
TRP C   O    doub N N 324 
TRP C   OXT  sing N N 325 
TRP CB  CG   sing N N 326 
TRP CB  HB2  sing N N 327 
TRP CB  HB3  sing N N 328 
TRP CG  CD1  doub Y N 329 
TRP CG  CD2  sing Y N 330 
TRP CD1 NE1  sing Y N 331 
TRP CD1 HD1  sing N N 332 
TRP CD2 CE2  doub Y N 333 
TRP CD2 CE3  sing Y N 334 
TRP NE1 CE2  sing Y N 335 
TRP NE1 HE1  sing N N 336 
TRP CE2 CZ2  sing Y N 337 
TRP CE3 CZ3  doub Y N 338 
TRP CE3 HE3  sing N N 339 
TRP CZ2 CH2  doub Y N 340 
TRP CZ2 HZ2  sing N N 341 
TRP CZ3 CH2  sing Y N 342 
TRP CZ3 HZ3  sing N N 343 
TRP CH2 HH2  sing N N 344 
TRP OXT HXT  sing N N 345 
TYR N   CA   sing N N 346 
TYR N   H    sing N N 347 
TYR N   H2   sing N N 348 
TYR CA  C    sing N N 349 
TYR CA  CB   sing N N 350 
TYR CA  HA   sing N N 351 
TYR C   O    doub N N 352 
TYR C   OXT  sing N N 353 
TYR CB  CG   sing N N 354 
TYR CB  HB2  sing N N 355 
TYR CB  HB3  sing N N 356 
TYR CG  CD1  doub Y N 357 
TYR CG  CD2  sing Y N 358 
TYR CD1 CE1  sing Y N 359 
TYR CD1 HD1  sing N N 360 
TYR CD2 CE2  doub Y N 361 
TYR CD2 HD2  sing N N 362 
TYR CE1 CZ   doub Y N 363 
TYR CE1 HE1  sing N N 364 
TYR CE2 CZ   sing Y N 365 
TYR CE2 HE2  sing N N 366 
TYR CZ  OH   sing N N 367 
TYR OH  HH   sing N N 368 
TYR OXT HXT  sing N N 369 
VAL N   CA   sing N N 370 
VAL N   H    sing N N 371 
VAL N   H2   sing N N 372 
VAL CA  C    sing N N 373 
VAL CA  CB   sing N N 374 
VAL CA  HA   sing N N 375 
VAL C   O    doub N N 376 
VAL C   OXT  sing N N 377 
VAL CB  CG1  sing N N 378 
VAL CB  CG2  sing N N 379 
VAL CB  HB   sing N N 380 
VAL CG1 HG11 sing N N 381 
VAL CG1 HG12 sing N N 382 
VAL CG1 HG13 sing N N 383 
VAL CG2 HG21 sing N N 384 
VAL CG2 HG22 sing N N 385 
VAL CG2 HG23 sing N N 386 
VAL OXT HXT  sing N N 387 
# 
_pdbx_audit_support.funding_organization   'Canadian Institutes of Health Research (CIHR)' 
_pdbx_audit_support.country                Canada 
_pdbx_audit_support.grant_number           MOP-119608 
_pdbx_audit_support.ordinal                1 
# 
_atom_sites.entry_id                    6B25 
_atom_sites.fract_transf_matrix[1][1]   -0.01542046 
_atom_sites.fract_transf_matrix[1][2]   -0.02918008 
_atom_sites.fract_transf_matrix[1][3]   -0.01016172 
_atom_sites.fract_transf_matrix[2][1]   0.01598587 
_atom_sites.fract_transf_matrix[2][2]   -0.00077696 
_atom_sites.fract_transf_matrix[2][3]   -0.02202753 
_atom_sites.fract_transf_matrix[3][1]   0.00597488 
_atom_sites.fract_transf_matrix[3][2]   -0.00472553 
_atom_sites.fract_transf_matrix[3][3]   0.00450278 
_atom_sites.fract_transf_vector[1]      0.140754 
_atom_sites.fract_transf_vector[2]      0.941765 
_atom_sites.fract_transf_vector[3]      0.130360 
# 
loop_
_atom_type.symbol 
C 
N 
O 
S 
# 
loop_
_atom_site.group_PDB 
_atom_site.id 
_atom_site.type_symbol 
_atom_site.label_atom_id 
_atom_site.label_alt_id 
_atom_site.label_comp_id 
_atom_site.label_asym_id 
_atom_site.label_entity_id 
_atom_site.label_seq_id 
_atom_site.pdbx_PDB_ins_code 
_atom_site.Cartn_x 
_atom_site.Cartn_y 
_atom_site.Cartn_z 
_atom_site.occupancy 
_atom_site.B_iso_or_equiv 
_atom_site.pdbx_formal_charge 
_atom_site.auth_seq_id 
_atom_site.auth_comp_id 
_atom_site.auth_asym_id 
_atom_site.auth_atom_id 
_atom_site.pdbx_PDB_model_num 
ATOM   1   N N   . ASN A 1 4   ? -4.337  8.948   11.911  1.00 33.40 ? 4   ASN A N   1 
ATOM   2   C CA  . ASN A 1 4   ? -3.174  8.917   10.973  1.00 35.68 ? 4   ASN A CA  1 
ATOM   3   C C   . ASN A 1 4   ? -2.965  7.434   10.579  1.00 34.31 ? 4   ASN A C   1 
ATOM   4   O O   . ASN A 1 4   ? -2.473  6.639   11.372  1.00 31.35 ? 4   ASN A O   1 
ATOM   5   C CB  . ASN A 1 4   ? -1.936  9.562   11.628  1.00 39.13 ? 4   ASN A CB  1 
ATOM   6   C CG  . ASN A 1 4   ? -1.164  10.492  10.674  1.00 45.08 ? 4   ASN A CG  1 
ATOM   7   O OD1 . ASN A 1 4   ? -1.556  11.645  10.450  1.00 46.30 ? 4   ASN A OD1 1 
ATOM   8   N ND2 . ASN A 1 4   ? -0.047  10.008  10.139  1.00 48.95 ? 4   ASN A ND2 1 
ATOM   9   N N   . THR A 1 5   ? -3.439  7.056   9.393   1.00 32.62 ? 5   THR A N   1 
ATOM   10  C CA  . THR A 1 5   ? -3.444  5.661   8.976   1.00 32.68 ? 5   THR A CA  1 
ATOM   11  C C   . THR A 1 5   ? -2.455  5.391   7.832   1.00 30.65 ? 5   THR A C   1 
ATOM   12  O O   . THR A 1 5   ? -2.083  6.303   7.080   1.00 27.20 ? 5   THR A O   1 
ATOM   13  C CB  . THR A 1 5   ? -4.879  5.157   8.641   1.00 33.22 ? 5   THR A CB  1 
ATOM   14  O OG1 . THR A 1 5   ? -5.394  5.846   7.511   1.00 33.97 ? 5   THR A OG1 1 
ATOM   15  C CG2 . THR A 1 5   ? -5.822  5.402   9.802   1.00 34.03 ? 5   THR A CG2 1 
ATOM   16  N N   . TYR A 1 6   ? -1.994  4.136   7.762   1.00 29.34 ? 6   TYR A N   1 
ATOM   17  C CA  . TYR A 1 6   ? -1.063  3.689   6.721   1.00 28.10 ? 6   TYR A CA  1 
ATOM   18  C C   . TYR A 1 6   ? -1.514  2.382   6.118   1.00 27.31 ? 6   TYR A C   1 
ATOM   19  O O   . TYR A 1 6   ? -2.348  1.667   6.702   1.00 27.71 ? 6   TYR A O   1 
ATOM   20  C CB  . TYR A 1 6   ? 0.362   3.543   7.264   1.00 28.93 ? 6   TYR A CB  1 
ATOM   21  C CG  . TYR A 1 6   ? 0.941   4.856   7.703   1.00 29.27 ? 6   TYR A CG  1 
ATOM   22  C CD1 . TYR A 1 6   ? 0.597   5.403   8.948   1.00 29.83 ? 6   TYR A CD1 1 
ATOM   23  C CD2 . TYR A 1 6   ? 1.790   5.577   6.879   1.00 29.20 ? 6   TYR A CD2 1 
ATOM   24  C CE1 . TYR A 1 6   ? 1.085   6.634   9.352   1.00 29.78 ? 6   TYR A CE1 1 
ATOM   25  C CE2 . TYR A 1 6   ? 2.282   6.824   7.276   1.00 30.28 ? 6   TYR A CE2 1 
ATOM   26  C CZ  . TYR A 1 6   ? 1.922   7.328   8.527   1.00 28.93 ? 6   TYR A CZ  1 
ATOM   27  O OH  . TYR A 1 6   ? 2.378   8.511   8.961   1.00 28.77 ? 6   TYR A OH  1 
ATOM   28  N N   . VAL A 1 7   ? -0.985  2.088   4.933   1.00 24.43 ? 7   VAL A N   1 
ATOM   29  C CA  . VAL A 1 7   ? -1.232  0.817   4.271   1.00 25.01 ? 7   VAL A CA  1 
ATOM   30  C C   . VAL A 1 7   ? 0.100   0.054   4.166   1.00 24.51 ? 7   VAL A C   1 
ATOM   31  O O   . VAL A 1 7   ? 1.121   0.624   3.769   1.00 24.10 ? 7   VAL A O   1 
ATOM   32  C CB  . VAL A 1 7   ? -1.959  0.984   2.886   1.00 25.09 ? 7   VAL A CB  1 
ATOM   33  C CG1 . VAL A 1 7   ? -1.083  1.657   1.834   1.00 25.18 ? 7   VAL A CG1 1 
ATOM   34  C CG2 . VAL A 1 7   ? -2.442  -0.356  2.349   1.00 24.07 ? 7   VAL A CG2 1 
ATOM   35  N N   . ALA A 1 8   ? 0.090   -1.228  4.544   1.00 24.55 ? 8   ALA A N   1 
ATOM   36  C CA  . ALA A 1 8   ? 1.271   -2.089  4.361   1.00 24.48 ? 8   ALA A CA  1 
ATOM   37  C C   . ALA A 1 8   ? 1.457   -2.436  2.898   1.00 23.32 ? 8   ALA A C   1 
ATOM   38  O O   . ALA A 1 8   ? 0.544   -2.975  2.256   1.00 21.11 ? 8   ALA A O   1 
ATOM   39  C CB  . ALA A 1 8   ? 1.160   -3.358  5.176   1.00 25.39 ? 8   ALA A CB  1 
ATOM   40  N N   . LEU A 1 9   ? 2.647   -2.116  2.388   1.00 23.02 ? 9   LEU A N   1 
ATOM   41  C CA  . LEU A 1 9   ? 3.059   -2.512  1.037   1.00 24.44 ? 9   LEU A CA  1 
ATOM   42  C C   . LEU A 1 9   ? 3.745   -3.881  0.978   1.00 23.80 ? 9   LEU A C   1 
ATOM   43  O O   . LEU A 1 9   ? 3.727   -4.544  -0.059  1.00 25.71 ? 9   LEU A O   1 
ATOM   44  C CB  . LEU A 1 9   ? 3.962   -1.428  0.406   1.00 24.78 ? 9   LEU A CB  1 
ATOM   45  C CG  . LEU A 1 9   ? 3.345   -0.020  0.358   1.00 24.44 ? 9   LEU A CG  1 
ATOM   46  C CD1 . LEU A 1 9   ? 4.369   0.952   -0.187  1.00 24.85 ? 9   LEU A CD1 1 
ATOM   47  C CD2 . LEU A 1 9   ? 2.058   0.011   -0.459  1.00 24.74 ? 9   LEU A CD2 1 
ATOM   48  N N   . TYR A 1 10  ? 4.371   -4.273  2.079   1.00 24.23 ? 10  TYR A N   1 
ATOM   49  C CA  . TYR A 1 10  ? 5.095   -5.528  2.187   1.00 23.59 ? 10  TYR A CA  1 
ATOM   50  C C   . TYR A 1 10  ? 4.697   -6.201  3.489   1.00 24.05 ? 10  TYR A C   1 
ATOM   51  O O   . TYR A 1 10  ? 4.301   -5.527  4.443   1.00 21.65 ? 10  TYR A O   1 
ATOM   52  C CB  . TYR A 1 10  ? 6.603   -5.266  2.151   1.00 23.72 ? 10  TYR A CB  1 
ATOM   53  C CG  . TYR A 1 10  ? 7.034   -4.698  0.823   1.00 24.31 ? 10  TYR A CG  1 
ATOM   54  C CD1 . TYR A 1 10  ? 7.326   -5.538  -0.258  1.00 24.21 ? 10  TYR A CD1 1 
ATOM   55  C CD2 . TYR A 1 10  ? 7.094   -3.319  0.627   1.00 23.55 ? 10  TYR A CD2 1 
ATOM   56  C CE1 . TYR A 1 10  ? 7.667   -5.007  -1.487  1.00 25.09 ? 10  TYR A CE1 1 
ATOM   57  C CE2 . TYR A 1 10  ? 7.440   -2.782  -0.594  1.00 23.28 ? 10  TYR A CE2 1 
ATOM   58  C CZ  . TYR A 1 10  ? 7.737   -3.620  -1.637  1.00 25.21 ? 10  TYR A CZ  1 
ATOM   59  O OH  . TYR A 1 10  ? 8.098   -3.078  -2.840  1.00 28.20 ? 10  TYR A OH  1 
ATOM   60  N N   . LYS A 1 11  ? 4.796   -7.531  3.507   1.00 25.64 ? 11  LYS A N   1 
ATOM   61  C CA  . LYS A 1 11  ? 4.591   -8.297  4.720   1.00 26.62 ? 11  LYS A CA  1 
ATOM   62  C C   . LYS A 1 11  ? 5.753   -8.072  5.691   1.00 25.20 ? 11  LYS A C   1 
ATOM   63  O O   . LYS A 1 11  ? 6.866   -7.660  5.305   1.00 23.93 ? 11  LYS A O   1 
ATOM   64  C CB  . LYS A 1 11  ? 4.398   -9.793  4.440   1.00 28.55 ? 11  LYS A CB  1 
ATOM   65  C CG  . LYS A 1 11  ? 5.649   -10.541 4.044   1.00 31.81 ? 11  LYS A CG  1 
ATOM   66  C CD  . LYS A 1 11  ? 5.405   -12.026 3.828   1.00 34.24 ? 11  LYS A CD  1 
ATOM   67  C CE  . LYS A 1 11  ? 6.742   -12.754 3.731   1.00 37.34 ? 11  LYS A CE  1 
ATOM   68  N NZ  . LYS A 1 11  ? 6.610   -14.008 2.942   1.00 42.25 ? 11  LYS A NZ  1 
ATOM   69  N N   . PHE A 1 12  ? 5.451   -8.334  6.956   1.00 23.84 ? 12  PHE A N   1 
ATOM   70  C CA  . PHE A 1 12  ? 6.427   -8.282  8.027   1.00 24.63 ? 12  PHE A CA  1 
ATOM   71  C C   . PHE A 1 12  ? 6.120   -9.431  8.962   1.00 24.25 ? 12  PHE A C   1 
ATOM   72  O O   . PHE A 1 12  ? 4.989   -9.552  9.440   1.00 25.75 ? 12  PHE A O   1 
ATOM   73  C CB  . PHE A 1 12  ? 6.358   -6.934  8.725   1.00 24.84 ? 12  PHE A CB  1 
ATOM   74  C CG  . PHE A 1 12  ? 7.206   -6.844  9.936   1.00 24.49 ? 12  PHE A CG  1 
ATOM   75  C CD1 . PHE A 1 12  ? 8.576   -7.028  9.851   1.00 25.07 ? 12  PHE A CD1 1 
ATOM   76  C CD2 . PHE A 1 12  ? 6.635   -6.570  11.170  1.00 24.77 ? 12  PHE A CD2 1 
ATOM   77  C CE1 . PHE A 1 12  ? 9.371   -6.944  10.997  1.00 27.13 ? 12  PHE A CE1 1 
ATOM   78  C CE2 . PHE A 1 12  ? 7.415   -6.492  12.318  1.00 26.66 ? 12  PHE A CE2 1 
ATOM   79  C CZ  . PHE A 1 12  ? 8.787   -6.677  12.238  1.00 26.55 ? 12  PHE A CZ  1 
ATOM   80  N N   . VAL A 1 13  ? 7.103   -10.303 9.149   1.00 24.84 ? 13  VAL A N   1 
ATOM   81  C CA  . VAL A 1 13  ? 6.947   -11.513 9.969   1.00 26.79 ? 13  VAL A CA  1 
ATOM   82  C C   . VAL A 1 13  ? 7.574   -11.197 11.320  1.00 26.79 ? 13  VAL A C   1 
ATOM   83  O O   . VAL A 1 13  ? 8.742   -10.802 11.375  1.00 24.54 ? 13  VAL A O   1 
ATOM   84  C CB  . VAL A 1 13  ? 7.625   -12.756 9.317   1.00 27.30 ? 13  VAL A CB  1 
ATOM   85  C CG1 . VAL A 1 13  ? 7.671   -13.936 10.287  1.00 26.94 ? 13  VAL A CG1 1 
ATOM   86  C CG2 . VAL A 1 13  ? 6.882   -13.142 8.037   1.00 27.22 ? 13  VAL A CG2 1 
ATOM   87  N N   . PRO A 1 14  ? 6.800   -11.334 12.408  1.00 27.90 ? 14  PRO A N   1 
ATOM   88  C CA  . PRO A 1 14  ? 7.373   -11.052 13.711  1.00 30.35 ? 14  PRO A CA  1 
ATOM   89  C C   . PRO A 1 14  ? 8.530   -11.971 14.070  1.00 31.55 ? 14  PRO A C   1 
ATOM   90  O O   . PRO A 1 14  ? 8.480   -13.164 13.792  1.00 33.09 ? 14  PRO A O   1 
ATOM   91  C CB  . PRO A 1 14  ? 6.201   -11.303 14.671  1.00 30.14 ? 14  PRO A CB  1 
ATOM   92  C CG  . PRO A 1 14  ? 5.005   -11.048 13.860  1.00 28.92 ? 14  PRO A CG  1 
ATOM   93  C CD  . PRO A 1 14  ? 5.361   -11.602 12.511  1.00 28.98 ? 14  PRO A CD  1 
ATOM   94  N N   . GLN A 1 15  ? 9.549   -11.387 14.683  1.00 34.03 ? 15  GLN A N   1 
ATOM   95  C CA  . GLN A 1 15  ? 10.649  -12.114 15.284  1.00 35.24 ? 15  GLN A CA  1 
ATOM   96  C C   . GLN A 1 15  ? 10.565  -12.060 16.835  1.00 35.35 ? 15  GLN A C   1 
ATOM   97  O O   . GLN A 1 15  ? 10.938  -13.030 17.500  1.00 37.10 ? 15  GLN A O   1 
ATOM   98  C CB  . GLN A 1 15  ? 11.964  -11.549 14.770  1.00 37.79 ? 15  GLN A CB  1 
ATOM   99  C CG  . GLN A 1 15  ? 12.044  -11.420 13.240  1.00 42.86 ? 15  GLN A CG  1 
ATOM   100 C CD  . GLN A 1 15  ? 12.347  -12.737 12.512  1.00 46.27 ? 15  GLN A CD  1 
ATOM   101 O OE1 . GLN A 1 15  ? 11.467  -13.592 12.293  1.00 43.84 ? 15  GLN A OE1 1 
ATOM   102 N NE2 . GLN A 1 15  ? 13.603  -12.889 12.114  1.00 46.51 ? 15  GLN A NE2 1 
ATOM   103 N N   . GLU A 1 16  ? 10.067  -10.952 17.397  1.00 31.87 ? 16  GLU A N   1 
ATOM   104 C CA  . GLU A 1 16  ? 9.773   -10.838 18.837  1.00 30.18 ? 16  GLU A CA  1 
ATOM   105 C C   . GLU A 1 16  ? 8.270   -10.648 19.047  1.00 28.39 ? 16  GLU A C   1 
ATOM   106 O O   . GLU A 1 16  ? 7.563   -10.271 18.135  1.00 26.49 ? 16  GLU A O   1 
ATOM   107 C CB  . GLU A 1 16  ? 10.533  -9.654  19.431  1.00 32.07 ? 16  GLU A CB  1 
ATOM   108 C CG  . GLU A 1 16  ? 12.057  -9.732  19.301  1.00 32.57 ? 16  GLU A CG  1 
ATOM   109 C CD  . GLU A 1 16  ? 12.738  -10.599 20.363  1.00 33.30 ? 16  GLU A CD  1 
ATOM   110 O OE1 . GLU A 1 16  ? 12.074  -11.295 21.166  1.00 30.90 ? 16  GLU A OE1 1 
ATOM   111 O OE2 . GLU A 1 16  ? 13.982  -10.577 20.387  1.00 36.91 ? 16  GLU A OE2 1 
ATOM   112 N N   . ASN A 1 17  ? 7.779   -10.898 20.257  1.00 29.01 ? 17  ASN A N   1 
ATOM   113 C CA  . ASN A 1 17  ? 6.335   -10.791 20.530  1.00 28.11 ? 17  ASN A CA  1 
ATOM   114 C C   . ASN A 1 17  ? 5.782   -9.401  20.290  1.00 26.14 ? 17  ASN A C   1 
ATOM   115 O O   . ASN A 1 17  ? 4.661   -9.263  19.802  1.00 24.67 ? 17  ASN A O   1 
ATOM   116 C CB  . ASN A 1 17  ? 5.995   -11.196 21.967  1.00 29.45 ? 17  ASN A CB  1 
ATOM   117 C CG  . ASN A 1 17  ? 6.115   -12.678 22.204  1.00 31.13 ? 17  ASN A CG  1 
ATOM   118 O OD1 . ASN A 1 17  ? 6.106   -13.501 21.282  1.00 35.91 ? 17  ASN A OD1 1 
ATOM   119 N ND2 . ASN A 1 17  ? 6.232   -13.034 23.459  1.00 32.35 ? 17  ASN A ND2 1 
ATOM   120 N N   . GLU A 1 18  ? 6.558   -8.377  20.642  1.00 25.85 ? 18  GLU A N   1 
ATOM   121 C CA  . GLU A 1 18  ? 6.135   -6.972  20.457  1.00 25.23 ? 18  GLU A CA  1 
ATOM   122 C C   . GLU A 1 18  ? 6.050   -6.512  18.999  1.00 24.11 ? 18  GLU A C   1 
ATOM   123 O O   . GLU A 1 18  ? 5.645   -5.389  18.744  1.00 24.12 ? 18  GLU A O   1 
ATOM   124 C CB  . GLU A 1 18  ? 7.041   -6.019  21.230  1.00 25.84 ? 18  GLU A CB  1 
ATOM   125 C CG  . GLU A 1 18  ? 8.469   -5.894  20.693  1.00 27.80 ? 18  GLU A CG  1 
ATOM   126 C CD  . GLU A 1 18  ? 9.449   -6.854  21.331  1.00 28.44 ? 18  GLU A CD  1 
ATOM   127 O OE1 . GLU A 1 18  ? 10.656  -6.548  21.333  1.00 31.85 ? 18  GLU A OE1 1 
ATOM   128 O OE2 . GLU A 1 18  ? 9.025   -7.909  21.835  1.00 29.65 ? 18  GLU A OE2 1 
ATOM   129 N N   . ASP A 1 19  ? 6.496   -7.341  18.056  1.00 25.24 ? 19  ASP A N   1 
ATOM   130 C CA  . ASP A 1 19  ? 6.328   -7.061  16.621  1.00 24.99 ? 19  ASP A CA  1 
ATOM   131 C C   . ASP A 1 19  ? 4.882   -7.275  16.184  1.00 23.48 ? 19  ASP A C   1 
ATOM   132 O O   . ASP A 1 19  ? 4.227   -8.236  16.591  1.00 23.72 ? 19  ASP A O   1 
ATOM   133 C CB  . ASP A 1 19  ? 7.251   -7.938  15.782  1.00 24.36 ? 19  ASP A CB  1 
ATOM   134 C CG  . ASP A 1 19  ? 8.719   -7.609  15.989  1.00 25.00 ? 19  ASP A CG  1 
ATOM   135 O OD1 . ASP A 1 19  ? 9.045   -6.452  16.382  1.00 22.57 ? 19  ASP A OD1 1 
ATOM   136 O OD2 . ASP A 1 19  ? 9.543   -8.533  15.736  1.00 25.16 ? 19  ASP A OD2 1 
ATOM   137 N N   . LEU A 1 20  ? 4.399   -6.352  15.371  1.00 23.10 ? 20  LEU A N   1 
ATOM   138 C CA  . LEU A 1 20  ? 3.062   -6.400  14.831  1.00 24.36 ? 20  LEU A CA  1 
ATOM   139 C C   . LEU A 1 20  ? 3.195   -6.986  13.442  1.00 25.69 ? 20  LEU A C   1 
ATOM   140 O O   . LEU A 1 20  ? 3.787   -6.364  12.550  1.00 26.34 ? 20  LEU A O   1 
ATOM   141 C CB  . LEU A 1 20  ? 2.455   -4.997  14.770  1.00 24.57 ? 20  LEU A CB  1 
ATOM   142 C CG  . LEU A 1 20  ? 1.034   -4.859  14.205  1.00 25.41 ? 20  LEU A CG  1 
ATOM   143 C CD1 . LEU A 1 20  ? 0.002   -5.451  15.146  1.00 25.75 ? 20  LEU A CD1 1 
ATOM   144 C CD2 . LEU A 1 20  ? 0.719   -3.391  13.931  1.00 25.93 ? 20  LEU A CD2 1 
ATOM   145 N N   . GLU A 1 21  ? 2.646   -8.178  13.265  1.00 26.57 ? 21  GLU A N   1 
ATOM   146 C CA  . GLU A 1 21  ? 2.591   -8.816  11.973  1.00 27.87 ? 21  GLU A CA  1 
ATOM   147 C C   . GLU A 1 21  ? 1.784   -7.984  10.979  1.00 26.49 ? 21  GLU A C   1 
ATOM   148 O O   . GLU A 1 21  ? 0.694   -7.514  11.297  1.00 26.32 ? 21  GLU A O   1 
ATOM   149 C CB  . GLU A 1 21  ? 1.984   -10.215 12.086  1.00 30.21 ? 21  GLU A CB  1 
ATOM   150 C CG  . GLU A 1 21  ? 1.877   -10.907 10.739  1.00 33.94 ? 21  GLU A CG  1 
ATOM   151 C CD  . GLU A 1 21  ? 1.777   -12.411 10.832  1.00 37.47 ? 21  GLU A CD  1 
ATOM   152 O OE1 . GLU A 1 21  ? 1.560   -12.959 11.932  1.00 43.36 ? 21  GLU A OE1 1 
ATOM   153 O OE2 . GLU A 1 21  ? 1.951   -13.051 9.784   1.00 41.53 ? 21  GLU A OE2 1 
ATOM   154 N N   . MET A 1 22  ? 2.339   -7.823  9.777   1.00 25.66 ? 22  MET A N   1 
ATOM   155 C CA  . MET A 1 22  ? 1.682   -7.137  8.667   1.00 24.82 ? 22  MET A CA  1 
ATOM   156 C C   . MET A 1 22  ? 1.581   -8.048  7.444   1.00 24.50 ? 22  MET A C   1 
ATOM   157 O O   . MET A 1 22  ? 2.468   -8.850  7.167   1.00 23.16 ? 22  MET A O   1 
ATOM   158 C CB  . MET A 1 22  ? 2.496   -5.908  8.271   1.00 25.01 ? 22  MET A CB  1 
ATOM   159 C CG  . MET A 1 22  ? 2.744   -4.928  9.402   1.00 25.18 ? 22  MET A CG  1 
ATOM   160 S SD  . MET A 1 22  ? 3.095   -3.271  8.787   1.00 24.96 ? 22  MET A SD  1 
ATOM   161 C CE  . MET A 1 22  ? 4.523   -3.651  7.782   1.00 25.41 ? 22  MET A CE  1 
ATOM   162 N N   . ARG A 1 23  ? 0.492   -7.902  6.708   1.00 25.41 ? 23  ARG A N   1 
ATOM   163 C CA  . ARG A 1 23  ? 0.329   -8.533  5.393   1.00 25.49 ? 23  ARG A CA  1 
ATOM   164 C C   . ARG A 1 23  ? 0.101   -7.356  4.450   1.00 24.57 ? 23  ARG A C   1 
ATOM   165 O O   . ARG A 1 23  ? -0.385  -6.318  4.898   1.00 25.51 ? 23  ARG A O   1 
ATOM   166 C CB  . ARG A 1 23  ? -0.846  -9.553  5.395   1.00 24.38 ? 23  ARG A CB  1 
ATOM   167 N N   . PRO A 1 24  ? 0.473   -7.479  3.160   1.00 24.28 ? 24  PRO A N   1 
ATOM   168 C CA  . PRO A 1 24  ? 0.217   -6.395  2.221   1.00 23.23 ? 24  PRO A CA  1 
ATOM   169 C C   . PRO A 1 24  ? -1.277  -6.054  2.096   1.00 23.22 ? 24  PRO A C   1 
ATOM   170 O O   . PRO A 1 24  ? -2.083  -6.936  1.866   1.00 23.25 ? 24  PRO A O   1 
ATOM   171 C CB  . PRO A 1 24  ? 0.758   -6.954  0.898   1.00 22.82 ? 24  PRO A CB  1 
ATOM   172 C CG  . PRO A 1 24  ? 1.800   -7.929  1.297   1.00 23.16 ? 24  PRO A CG  1 
ATOM   173 C CD  . PRO A 1 24  ? 1.180   -8.594  2.491   1.00 24.74 ? 24  PRO A CD  1 
ATOM   174 N N   . GLY A 1 25  ? -1.625  -4.779  2.234   1.00 23.69 ? 25  GLY A N   1 
ATOM   175 C CA  . GLY A 1 25  ? -3.016  -4.360  2.219   1.00 24.45 ? 25  GLY A CA  1 
ATOM   176 C C   . GLY A 1 25  ? -3.593  -3.997  3.567   1.00 25.02 ? 25  GLY A C   1 
ATOM   177 O O   . GLY A 1 25  ? -4.653  -3.397  3.605   1.00 23.86 ? 25  GLY A O   1 
ATOM   178 N N   . ASP A 1 26  ? -2.902  -4.350  4.663   1.00 26.85 ? 26  ASP A N   1 
ATOM   179 C CA  . ASP A 1 26  ? -3.345  -4.011  6.023   1.00 26.76 ? 26  ASP A CA  1 
ATOM   180 C C   . ASP A 1 26  ? -3.368  -2.516  6.273   1.00 26.45 ? 26  ASP A C   1 
ATOM   181 O O   . ASP A 1 26  ? -2.496  -1.779  5.825   1.00 26.39 ? 26  ASP A O   1 
ATOM   182 C CB  . ASP A 1 26  ? -2.470  -4.673  7.101   1.00 28.22 ? 26  ASP A CB  1 
ATOM   183 C CG  . ASP A 1 26  ? -2.757  -6.171  7.279   1.00 29.91 ? 26  ASP A CG  1 
ATOM   184 O OD1 . ASP A 1 26  ? -3.883  -6.643  6.935   1.00 28.60 ? 26  ASP A OD1 1 
ATOM   185 O OD2 . ASP A 1 26  ? -1.832  -6.866  7.785   1.00 29.42 ? 26  ASP A OD2 1 
ATOM   186 N N   . ILE A 1 27  ? -4.373  -2.085  7.016   1.00 27.91 ? 27  ILE A N   1 
ATOM   187 C CA  . ILE A 1 27  ? -4.521  -0.701  7.399   1.00 30.37 ? 27  ILE A CA  1 
ATOM   188 C C   . ILE A 1 27  ? -3.988  -0.554  8.816   1.00 29.30 ? 27  ILE A C   1 
ATOM   189 O O   . ILE A 1 27  ? -4.535  -1.126  9.755   1.00 29.19 ? 27  ILE A O   1 
ATOM   190 C CB  . ILE A 1 27  ? -5.990  -0.236  7.269   1.00 33.09 ? 27  ILE A CB  1 
ATOM   191 C CG1 . ILE A 1 27  ? -6.460  -0.432  5.808   1.00 33.42 ? 27  ILE A CG1 1 
ATOM   192 C CG2 . ILE A 1 27  ? -6.144  1.223   7.746   1.00 32.03 ? 27  ILE A CG2 1 
ATOM   193 C CD1 . ILE A 1 27  ? -7.814  0.181   5.473   1.00 34.41 ? 27  ILE A CD1 1 
ATOM   194 N N   . ILE A 1 28  ? -2.900  0.202   8.949   1.00 31.11 ? 28  ILE A N   1 
ATOM   195 C CA  . ILE A 1 28  ? -2.264  0.474   10.239  1.00 29.85 ? 28  ILE A CA  1 
ATOM   196 C C   . ILE A 1 28  ? -2.742  1.805   10.773  1.00 27.96 ? 28  ILE A C   1 
ATOM   197 O O   . ILE A 1 28  ? -2.771  2.805   10.053  1.00 26.79 ? 28  ILE A O   1 
ATOM   198 C CB  . ILE A 1 28  ? -0.717  0.527   10.131  1.00 31.06 ? 28  ILE A CB  1 
ATOM   199 C CG1 . ILE A 1 28  ? -0.164  -0.779  9.514   1.00 31.20 ? 28  ILE A CG1 1 
ATOM   200 C CG2 . ILE A 1 28  ? -0.087  0.808   11.497  1.00 30.74 ? 28  ILE A CG2 1 
ATOM   201 C CD1 . ILE A 1 28  ? 0.370   -0.600  8.117   1.00 33.82 ? 28  ILE A CD1 1 
ATOM   202 N N   . THR A 1 29  ? -3.104  1.819   12.046  1.00 27.26 ? 29  THR A N   1 
ATOM   203 C CA  . THR A 1 29  ? -3.290  3.075   12.757  1.00 26.85 ? 29  THR A CA  1 
ATOM   204 C C   . THR A 1 29  ? -2.022  3.385   13.542  1.00 25.82 ? 29  THR A C   1 
ATOM   205 O O   . THR A 1 29  ? -1.543  2.560   14.313  1.00 23.66 ? 29  THR A O   1 
ATOM   206 C CB  . THR A 1 29  ? -4.504  3.013   13.682  1.00 26.47 ? 29  THR A CB  1 
ATOM   207 O OG1 . THR A 1 29  ? -5.669  2.762   12.882  1.00 26.96 ? 29  THR A OG1 1 
ATOM   208 C CG2 . THR A 1 29  ? -4.661  4.337   14.454  1.00 25.67 ? 29  THR A CG2 1 
ATOM   209 N N   . LEU A 1 30  ? -1.479  4.572   13.323  1.00 27.49 ? 30  LEU A N   1 
ATOM   210 C CA  . LEU A 1 30  ? -0.219  4.952   13.952  1.00 31.07 ? 30  LEU A CA  1 
ATOM   211 C C   . LEU A 1 30  ? -0.450  5.412   15.389  1.00 31.11 ? 30  LEU A C   1 
ATOM   212 O O   . LEU A 1 30  ? -1.308  6.263   15.624  1.00 30.86 ? 30  LEU A O   1 
ATOM   213 C CB  . LEU A 1 30  ? 0.473   6.063   13.153  1.00 30.85 ? 30  LEU A CB  1 
ATOM   214 C CG  . LEU A 1 30  ? 1.868   6.482   13.626  1.00 31.69 ? 30  LEU A CG  1 
ATOM   215 C CD1 . LEU A 1 30  ? 2.881   5.350   13.480  1.00 32.19 ? 30  LEU A CD1 1 
ATOM   216 C CD2 . LEU A 1 30  ? 2.341   7.712   12.859  1.00 32.61 ? 30  LEU A CD2 1 
ATOM   217 N N   . LEU A 1 31  ? 0.325   4.846   16.323  1.00 33.19 ? 31  LEU A N   1 
ATOM   218 C CA  . LEU A 1 31  ? 0.331   5.249   17.748  1.00 33.28 ? 31  LEU A CA  1 
ATOM   219 C C   . LEU A 1 31  ? 1.536   6.143   18.021  1.00 33.82 ? 31  LEU A C   1 
ATOM   220 O O   . LEU A 1 31  ? 1.385   7.252   18.502  1.00 33.31 ? 31  LEU A O   1 
ATOM   221 C CB  . LEU A 1 31  ? 0.378   4.023   18.650  1.00 33.24 ? 31  LEU A CB  1 
ATOM   222 C CG  . LEU A 1 31  ? -0.810  3.049   18.574  1.00 36.43 ? 31  LEU A CG  1 
ATOM   223 C CD1 . LEU A 1 31  ? -0.562  1.789   19.392  1.00 38.13 ? 31  LEU A CD1 1 
ATOM   224 C CD2 . LEU A 1 31  ? -2.096  3.693   19.067  1.00 37.09 ? 31  LEU A CD2 1 
ATOM   225 N N   . GLU A 1 32  ? 2.727   5.655   17.692  1.00 36.72 ? 32  GLU A N   1 
ATOM   226 C CA  . GLU A 1 32  ? 3.972   6.397   17.875  1.00 39.04 ? 32  GLU A CA  1 
ATOM   227 C C   . GLU A 1 32  ? 4.896   6.223   16.683  1.00 38.70 ? 32  GLU A C   1 
ATOM   228 O O   . GLU A 1 32  ? 5.207   5.094   16.314  1.00 39.04 ? 32  GLU A O   1 
ATOM   229 C CB  . GLU A 1 32  ? 4.739   5.893   19.086  1.00 40.03 ? 32  GLU A CB  1 
ATOM   230 C CG  . GLU A 1 32  ? 4.077   6.056   20.422  1.00 42.96 ? 32  GLU A CG  1 
ATOM   231 C CD  . GLU A 1 32  ? 4.766   5.207   21.484  1.00 49.68 ? 32  GLU A CD  1 
ATOM   232 O OE1 . GLU A 1 32  ? 6.027   5.174   21.496  1.00 53.60 ? 32  GLU A OE1 1 
ATOM   233 O OE2 . GLU A 1 32  ? 4.052   4.570   22.301  1.00 51.31 ? 32  GLU A OE2 1 
ATOM   234 N N   . ASP A 1 33  ? 5.346   7.337   16.118  1.00 40.30 ? 33  ASP A N   1 
ATOM   235 C CA  . ASP A 1 33  ? 6.427   7.343   15.134  1.00 44.68 ? 33  ASP A CA  1 
ATOM   236 C C   . ASP A 1 33  ? 7.768   7.413   15.878  1.00 48.32 ? 33  ASP A C   1 
ATOM   237 O O   . ASP A 1 33  ? 8.490   8.412   15.832  1.00 43.58 ? 33  ASP A O   1 
ATOM   238 C CB  . ASP A 1 33  ? 6.260   8.439   14.056  1.00 46.55 ? 33  ASP A CB  1 
ATOM   239 C CG  . ASP A 1 33  ? 6.164   9.845   14.617  1.00 46.41 ? 33  ASP A CG  1 
ATOM   240 O OD1 . ASP A 1 33  ? 5.507   10.064  15.655  1.00 46.36 ? 33  ASP A OD1 1 
ATOM   241 O OD2 . ASP A 1 33  ? 6.747   10.748  13.984  1.00 55.80 ? 33  ASP A OD2 1 
ATOM   242 N N   . SER A 1 34  ? 8.088   6.283   16.523  1.00 54.28 ? 34  SER A N   1 
ATOM   243 C CA  . SER A 1 34  ? 9.143   6.190   17.539  1.00 53.21 ? 34  SER A CA  1 
ATOM   244 C C   . SER A 1 34  ? 10.480  6.700   17.004  1.00 53.60 ? 34  SER A C   1 
ATOM   245 O O   . SER A 1 34  ? 10.963  7.746   17.425  1.00 59.97 ? 34  SER A O   1 
ATOM   246 C CB  . SER A 1 34  ? 9.269   4.739   18.069  1.00 51.22 ? 34  SER A CB  1 
ATOM   247 O OG  . SER A 1 34  ? 8.004   4.127   18.282  1.00 48.38 ? 34  SER A OG  1 
ATOM   248 N N   . ASN A 1 35  ? 11.033  5.969   16.041  1.00 49.93 ? 35  ASN A N   1 
ATOM   249 C CA  . ASN A 1 35  ? 12.285  6.309   15.399  1.00 44.70 ? 35  ASN A CA  1 
ATOM   250 C C   . ASN A 1 35  ? 12.089  6.105   13.898  1.00 42.36 ? 35  ASN A C   1 
ATOM   251 O O   . ASN A 1 35  ? 10.962  5.866   13.448  1.00 39.41 ? 35  ASN A O   1 
ATOM   252 C CB  . ASN A 1 35  ? 13.440  5.477   15.987  1.00 44.28 ? 35  ASN A CB  1 
ATOM   253 C CG  . ASN A 1 35  ? 13.197  3.991   15.920  1.00 41.55 ? 35  ASN A CG  1 
ATOM   254 O OD1 . ASN A 1 35  ? 13.504  3.340   14.931  1.00 38.62 ? 35  ASN A OD1 1 
ATOM   255 N ND2 . ASN A 1 35  ? 12.658  3.447   16.986  1.00 43.75 ? 35  ASN A ND2 1 
ATOM   256 N N   . GLU A 1 36  ? 13.167  6.227   13.132  1.00 38.93 ? 36  GLU A N   1 
ATOM   257 C CA  . GLU A 1 36  ? 13.090  6.202   11.684  1.00 39.89 ? 36  GLU A CA  1 
ATOM   258 C C   . GLU A 1 36  ? 12.795  4.802   11.140  1.00 35.49 ? 36  GLU A C   1 
ATOM   259 O O   . GLU A 1 36  ? 12.290  4.666   10.029  1.00 35.97 ? 36  GLU A O   1 
ATOM   260 C CB  . GLU A 1 36  ? 14.430  6.638   11.075  1.00 45.81 ? 36  GLU A CB  1 
ATOM   261 C CG  . GLU A 1 36  ? 14.955  8.022   11.435  1.00 49.39 ? 36  GLU A CG  1 
ATOM   262 C CD  . GLU A 1 36  ? 16.415  8.170   11.026  1.00 53.23 ? 36  GLU A CD  1 
ATOM   263 O OE1 . GLU A 1 36  ? 16.716  9.049   10.194  1.00 57.14 ? 36  GLU A OE1 1 
ATOM   264 O OE2 . GLU A 1 36  ? 17.261  7.378   11.510  1.00 55.50 ? 36  GLU A OE2 1 
ATOM   265 N N   . ASP A 1 37  ? 13.184  3.781   11.898  1.00 31.34 ? 37  ASP A N   1 
ATOM   266 C CA  . ASP A 1 37  ? 13.156  2.390   11.453  1.00 29.70 ? 37  ASP A CA  1 
ATOM   267 C C   . ASP A 1 37  ? 11.907  1.638   11.908  1.00 27.91 ? 37  ASP A C   1 
ATOM   268 O O   . ASP A 1 37  ? 11.396  0.788   11.184  1.00 27.62 ? 37  ASP A O   1 
ATOM   269 C CB  . ASP A 1 37  ? 14.398  1.650   11.982  1.00 29.69 ? 37  ASP A CB  1 
ATOM   270 C CG  . ASP A 1 37  ? 15.733  2.310   11.547  1.00 31.46 ? 37  ASP A CG  1 
ATOM   271 O OD1 . ASP A 1 37  ? 15.788  2.937   10.460  1.00 29.76 ? 37  ASP A OD1 1 
ATOM   272 O OD2 . ASP A 1 37  ? 16.725  2.190   12.313  1.00 30.47 ? 37  ASP A OD2 1 
ATOM   273 N N   . TRP A 1 38  ? 11.449  1.921   13.122  1.00 27.15 ? 38  TRP A N   1 
ATOM   274 C CA  . TRP A 1 38  ? 10.405  1.143   13.759  1.00 27.22 ? 38  TRP A CA  1 
ATOM   275 C C   . TRP A 1 38  ? 9.380   2.069   14.341  1.00 27.84 ? 38  TRP A C   1 
ATOM   276 O O   . TRP A 1 38  ? 9.708   2.878   15.218  1.00 28.12 ? 38  TRP A O   1 
ATOM   277 C CB  . TRP A 1 38  ? 10.990  0.271   14.851  1.00 27.28 ? 38  TRP A CB  1 
ATOM   278 C CG  . TRP A 1 38  ? 11.966  -0.697  14.303  1.00 28.60 ? 38  TRP A CG  1 
ATOM   279 C CD1 . TRP A 1 38  ? 13.320  -0.608  14.367  1.00 29.09 ? 38  TRP A CD1 1 
ATOM   280 C CD2 . TRP A 1 38  ? 11.672  -1.889  13.548  1.00 28.17 ? 38  TRP A CD2 1 
ATOM   281 N NE1 . TRP A 1 38  ? 13.892  -1.695  13.736  1.00 30.13 ? 38  TRP A NE1 1 
ATOM   282 C CE2 . TRP A 1 38  ? 12.903  -2.488  13.219  1.00 28.83 ? 38  TRP A CE2 1 
ATOM   283 C CE3 . TRP A 1 38  ? 10.495  -2.518  13.153  1.00 27.98 ? 38  TRP A CE3 1 
ATOM   284 C CZ2 . TRP A 1 38  ? 12.988  -3.680  12.485  1.00 29.39 ? 38  TRP A CZ2 1 
ATOM   285 C CZ3 . TRP A 1 38  ? 10.573  -3.722  12.445  1.00 28.61 ? 38  TRP A CZ3 1 
ATOM   286 C CH2 . TRP A 1 38  ? 11.808  -4.285  12.116  1.00 28.47 ? 38  TRP A CH2 1 
ATOM   287 N N   . TRP A 1 39  ? 8.154   1.962   13.817  1.00 27.16 ? 39  TRP A N   1 
ATOM   288 C CA  . TRP A 1 39  ? 6.978   2.637   14.361  1.00 26.21 ? 39  TRP A CA  1 
ATOM   289 C C   . TRP A 1 39  ? 6.072   1.684   15.135  1.00 26.11 ? 39  TRP A C   1 
ATOM   290 O O   . TRP A 1 39  ? 6.131   0.470   14.951  1.00 26.76 ? 39  TRP A O   1 
ATOM   291 C CB  . TRP A 1 39  ? 6.180   3.269   13.244  1.00 27.35 ? 39  TRP A CB  1 
ATOM   292 C CG  . TRP A 1 39  ? 6.843   4.416   12.568  1.00 28.69 ? 39  TRP A CG  1 
ATOM   293 C CD1 . TRP A 1 39  ? 7.979   5.055   12.945  1.00 30.07 ? 39  TRP A CD1 1 
ATOM   294 C CD2 . TRP A 1 39  ? 6.354   5.108   11.422  1.00 30.04 ? 39  TRP A CD2 1 
ATOM   295 N NE1 . TRP A 1 39  ? 8.254   6.086   12.086  1.00 30.97 ? 39  TRP A NE1 1 
ATOM   296 C CE2 . TRP A 1 39  ? 7.265   6.154   11.147  1.00 31.01 ? 39  TRP A CE2 1 
ATOM   297 C CE3 . TRP A 1 39  ? 5.242   4.934   10.584  1.00 30.45 ? 39  TRP A CE3 1 
ATOM   298 C CZ2 . TRP A 1 39  ? 7.103   7.033   10.064  1.00 32.45 ? 39  TRP A CZ2 1 
ATOM   299 C CZ3 . TRP A 1 39  ? 5.077   5.810   9.497   1.00 32.67 ? 39  TRP A CZ3 1 
ATOM   300 C CH2 . TRP A 1 39  ? 6.004   6.851   9.254   1.00 32.90 ? 39  TRP A CH2 1 
ATOM   301 N N   . LYS A 1 40  ? 5.232   2.255   15.995  1.00 25.61 ? 40  LYS A N   1 
ATOM   302 C CA  . LYS A 1 40  ? 4.307   1.501   16.810  1.00 26.20 ? 40  LYS A CA  1 
ATOM   303 C C   . LYS A 1 40  ? 2.923   1.809   16.306  1.00 25.78 ? 40  LYS A C   1 
ATOM   304 O O   . LYS A 1 40  ? 2.565   2.991   16.111  1.00 26.32 ? 40  LYS A O   1 
ATOM   305 C CB  . LYS A 1 40  ? 4.430   1.912   18.284  1.00 29.03 ? 40  LYS A CB  1 
ATOM   306 C CG  . LYS A 1 40  ? 3.708   1.013   19.278  1.00 29.52 ? 40  LYS A CG  1 
ATOM   307 C CD  . LYS A 1 40  ? 3.644   1.627   20.674  1.00 30.40 ? 40  LYS A CD  1 
ATOM   308 C CE  . LYS A 1 40  ? 4.954   1.471   21.416  1.00 33.04 ? 40  LYS A CE  1 
ATOM   309 N NZ  . LYS A 1 40  ? 4.945   1.910   22.843  1.00 34.19 ? 40  LYS A NZ  1 
ATOM   310 N N   . GLY A 1 41  ? 2.124   0.766   16.135  1.00 24.00 ? 41  GLY A N   1 
ATOM   311 C CA  . GLY A 1 41  ? 0.799   0.927   15.586  1.00 24.32 ? 41  GLY A CA  1 
ATOM   312 C C   . GLY A 1 41  ? -0.136  -0.230  15.811  1.00 24.55 ? 41  GLY A C   1 
ATOM   313 O O   . GLY A 1 41  ? 0.122   -1.118  16.608  1.00 23.11 ? 41  GLY A O   1 
ATOM   314 N N   . LYS A 1 42  ? -1.237  -0.198  15.086  1.00 26.37 ? 42  LYS A N   1 
ATOM   315 C CA  . LYS A 1 42  ? -2.377  -1.034  15.376  1.00 28.53 ? 42  LYS A CA  1 
ATOM   316 C C   . LYS A 1 42  ? -2.990  -1.520  14.077  1.00 25.77 ? 42  LYS A C   1 
ATOM   317 O O   . LYS A 1 42  ? -3.284  -0.717  13.186  1.00 24.46 ? 42  LYS A O   1 
ATOM   318 C CB  . LYS A 1 42  ? -3.388  -0.213  16.173  1.00 33.41 ? 42  LYS A CB  1 
ATOM   319 C CG  . LYS A 1 42  ? -4.618  -0.973  16.625  1.00 39.63 ? 42  LYS A CG  1 
ATOM   320 C CD  . LYS A 1 42  ? -5.580  -0.042  17.336  1.00 45.12 ? 42  LYS A CD  1 
ATOM   321 C CE  . LYS A 1 42  ? -6.660  -0.818  18.082  1.00 52.12 ? 42  LYS A CE  1 
ATOM   322 N NZ  . LYS A 1 42  ? -8.035  -0.277  17.840  1.00 56.40 ? 42  LYS A NZ  1 
ATOM   323 N N   . ILE A 1 43  ? -3.135  -2.835  13.973  1.00 25.52 ? 43  ILE A N   1 
ATOM   324 C CA  . ILE A 1 43  ? -3.850  -3.495  12.879  1.00 27.73 ? 43  ILE A CA  1 
ATOM   325 C C   . ILE A 1 43  ? -4.969  -4.263  13.538  1.00 28.15 ? 43  ILE A C   1 
ATOM   326 O O   . ILE A 1 43  ? -4.711  -5.070  14.414  1.00 25.93 ? 43  ILE A O   1 
ATOM   327 C CB  . ILE A 1 43  ? -2.926  -4.434  12.037  1.00 27.21 ? 43  ILE A CB  1 
ATOM   328 C CG1 . ILE A 1 43  ? -2.033  -3.581  11.119  1.00 28.18 ? 43  ILE A CG1 1 
ATOM   329 C CG2 . ILE A 1 43  ? -3.739  -5.426  11.209  1.00 25.79 ? 43  ILE A CG2 1 
ATOM   330 C CD1 . ILE A 1 43  ? -0.810  -4.279  10.569  1.00 29.27 ? 43  ILE A CD1 1 
ATOM   331 N N   . GLN A 1 44  ? -6.200  -4.018  13.094  1.00 33.71 ? 44  GLN A N   1 
ATOM   332 C CA  . GLN A 1 44  ? -7.411  -4.481  13.795  1.00 38.18 ? 44  GLN A CA  1 
ATOM   333 C C   . GLN A 1 44  ? -7.262  -4.206  15.292  1.00 39.12 ? 44  GLN A C   1 
ATOM   334 O O   . GLN A 1 44  ? -7.060  -3.050  15.665  1.00 40.07 ? 44  GLN A O   1 
ATOM   335 C CB  . GLN A 1 44  ? -7.702  -5.942  13.449  1.00 42.87 ? 44  GLN A CB  1 
ATOM   336 C CG  . GLN A 1 44  ? -8.136  -6.118  11.995  1.00 47.41 ? 44  GLN A CG  1 
ATOM   337 C CD  . GLN A 1 44  ? -8.173  -7.559  11.554  1.00 49.83 ? 44  GLN A CD  1 
ATOM   338 O OE1 . GLN A 1 44  ? -7.392  -8.385  12.021  1.00 53.62 ? 44  GLN A OE1 1 
ATOM   339 N NE2 . GLN A 1 44  ? -9.089  -7.873  10.647  1.00 53.96 ? 44  GLN A NE2 1 
ATOM   340 N N   . ASP A 1 45  ? -7.255  -5.241  16.132  1.00 41.82 ? 45  ASP A N   1 
ATOM   341 C CA  . ASP A 1 45  ? -7.197  -5.068  17.585  1.00 45.63 ? 45  ASP A CA  1 
ATOM   342 C C   . ASP A 1 45  ? -5.782  -5.160  18.181  1.00 43.10 ? 45  ASP A C   1 
ATOM   343 O O   . ASP A 1 45  ? -5.579  -4.742  19.319  1.00 43.90 ? 45  ASP A O   1 
ATOM   344 C CB  . ASP A 1 45  ? -8.120  -6.092  18.272  1.00 51.09 ? 45  ASP A CB  1 
ATOM   345 C CG  . ASP A 1 45  ? -9.463  -5.492  18.669  1.00 58.46 ? 45  ASP A CG  1 
ATOM   346 O OD1 . ASP A 1 45  ? -9.484  -4.645  19.595  1.00 63.35 ? 45  ASP A OD1 1 
ATOM   347 O OD2 . ASP A 1 45  ? -10.492 -5.882  18.071  1.00 66.91 ? 45  ASP A OD2 1 
ATOM   348 N N   . ARG A 1 46  ? -4.821  -5.698  17.424  1.00 38.33 ? 46  ARG A N   1 
ATOM   349 C CA  . ARG A 1 46  ? -3.472  -5.957  17.927  1.00 36.48 ? 46  ARG A CA  1 
ATOM   350 C C   . ARG A 1 46  ? -2.581  -4.731  17.808  1.00 32.34 ? 46  ARG A C   1 
ATOM   351 O O   . ARG A 1 46  ? -2.782  -3.895  16.944  1.00 30.30 ? 46  ARG A O   1 
ATOM   352 C CB  . ARG A 1 46  ? -2.838  -7.126  17.160  1.00 38.48 ? 46  ARG A CB  1 
ATOM   353 C CG  . ARG A 1 46  ? -1.603  -7.712  17.833  1.00 39.63 ? 46  ARG A CG  1 
ATOM   354 C CD  . ARG A 1 46  ? -1.162  -8.994  17.134  1.00 40.65 ? 46  ARG A CD  1 
ATOM   355 N NE  . ARG A 1 46  ? 0.012   -9.611  17.767  1.00 42.21 ? 46  ARG A NE  1 
ATOM   356 C CZ  . ARG A 1 46  ? 0.018   -10.292 18.919  1.00 39.91 ? 46  ARG A CZ  1 
ATOM   357 N NH1 . ARG A 1 46  ? -1.102  -10.450 19.634  1.00 40.22 ? 46  ARG A NH1 1 
ATOM   358 N NH2 . ARG A 1 46  ? 1.171   -10.800 19.371  1.00 37.65 ? 46  ARG A NH2 1 
ATOM   359 N N   . ILE A 1 47  ? -1.608  -4.609  18.705  1.00 31.23 ? 47  ILE A N   1 
ATOM   360 C CA  . ILE A 1 47  ? -0.604  -3.563  18.581  1.00 29.20 ? 47  ILE A CA  1 
ATOM   361 C C   . ILE A 1 47  ? 0.804   -4.067  18.706  1.00 26.16 ? 47  ILE A C   1 
ATOM   362 O O   . ILE A 1 47  ? 1.067   -5.061  19.351  1.00 24.90 ? 47  ILE A O   1 
ATOM   363 C CB  . ILE A 1 47  ? -0.806  -2.358  19.544  1.00 30.11 ? 47  ILE A CB  1 
ATOM   364 C CG1 . ILE A 1 47  ? -0.534  -2.688  21.004  1.00 29.34 ? 47  ILE A CG1 1 
ATOM   365 C CG2 . ILE A 1 47  ? -2.198  -1.752  19.377  1.00 32.17 ? 47  ILE A CG2 1 
ATOM   366 C CD1 . ILE A 1 47  ? -0.413  -1.423  21.848  1.00 29.98 ? 47  ILE A CD1 1 
ATOM   367 N N   . GLY A 1 48  ? 1.708   -3.331  18.074  1.00 26.66 ? 48  GLY A N   1 
ATOM   368 C CA  . GLY A 1 48  ? 3.128   -3.615  18.136  1.00 24.94 ? 48  GLY A CA  1 
ATOM   369 C C   . GLY A 1 48  ? 3.951   -2.757  17.207  1.00 23.31 ? 48  GLY A C   1 
ATOM   370 O O   . GLY A 1 48  ? 3.492   -1.777  16.650  1.00 21.25 ? 48  GLY A O   1 
ATOM   371 N N   . PHE A 1 49  ? 5.191   -3.172  17.050  1.00 24.07 ? 49  PHE A N   1 
ATOM   372 C CA  . PHE A 1 49  ? 6.168   -2.449  16.279  1.00 23.68 ? 49  PHE A CA  1 
ATOM   373 C C   . PHE A 1 49  ? 6.233   -3.044  14.885  1.00 24.07 ? 49  PHE A C   1 
ATOM   374 O O   . PHE A 1 49  ? 6.063   -4.258  14.722  1.00 22.45 ? 49  PHE A O   1 
ATOM   375 C CB  . PHE A 1 49  ? 7.530   -2.539  16.970  1.00 23.34 ? 49  PHE A CB  1 
ATOM   376 C CG  . PHE A 1 49  ? 7.549   -1.901  18.329  1.00 23.17 ? 49  PHE A CG  1 
ATOM   377 C CD1 . PHE A 1 49  ? 7.685   -0.523  18.466  1.00 23.32 ? 49  PHE A CD1 1 
ATOM   378 C CD2 . PHE A 1 49  ? 7.421   -2.676  19.481  1.00 24.31 ? 49  PHE A CD2 1 
ATOM   379 C CE1 . PHE A 1 49  ? 7.712   0.079   19.724  1.00 23.09 ? 49  PHE A CE1 1 
ATOM   380 C CE2 . PHE A 1 49  ? 7.435   -2.075  20.741  1.00 23.93 ? 49  PHE A CE2 1 
ATOM   381 C CZ  . PHE A 1 49  ? 7.584   -0.700  20.855  1.00 23.58 ? 49  PHE A CZ  1 
ATOM   382 N N   . PHE A 1 50  ? 6.467   -2.168  13.900  1.00 24.89 ? 50  PHE A N   1 
ATOM   383 C CA  . PHE A 1 50  ? 6.556   -2.532  12.495  1.00 24.33 ? 50  PHE A CA  1 
ATOM   384 C C   . PHE A 1 50  ? 7.556   -1.637  11.749  1.00 23.56 ? 50  PHE A C   1 
ATOM   385 O O   . PHE A 1 50  ? 7.857   -0.509  12.194  1.00 21.94 ? 50  PHE A O   1 
ATOM   386 C CB  . PHE A 1 50  ? 5.157   -2.469  11.836  1.00 25.24 ? 50  PHE A CB  1 
ATOM   387 C CG  . PHE A 1 50  ? 4.567   -1.081  11.769  1.00 26.02 ? 50  PHE A CG  1 
ATOM   388 C CD1 . PHE A 1 50  ? 3.813   -0.572  12.836  1.00 25.76 ? 50  PHE A CD1 1 
ATOM   389 C CD2 . PHE A 1 50  ? 4.777   -0.271  10.649  1.00 24.82 ? 50  PHE A CD2 1 
ATOM   390 C CE1 . PHE A 1 50  ? 3.279   0.711   12.776  1.00 25.61 ? 50  PHE A CE1 1 
ATOM   391 C CE2 . PHE A 1 50  ? 4.250   1.007   10.596  1.00 25.33 ? 50  PHE A CE2 1 
ATOM   392 C CZ  . PHE A 1 50  ? 3.491   1.503   11.657  1.00 25.11 ? 50  PHE A CZ  1 
ATOM   393 N N   . PRO A 1 51  ? 8.076   -2.134  10.608  1.00 22.76 ? 51  PRO A N   1 
ATOM   394 C CA  . PRO A 1 51  ? 9.087   -1.357  9.928   1.00 23.15 ? 51  PRO A CA  1 
ATOM   395 C C   . PRO A 1 51  ? 8.453   -0.153  9.272   1.00 23.05 ? 51  PRO A C   1 
ATOM   396 O O   . PRO A 1 51  ? 7.561   -0.313  8.435   1.00 24.22 ? 51  PRO A O   1 
ATOM   397 C CB  . PRO A 1 51  ? 9.687   -2.333  8.891   1.00 22.65 ? 51  PRO A CB  1 
ATOM   398 C CG  . PRO A 1 51  ? 8.805   -3.539  8.884   1.00 23.57 ? 51  PRO A CG  1 
ATOM   399 C CD  . PRO A 1 51  ? 7.647   -3.295  9.803   1.00 23.76 ? 51  PRO A CD  1 
ATOM   400 N N   . ALA A 1 52  ? 8.915   1.030   9.668   1.00 22.82 ? 52  ALA A N   1 
ATOM   401 C CA  . ALA A 1 52  ? 8.419   2.324   9.152   1.00 23.60 ? 52  ALA A CA  1 
ATOM   402 C C   . ALA A 1 52  ? 8.488   2.452   7.640   1.00 22.28 ? 52  ALA A C   1 
ATOM   403 O O   . ALA A 1 52  ? 7.611   3.039   7.032   1.00 21.91 ? 52  ALA A O   1 
ATOM   404 C CB  . ALA A 1 52  ? 9.193   3.487   9.785   1.00 23.75 ? 52  ALA A CB  1 
ATOM   405 N N   . ASN A 1 53  ? 9.540   1.887   7.053   1.00 22.45 ? 53  ASN A N   1 
ATOM   406 C CA  . ASN A 1 53  ? 9.793   1.978   5.620   1.00 22.02 ? 53  ASN A CA  1 
ATOM   407 C C   . ASN A 1 53  ? 8.998   0.957   4.751   1.00 22.10 ? 53  ASN A C   1 
ATOM   408 O O   . ASN A 1 53  ? 9.183   0.915   3.535   1.00 21.78 ? 53  ASN A O   1 
ATOM   409 C CB  . ASN A 1 53  ? 11.296  1.895   5.374   1.00 22.92 ? 53  ASN A CB  1 
ATOM   410 C CG  . ASN A 1 53  ? 11.903  0.592   5.867   1.00 24.65 ? 53  ASN A CG  1 
ATOM   411 O OD1 . ASN A 1 53  ? 11.486  0.065   6.903   1.00 28.75 ? 53  ASN A OD1 1 
ATOM   412 N ND2 . ASN A 1 53  ? 12.859  0.052   5.128   1.00 23.40 ? 53  ASN A ND2 1 
ATOM   413 N N   . PHE A 1 54  ? 8.093   0.186   5.353   1.00 21.62 ? 54  PHE A N   1 
ATOM   414 C CA  . PHE A 1 54  ? 7.251   -0.775  4.626   1.00 23.70 ? 54  PHE A CA  1 
ATOM   415 C C   . PHE A 1 54  ? 5.793   -0.312  4.419   1.00 22.55 ? 54  PHE A C   1 
ATOM   416 O O   . PHE A 1 54  ? 4.968   -1.062  3.899   1.00 21.86 ? 54  PHE A O   1 
ATOM   417 C CB  . PHE A 1 54  ? 7.243   -2.135  5.371   1.00 24.88 ? 54  PHE A CB  1 
ATOM   418 C CG  . PHE A 1 54  ? 8.435   -3.018  5.083   1.00 24.77 ? 54  PHE A CG  1 
ATOM   419 C CD1 . PHE A 1 54  ? 9.652   -2.504  4.627   1.00 25.75 ? 54  PHE A CD1 1 
ATOM   420 C CD2 . PHE A 1 54  ? 8.348   -4.374  5.333   1.00 24.77 ? 54  PHE A CD2 1 
ATOM   421 C CE1 . PHE A 1 54  ? 10.733  -3.333  4.393   1.00 26.52 ? 54  PHE A CE1 1 
ATOM   422 C CE2 . PHE A 1 54  ? 9.435   -5.206  5.119   1.00 25.83 ? 54  PHE A CE2 1 
ATOM   423 C CZ  . PHE A 1 54  ? 10.625  -4.688  4.648   1.00 26.98 ? 54  PHE A CZ  1 
ATOM   424 N N   . VAL A 1 55  ? 5.484   0.914   4.801   1.00 22.50 ? 55  VAL A N   1 
ATOM   425 C CA  . VAL A 1 55  ? 4.108   1.391   4.766   1.00 23.31 ? 55  VAL A CA  1 
ATOM   426 C C   . VAL A 1 55  ? 4.033   2.676   3.957   1.00 23.83 ? 55  VAL A C   1 
ATOM   427 O O   . VAL A 1 55  ? 5.043   3.307   3.650   1.00 22.27 ? 55  VAL A O   1 
ATOM   428 C CB  . VAL A 1 55  ? 3.511   1.594   6.167   1.00 23.01 ? 55  VAL A CB  1 
ATOM   429 C CG1 . VAL A 1 55  ? 3.620   0.312   6.974   1.00 23.84 ? 55  VAL A CG1 1 
ATOM   430 C CG2 . VAL A 1 55  ? 4.191   2.729   6.914   1.00 22.94 ? 55  VAL A CG2 1 
ATOM   431 N N   . GLN A 1 56  ? 2.815   2.995   3.562   1.00 24.73 ? 56  GLN A N   1 
ATOM   432 C CA  . GLN A 1 56  ? 2.528   4.161   2.776   1.00 27.32 ? 56  GLN A CA  1 
ATOM   433 C C   . GLN A 1 56  ? 1.379   4.842   3.476   1.00 29.20 ? 56  GLN A C   1 
ATOM   434 O O   . GLN A 1 56  ? 0.430   4.189   3.895   1.00 29.27 ? 56  GLN A O   1 
ATOM   435 C CB  . GLN A 1 56  ? 2.120   3.751   1.369   1.00 27.18 ? 56  GLN A CB  1 
ATOM   436 C CG  . GLN A 1 56  ? 1.651   4.875   0.433   1.00 26.41 ? 56  GLN A CG  1 
ATOM   437 C CD  . GLN A 1 56  ? 1.389   4.353   -0.984  1.00 26.42 ? 56  GLN A CD  1 
ATOM   438 O OE1 . GLN A 1 56  ? 2.144   3.540   -1.507  1.00 26.73 ? 56  GLN A OE1 1 
ATOM   439 N NE2 . GLN A 1 56  ? 0.331   4.827   -1.607  1.00 27.37 ? 56  GLN A NE2 1 
ATOM   440 N N   . ARG A 1 57  ? 1.472   6.153   3.572   1.00 31.16 ? 57  ARG A N   1 
ATOM   441 C CA  . ARG A 1 57  ? 0.444   6.949   4.167   1.00 34.90 ? 57  ARG A CA  1 
ATOM   442 C C   . ARG A 1 57  ? -0.860  6.872   3.365   1.00 33.74 ? 57  ARG A C   1 
ATOM   443 O O   . ARG A 1 57  ? -0.837  7.009   2.158   1.00 31.88 ? 57  ARG A O   1 
ATOM   444 C CB  . ARG A 1 57  ? 0.956   8.379   4.305   1.00 38.61 ? 57  ARG A CB  1 
ATOM   445 C CG  . ARG A 1 57  ? -0.044  9.319   4.938   1.00 43.40 ? 57  ARG A CG  1 
ATOM   446 C CD  . ARG A 1 57  ? 0.528   10.050  6.134   1.00 48.03 ? 57  ARG A CD  1 
ATOM   447 N NE  . ARG A 1 57  ? -0.418  11.067  6.534   1.00 52.29 ? 57  ARG A NE  1 
ATOM   448 C CZ  . ARG A 1 57  ? -1.590  10.831  7.124   1.00 59.15 ? 57  ARG A CZ  1 
ATOM   449 N NH1 . ARG A 1 57  ? -1.987  9.591   7.443   1.00 62.13 ? 57  ARG A NH1 1 
ATOM   450 N NH2 . ARG A 1 57  ? -2.387  11.860  7.404   1.00 61.24 ? 57  ARG A NH2 1 
ATOM   451 N N   . LEU A 1 58  ? -1.976  6.615   4.049   1.00 34.08 ? 58  LEU A N   1 
ATOM   452 C CA  . LEU A 1 58  ? -3.311  6.649   3.426   1.00 36.05 ? 58  LEU A CA  1 
ATOM   453 C C   . LEU A 1 58  ? -3.944  8.021   3.565   1.00 39.43 ? 58  LEU A C   1 
ATOM   454 O O   . LEU A 1 58  ? -4.212  8.461   4.684   1.00 39.37 ? 58  LEU A O   1 
ATOM   455 C CB  . LEU A 1 58  ? -4.265  5.650   4.080   1.00 37.05 ? 58  LEU A CB  1 
ATOM   456 C CG  . LEU A 1 58  ? -4.286  4.207   3.594   1.00 38.74 ? 58  LEU A CG  1 
ATOM   457 C CD1 . LEU A 1 58  ? -5.183  3.399   4.520   1.00 39.76 ? 58  LEU A CD1 1 
ATOM   458 C CD2 . LEU A 1 58  ? -4.773  4.101   2.151   1.00 38.70 ? 58  LEU A CD2 1 
ATOM   459 N N   . GLN A 1 59  ? -4.194  8.688   2.432   1.00 45.76 ? 59  GLN A N   1 
ATOM   460 C CA  . GLN A 1 59  ? -4.962  9.949   2.398   1.00 44.70 ? 59  GLN A CA  1 
ATOM   461 C C   . GLN A 1 59  ? -6.455  9.680   2.311   1.00 45.34 ? 59  GLN A C   1 
ATOM   462 O O   . GLN A 1 59  ? -6.889  8.522   2.191   1.00 41.59 ? 59  GLN A O   1 
ATOM   463 C CB  . GLN A 1 59  ? -4.517  10.859  1.248   1.00 47.38 ? 59  GLN A CB  1 
ATOM   464 C CG  . GLN A 1 59  ? -3.039  11.221  1.253   1.00 50.83 ? 59  GLN A CG  1 
ATOM   465 C CD  . GLN A 1 59  ? -2.621  12.050  2.463   1.00 54.07 ? 59  GLN A CD  1 
ATOM   466 O OE1 . GLN A 1 59  ? -3.453  12.475  3.267   1.00 56.62 ? 59  GLN A OE1 1 
ATOM   467 N NE2 . GLN A 1 59  ? -1.319  12.285  2.593   1.00 53.33 ? 59  GLN A NE2 1 
ATOM   468 N N   . GLN A 1 60  ? -7.224  10.767  2.431   1.00 49.86 ? 60  GLN A N   1 
ATOM   469 C CA  . GLN A 1 60  ? -8.692  10.735  2.457   1.00 48.79 ? 60  GLN A CA  1 
ATOM   470 C C   . GLN A 1 60  ? -9.255  10.241  1.130   1.00 45.40 ? 60  GLN A C   1 
ATOM   471 O O   . GLN A 1 60  ? -8.790  10.641  0.042   1.00 42.86 ? 60  GLN A O   1 
ATOM   472 C CB  . GLN A 1 60  ? -9.272  12.127  2.777   1.00 47.97 ? 60  GLN A CB  1 
ATOM   473 N N   . ASN A 1 61  ? -10.236 9.346   1.242   1.00 42.75 ? 61  ASN A N   1 
ATOM   474 C CA  . ASN A 1 61  ? -10.963 8.817   0.094   1.00 44.43 ? 61  ASN A CA  1 
ATOM   475 C C   . ASN A 1 61  ? -10.132 7.835   -0.754  1.00 42.81 ? 61  ASN A C   1 
ATOM   476 O O   . ASN A 1 61  ? -10.625 7.352   -1.772  1.00 43.80 ? 61  ASN A O   1 
ATOM   477 C CB  . ASN A 1 61  ? -11.526 9.969   -0.775  1.00 44.30 ? 61  ASN A CB  1 
ATOM   478 N N   . GLU A 1 62  ? -8.904  7.513   -0.333  1.00 38.98 ? 62  GLU A N   1 
ATOM   479 C CA  . GLU A 1 62  ? -8.053  6.620   -1.093  1.00 36.66 ? 62  GLU A CA  1 
ATOM   480 C C   . GLU A 1 62  ? -8.518  5.186   -0.855  1.00 35.75 ? 62  GLU A C   1 
ATOM   481 O O   . GLU A 1 62  ? -8.857  4.817   0.271   1.00 34.40 ? 62  GLU A O   1 
ATOM   482 C CB  . GLU A 1 62  ? -6.576  6.793   -0.720  1.00 35.92 ? 62  GLU A CB  1 
ATOM   483 C CG  . GLU A 1 62  ? -6.003  8.129   -1.168  1.00 36.41 ? 62  GLU A CG  1 
ATOM   484 C CD  . GLU A 1 62  ? -4.484  8.174   -1.094  1.00 37.58 ? 62  GLU A CD  1 
ATOM   485 O OE1 . GLU A 1 62  ? -3.866  8.808   -1.965  1.00 36.07 ? 62  GLU A OE1 1 
ATOM   486 O OE2 . GLU A 1 62  ? -3.901  7.575   -0.154  1.00 40.41 ? 62  GLU A OE2 1 
ATOM   487 N N   . LYS A 1 63  ? -8.549  4.402   -1.931  1.00 34.41 ? 63  LYS A N   1 
ATOM   488 C CA  . LYS A 1 63  ? -8.977  3.021   -1.897  1.00 34.01 ? 63  LYS A CA  1 
ATOM   489 C C   . LYS A 1 63  ? -7.737  2.202   -2.195  1.00 32.93 ? 63  LYS A C   1 
ATOM   490 O O   . LYS A 1 63  ? -6.876  2.629   -2.975  1.00 34.50 ? 63  LYS A O   1 
ATOM   491 C CB  . LYS A 1 63  ? -10.092 2.774   -2.930  1.00 36.46 ? 63  LYS A CB  1 
ATOM   492 N N   . ILE A 1 64  ? -7.656  1.031   -1.568  1.00 29.52 ? 64  ILE A N   1 
ATOM   493 C CA  . ILE A 1 64  ? -6.498  0.159   -1.624  1.00 28.91 ? 64  ILE A CA  1 
ATOM   494 C C   . ILE A 1 64  ? -6.729  -0.933  -2.661  1.00 29.41 ? 64  ILE A C   1 
ATOM   495 O O   . ILE A 1 64  ? -7.827  -1.485  -2.760  1.00 30.58 ? 64  ILE A O   1 
ATOM   496 C CB  . ILE A 1 64  ? -6.228  -0.482  -0.243  1.00 28.91 ? 64  ILE A CB  1 
ATOM   497 C CG1 . ILE A 1 64  ? -6.020  0.607   0.826   1.00 28.97 ? 64  ILE A CG1 1 
ATOM   498 C CG2 . ILE A 1 64  ? -5.010  -1.392  -0.274  1.00 28.38 ? 64  ILE A CG2 1 
ATOM   499 C CD1 . ILE A 1 64  ? -6.136  0.089   2.238   1.00 28.95 ? 64  ILE A CD1 1 
ATOM   500 N N   . PHE A 1 65  ? -5.688  -1.246  -3.419  1.00 28.77 ? 65  PHE A N   1 
ATOM   501 C CA  . PHE A 1 65  ? -5.785  -2.210  -4.491  1.00 29.81 ? 65  PHE A CA  1 
ATOM   502 C C   . PHE A 1 65  ? -4.570  -3.115  -4.474  1.00 29.93 ? 65  PHE A C   1 
ATOM   503 O O   . PHE A 1 65  ? -3.473  -2.708  -4.134  1.00 25.70 ? 65  PHE A O   1 
ATOM   504 C CB  . PHE A 1 65  ? -5.869  -1.539  -5.889  1.00 30.19 ? 65  PHE A CB  1 
ATOM   505 C CG  . PHE A 1 65  ? -7.055  -0.627  -6.079  1.00 30.60 ? 65  PHE A CG  1 
ATOM   506 C CD1 . PHE A 1 65  ? -8.303  -1.150  -6.446  1.00 31.72 ? 65  PHE A CD1 1 
ATOM   507 C CD2 . PHE A 1 65  ? -6.925  0.760   -5.931  1.00 30.31 ? 65  PHE A CD2 1 
ATOM   508 C CE1 . PHE A 1 65  ? -9.391  -0.313  -6.626  1.00 30.63 ? 65  PHE A CE1 1 
ATOM   509 C CE2 . PHE A 1 65  ? -8.010  1.597   -6.111  1.00 29.82 ? 65  PHE A CE2 1 
ATOM   510 C CZ  . PHE A 1 65  ? -9.244  1.057   -6.469  1.00 30.52 ? 65  PHE A CZ  1 
ATOM   511 N N   . ARG A 1 66  ? -4.809  -4.345  -4.899  1.00 34.09 ? 66  ARG A N   1 
ATOM   512 C CA  . ARG A 1 66  ? -3.803  -5.359  -5.099  1.00 36.89 ? 66  ARG A CA  1 
ATOM   513 C C   . ARG A 1 66  ? -3.760  -5.605  -6.595  1.00 36.39 ? 66  ARG A C   1 
ATOM   514 O O   . ARG A 1 66  ? -4.811  -5.692  -7.235  1.00 32.54 ? 66  ARG A O   1 
ATOM   515 C CB  . ARG A 1 66  ? -4.238  -6.628  -4.364  1.00 42.57 ? 66  ARG A CB  1 
ATOM   516 C CG  . ARG A 1 66  ? -3.154  -7.658  -4.166  1.00 47.41 ? 66  ARG A CG  1 
ATOM   517 C CD  . ARG A 1 66  ? -3.703  -8.986  -3.648  1.00 52.88 ? 66  ARG A CD  1 
ATOM   518 N NE  . ARG A 1 66  ? -2.908  -10.074 -4.232  1.00 62.17 ? 66  ARG A NE  1 
ATOM   519 C CZ  . ARG A 1 66  ? -3.245  -10.844 -5.280  1.00 65.28 ? 66  ARG A CZ  1 
ATOM   520 N NH1 . ARG A 1 66  ? -2.384  -11.771 -5.703  1.00 65.38 ? 66  ARG A NH1 1 
ATOM   521 N NH2 . ARG A 1 66  ? -4.421  -10.730 -5.909  1.00 64.51 ? 66  ARG A NH2 1 
ATOM   522 N N   . CYS A 1 67  ? -2.555  -5.678  -7.152  1.00 38.89 ? 67  CYS A N   1 
ATOM   523 C CA  . CYS A 1 67  ? -2.373  -6.127  -8.516  1.00 42.23 ? 67  CYS A CA  1 
ATOM   524 C C   . CYS A 1 67  ? -2.538  -7.640  -8.578  1.00 41.66 ? 67  CYS A C   1 
ATOM   525 O O   . CYS A 1 67  ? -1.854  -8.369  -7.855  1.00 39.05 ? 67  CYS A O   1 
ATOM   526 C CB  . CYS A 1 67  ? -1.008  -5.705  -9.045  1.00 46.43 ? 67  CYS A CB  1 
ATOM   527 S SG  . CYS A 1 67  ? -0.916  -3.905  -9.141  1.00 55.91 ? 67  CYS A SG  1 
ATOM   528 N N   . VAL A 1 68  ? -3.460  -8.095  -9.432  1.00 42.15 ? 68  VAL A N   1 
ATOM   529 C CA  . VAL A 1 68  ? -3.674  -9.535  -9.679  1.00 43.67 ? 68  VAL A CA  1 
ATOM   530 C C   . VAL A 1 68  ? -2.720  -10.095 -10.729 1.00 44.99 ? 68  VAL A C   1 
ATOM   531 O O   . VAL A 1 68  ? -2.624  -11.309 -10.907 1.00 46.95 ? 68  VAL A O   1 
ATOM   532 C CB  . VAL A 1 68  ? -5.107  -9.847  -10.137 1.00 42.86 ? 68  VAL A CB  1 
ATOM   533 C CG1 . VAL A 1 68  ? -6.098  -9.219  -9.185  1.00 43.31 ? 68  VAL A CG1 1 
ATOM   534 C CG2 . VAL A 1 68  ? -5.362  -9.389  -11.575 1.00 44.22 ? 68  VAL A CG2 1 
ATOM   535 N N   . ARG A 1 69  ? -2.041  -9.194  -11.431 1.00 46.05 ? 69  ARG A N   1 
ATOM   536 C CA  . ARG A 1 69  ? -1.194  -9.548  -12.532 1.00 46.67 ? 69  ARG A CA  1 
ATOM   537 C C   . ARG A 1 69  ? -0.193  -8.434  -12.735 1.00 44.63 ? 69  ARG A C   1 
ATOM   538 O O   . ARG A 1 69  ? -0.515  -7.269  -12.527 1.00 52.95 ? 69  ARG A O   1 
ATOM   539 C CB  . ARG A 1 69  ? -2.069  -9.750  -13.773 1.00 52.00 ? 69  ARG A CB  1 
ATOM   540 C CG  . ARG A 1 69  ? -1.375  -9.541  -15.108 1.00 55.52 ? 69  ARG A CG  1 
ATOM   541 C CD  . ARG A 1 69  ? -2.182  -10.130 -16.250 1.00 59.67 ? 69  ARG A CD  1 
ATOM   542 N NE  . ARG A 1 69  ? -3.365  -9.338  -16.583 1.00 62.95 ? 69  ARG A NE  1 
ATOM   543 C CZ  . ARG A 1 69  ? -3.364  -8.185  -17.263 1.00 66.89 ? 69  ARG A CZ  1 
ATOM   544 N NH1 . ARG A 1 69  ? -2.230  -7.615  -17.677 1.00 70.59 ? 69  ARG A NH1 1 
ATOM   545 N NH2 . ARG A 1 69  ? -4.521  -7.577  -17.519 1.00 70.21 ? 69  ARG A NH2 1 
ATOM   546 N N   . THR A 1 70  ? 1.024   -8.804  -13.114 1.00 41.69 ? 70  THR A N   1 
ATOM   547 C CA  . THR A 1 70  ? 2.079   -7.852  -13.428 1.00 39.94 ? 70  THR A CA  1 
ATOM   548 C C   . THR A 1 70  ? 1.686   -7.037  -14.659 1.00 40.45 ? 70  THR A C   1 
ATOM   549 O O   . THR A 1 70  ? 1.126   -7.581  -15.610 1.00 41.25 ? 70  THR A O   1 
ATOM   550 C CB  . THR A 1 70  ? 3.417   -8.584  -13.672 1.00 39.70 ? 70  THR A CB  1 
ATOM   551 O OG1 . THR A 1 70  ? 3.804   -9.269  -12.475 1.00 37.80 ? 70  THR A OG1 1 
ATOM   552 C CG2 . THR A 1 70  ? 4.536   -7.625  -14.092 1.00 40.31 ? 70  THR A CG2 1 
ATOM   553 N N   . PHE A 1 71  ? 1.964   -5.733  -14.614 1.00 41.23 ? 71  PHE A N   1 
ATOM   554 C CA  . PHE A 1 71  ? 1.627   -4.809  -15.685 1.00 40.08 ? 71  PHE A CA  1 
ATOM   555 C C   . PHE A 1 71  ? 2.821   -3.925  -15.984 1.00 41.34 ? 71  PHE A C   1 
ATOM   556 O O   . PHE A 1 71  ? 3.318   -3.223  -15.109 1.00 42.71 ? 71  PHE A O   1 
ATOM   557 C CB  . PHE A 1 71  ? 0.412   -3.939  -15.304 1.00 41.10 ? 71  PHE A CB  1 
ATOM   558 C CG  . PHE A 1 71  ? 0.073   -2.899  -16.341 1.00 40.47 ? 71  PHE A CG  1 
ATOM   559 C CD1 . PHE A 1 71  ? -0.487  -3.278  -17.569 1.00 39.11 ? 71  PHE A CD1 1 
ATOM   560 C CD2 . PHE A 1 71  ? 0.351   -1.553  -16.120 1.00 39.55 ? 71  PHE A CD2 1 
ATOM   561 C CE1 . PHE A 1 71  ? -0.767  -2.339  -18.543 1.00 38.33 ? 71  PHE A CE1 1 
ATOM   562 C CE2 . PHE A 1 71  ? 0.063   -0.600  -17.093 1.00 40.05 ? 71  PHE A CE2 1 
ATOM   563 C CZ  . PHE A 1 71  ? -0.492  -0.997  -18.308 1.00 40.50 ? 71  PHE A CZ  1 
ATOM   564 N N   . ILE A 1 72  ? 3.281   -3.971  -17.230 1.00 46.38 ? 72  ILE A N   1 
ATOM   565 C CA  . ILE A 1 72  ? 4.361   -3.111  -17.712 1.00 46.06 ? 72  ILE A CA  1 
ATOM   566 C C   . ILE A 1 72  ? 3.676   -2.024  -18.529 1.00 44.29 ? 72  ILE A C   1 
ATOM   567 O O   . ILE A 1 72  ? 3.055   -2.319  -19.550 1.00 42.88 ? 72  ILE A O   1 
ATOM   568 C CB  . ILE A 1 72  ? 5.395   -3.879  -18.589 1.00 46.84 ? 72  ILE A CB  1 
ATOM   569 C CG1 . ILE A 1 72  ? 5.737   -5.268  -18.009 1.00 45.71 ? 72  ILE A CG1 1 
ATOM   570 C CG2 . ILE A 1 72  ? 6.666   -3.039  -18.791 1.00 45.65 ? 72  ILE A CG2 1 
ATOM   571 C CD1 . ILE A 1 72  ? 6.322   -5.265  -16.615 1.00 48.03 ? 72  ILE A CD1 1 
ATOM   572 N N   . GLY A 1 73  ? 3.773   -0.780  -18.070 1.00 44.42 ? 73  GLY A N   1 
ATOM   573 C CA  . GLY A 1 73  ? 3.043   0.329   -18.683 1.00 47.36 ? 73  GLY A CA  1 
ATOM   574 C C   . GLY A 1 73  ? 3.895   1.176   -19.615 1.00 49.58 ? 73  GLY A C   1 
ATOM   575 O O   . GLY A 1 73  ? 5.115   1.279   -19.446 1.00 47.01 ? 73  GLY A O   1 
ATOM   576 N N   . CYS A 1 74  ? 3.224   1.792   -20.587 1.00 50.99 ? 74  CYS A N   1 
ATOM   577 C CA  . CYS A 1 74  ? 3.831   2.763   -21.486 1.00 52.60 ? 74  CYS A CA  1 
ATOM   578 C C   . CYS A 1 74  ? 4.132   4.046   -20.701 1.00 54.37 ? 74  CYS A C   1 
ATOM   579 O O   . CYS A 1 74  ? 3.213   4.804   -20.348 1.00 52.31 ? 74  CYS A O   1 
ATOM   580 C CB  . CYS A 1 74  ? 2.895   3.038   -22.673 1.00 54.42 ? 74  CYS A CB  1 
ATOM   581 S SG  . CYS A 1 74  ? 3.458   4.290   -23.847 1.00 62.21 ? 74  CYS A SG  1 
ATOM   582 N N   . LYS A 1 75  ? 5.417   4.272   -20.419 1.00 55.82 ? 75  LYS A N   1 
ATOM   583 C CA  . LYS A 1 75  ? 5.870   5.473   -19.708 1.00 56.10 ? 75  LYS A CA  1 
ATOM   584 C C   . LYS A 1 75  ? 5.488   6.791   -20.425 1.00 57.80 ? 75  LYS A C   1 
ATOM   585 O O   . LYS A 1 75  ? 5.153   7.787   -19.767 1.00 61.82 ? 75  LYS A O   1 
ATOM   586 C CB  . LYS A 1 75  ? 7.385   5.392   -19.478 1.00 56.58 ? 75  LYS A CB  1 
ATOM   587 N N   . GLU A 1 76  ? 5.510   6.781   -21.761 1.00 59.12 ? 76  GLU A N   1 
ATOM   588 C CA  . GLU A 1 76  ? 5.127   7.951   -22.577 1.00 59.75 ? 76  GLU A CA  1 
ATOM   589 C C   . GLU A 1 76  ? 3.615   8.234   -22.568 1.00 61.52 ? 76  GLU A C   1 
ATOM   590 O O   . GLU A 1 76  ? 3.200   9.345   -22.918 1.00 64.06 ? 76  GLU A O   1 
ATOM   591 C CB  . GLU A 1 76  ? 5.605   7.788   -24.036 1.00 57.14 ? 76  GLU A CB  1 
ATOM   592 N N   . GLN A 1 77  ? 2.797   7.240   -22.201 1.00 57.29 ? 77  GLN A N   1 
ATOM   593 C CA  . GLN A 1 77  ? 1.360   7.452   -21.965 1.00 53.91 ? 77  GLN A CA  1 
ATOM   594 C C   . GLN A 1 77  ? 1.021   7.711   -20.478 1.00 52.41 ? 77  GLN A C   1 
ATOM   595 O O   . GLN A 1 77  ? -0.161  7.720   -20.110 1.00 48.88 ? 77  GLN A O   1 
ATOM   596 C CB  . GLN A 1 77  ? 0.551   6.271   -22.514 1.00 55.54 ? 77  GLN A CB  1 
ATOM   597 N N   . GLY A 1 78  ? 2.046   7.959   -19.642 1.00 50.41 ? 78  GLY A N   1 
ATOM   598 C CA  . GLY A 1 78  ? 1.875   8.172   -18.194 1.00 46.84 ? 78  GLY A CA  1 
ATOM   599 C C   . GLY A 1 78  ? 1.437   6.950   -17.379 1.00 42.04 ? 78  GLY A C   1 
ATOM   600 O O   . GLY A 1 78  ? 0.891   7.108   -16.276 1.00 36.70 ? 78  GLY A O   1 
ATOM   601 N N   . GLN A 1 79  ? 1.682   5.751   -17.918 1.00 38.23 ? 79  GLN A N   1 
ATOM   602 C CA  . GLN A 1 79  ? 1.318   4.491   -17.269 1.00 39.31 ? 79  GLN A CA  1 
ATOM   603 C C   . GLN A 1 79  ? 2.404   3.968   -16.305 1.00 39.94 ? 79  GLN A C   1 
ATOM   604 O O   . GLN A 1 79  ? 3.610   4.222   -16.484 1.00 42.35 ? 79  GLN A O   1 
ATOM   605 C CB  . GLN A 1 79  ? 1.011   3.411   -18.306 1.00 38.78 ? 79  GLN A CB  1 
ATOM   606 C CG  . GLN A 1 79  ? -0.071  3.779   -19.308 1.00 40.62 ? 79  GLN A CG  1 
ATOM   607 C CD  . GLN A 1 79  ? -0.316  2.695   -20.348 1.00 42.15 ? 79  GLN A CD  1 
ATOM   608 O OE1 . GLN A 1 79  ? 0.466   1.739   -20.494 1.00 42.88 ? 79  GLN A OE1 1 
ATOM   609 N NE2 . GLN A 1 79  ? -1.408  2.838   -21.078 1.00 43.10 ? 79  GLN A NE2 1 
ATOM   610 N N   . ILE A 1 80  ? 1.950   3.230   -15.294 1.00 36.20 ? 80  ILE A N   1 
ATOM   611 C CA  . ILE A 1 80  ? 2.788   2.744   -14.204 1.00 34.45 ? 80  ILE A CA  1 
ATOM   612 C C   . ILE A 1 80  ? 3.188   1.285   -14.492 1.00 34.87 ? 80  ILE A C   1 
ATOM   613 O O   . ILE A 1 80  ? 2.601   0.621   -15.354 1.00 31.54 ? 80  ILE A O   1 
ATOM   614 C CB  . ILE A 1 80  ? 2.025   2.869   -12.856 1.00 34.77 ? 80  ILE A CB  1 
ATOM   615 C CG1 . ILE A 1 80  ? 2.968   3.024   -11.671 1.00 34.69 ? 80  ILE A CG1 1 
ATOM   616 C CG2 . ILE A 1 80  ? 1.068   1.697   -12.631 1.00 35.81 ? 80  ILE A CG2 1 
ATOM   617 C CD1 . ILE A 1 80  ? 2.242   3.180   -10.352 1.00 35.22 ? 80  ILE A CD1 1 
ATOM   618 N N   . THR A 1 81  ? 4.196   0.815   -13.764 1.00 33.69 ? 81  THR A N   1 
ATOM   619 C CA  . THR A 1 81  ? 4.605   -0.569  -13.766 1.00 34.24 ? 81  THR A CA  1 
ATOM   620 C C   . THR A 1 81  ? 4.514   -1.137  -12.340 1.00 35.38 ? 81  THR A C   1 
ATOM   621 O O   . THR A 1 81  ? 5.178   -0.654  -11.397 1.00 31.59 ? 81  THR A O   1 
ATOM   622 C CB  . THR A 1 81  ? 6.047   -0.681  -14.296 1.00 34.20 ? 81  THR A CB  1 
ATOM   623 O OG1 . THR A 1 81  ? 6.092   -0.133  -15.614 1.00 36.24 ? 81  THR A OG1 1 
ATOM   624 C CG2 . THR A 1 81  ? 6.521   -2.117  -14.337 1.00 32.59 ? 81  THR A CG2 1 
ATOM   625 N N   . LEU A 1 82  ? 3.673   -2.153  -12.197 1.00 35.73 ? 82  LEU A N   1 
ATOM   626 C CA  . LEU A 1 82  ? 3.531   -2.860  -10.944 1.00 37.50 ? 82  LEU A CA  1 
ATOM   627 C C   . LEU A 1 82  ? 3.509   -4.368  -11.184 1.00 39.10 ? 82  LEU A C   1 
ATOM   628 O O   . LEU A 1 82  ? 3.108   -4.845  -12.260 1.00 35.35 ? 82  LEU A O   1 
ATOM   629 C CB  . LEU A 1 82  ? 2.254   -2.426  -10.228 1.00 38.75 ? 82  LEU A CB  1 
ATOM   630 C CG  . LEU A 1 82  ? 2.128   -1.001  -9.675  1.00 38.23 ? 82  LEU A CG  1 
ATOM   631 C CD1 . LEU A 1 82  ? 0.791   -0.934  -8.969  1.00 40.35 ? 82  LEU A CD1 1 
ATOM   632 C CD2 . LEU A 1 82  ? 3.206   -0.575  -8.702  1.00 38.46 ? 82  LEU A CD2 1 
ATOM   633 N N   . LYS A 1 83  ? 3.943   -5.100  -10.163 1.00 40.87 ? 83  LYS A N   1 
ATOM   634 C CA  . LYS A 1 83  ? 4.085   -6.541  -10.236 1.00 43.37 ? 83  LYS A CA  1 
ATOM   635 C C   . LYS A 1 83  ? 2.904   -7.161  -9.526  1.00 39.84 ? 83  LYS A C   1 
ATOM   636 O O   . LYS A 1 83  ? 2.266   -6.510  -8.708  1.00 36.05 ? 83  LYS A O   1 
ATOM   637 C CB  . LYS A 1 83  ? 5.390   -6.982  -9.562  1.00 47.45 ? 83  LYS A CB  1 
ATOM   638 C CG  . LYS A 1 83  ? 6.640   -6.412  -10.200 1.00 53.30 ? 83  LYS A CG  1 
ATOM   639 C CD  . LYS A 1 83  ? 7.824   -6.333  -9.235  1.00 60.04 ? 83  LYS A CD  1 
ATOM   640 C CE  . LYS A 1 83  ? 8.574   -7.654  -9.102  1.00 65.48 ? 83  LYS A CE  1 
ATOM   641 N NZ  . LYS A 1 83  ? 7.953   -8.596  -8.122  1.00 69.54 ? 83  LYS A NZ  1 
ATOM   642 N N   . GLU A 1 84  ? 2.627   -8.421  -9.847  1.00 37.93 ? 84  GLU A N   1 
ATOM   643 C CA  . GLU A 1 84  ? 1.585   -9.185  -9.180  1.00 39.82 ? 84  GLU A CA  1 
ATOM   644 C C   . GLU A 1 84  ? 1.793   -9.146  -7.664  1.00 40.84 ? 84  GLU A C   1 
ATOM   645 O O   . GLU A 1 84  ? 2.934   -9.282  -7.195  1.00 41.62 ? 84  GLU A O   1 
ATOM   646 C CB  . GLU A 1 84  ? 1.596   -10.634 -9.665  1.00 41.49 ? 84  GLU A CB  1 
ATOM   647 C CG  . GLU A 1 84  ? 0.436   -11.491 -9.155  1.00 43.66 ? 84  GLU A CG  1 
ATOM   648 C CD  . GLU A 1 84  ? 0.577   -12.969 -9.517  1.00 46.94 ? 84  GLU A CD  1 
ATOM   649 O OE1 . GLU A 1 84  ? -0.112  -13.812 -8.893  1.00 51.05 ? 84  GLU A OE1 1 
ATOM   650 O OE2 . GLU A 1 84  ? 1.365   -13.294 -10.431 1.00 49.04 ? 84  GLU A OE2 1 
ATOM   651 N N   . ASN A 1 85  ? 0.689   -8.947  -6.931  1.00 39.13 ? 85  ASN A N   1 
ATOM   652 C CA  . ASN A 1 85  ? 0.645   -8.854  -5.443  1.00 41.57 ? 85  ASN A CA  1 
ATOM   653 C C   . ASN A 1 85  ? 1.097   -7.514  -4.825  1.00 37.90 ? 85  ASN A C   1 
ATOM   654 O O   . ASN A 1 85  ? 0.996   -7.339  -3.613  1.00 43.34 ? 85  ASN A O   1 
ATOM   655 C CB  . ASN A 1 85  ? 1.401   -10.012 -4.762  1.00 44.14 ? 85  ASN A CB  1 
ATOM   656 C CG  . ASN A 1 85  ? 1.103   -11.355 -5.399  1.00 45.86 ? 85  ASN A CG  1 
ATOM   657 O OD1 . ASN A 1 85  ? -0.057  -11.705 -5.586  1.00 43.81 ? 85  ASN A OD1 1 
ATOM   658 N ND2 . ASN A 1 85  ? 2.153   -12.096 -5.765  1.00 45.80 ? 85  ASN A ND2 1 
ATOM   659 N N   . GLN A 1 86  ? 1.574   -6.584  -5.650  1.00 35.65 ? 86  GLN A N   1 
ATOM   660 C CA  . GLN A 1 86  ? 2.038   -5.273  -5.209  1.00 33.57 ? 86  GLN A CA  1 
ATOM   661 C C   . GLN A 1 86  ? 0.817   -4.430  -4.859  1.00 32.11 ? 86  GLN A C   1 
ATOM   662 O O   . GLN A 1 86  ? -0.245  -4.576  -5.491  1.00 32.35 ? 86  GLN A O   1 
ATOM   663 C CB  . GLN A 1 86  ? 2.872   -4.610  -6.309  1.00 35.12 ? 86  GLN A CB  1 
ATOM   664 C CG  . GLN A 1 86  ? 3.915   -3.617  -5.828  1.00 38.36 ? 86  GLN A CG  1 
ATOM   665 C CD  . GLN A 1 86  ? 4.988   -3.286  -6.873  1.00 37.57 ? 86  GLN A CD  1 
ATOM   666 O OE1 . GLN A 1 86  ? 5.381   -4.128  -7.666  1.00 35.60 ? 86  GLN A OE1 1 
ATOM   667 N NE2 . GLN A 1 86  ? 5.478   -2.050  -6.845  1.00 37.81 ? 86  GLN A NE2 1 
ATOM   668 N N   . ILE A 1 87  ? 0.956   -3.573  -3.844  1.00 27.78 ? 87  ILE A N   1 
ATOM   669 C CA  . ILE A 1 87  ? -0.158  -2.744  -3.368  1.00 26.60 ? 87  ILE A CA  1 
ATOM   670 C C   . ILE A 1 87  ? -0.058  -1.340  -3.966  1.00 25.87 ? 87  ILE A C   1 
ATOM   671 O O   . ILE A 1 87  ? 1.036   -0.832  -4.173  1.00 26.49 ? 87  ILE A O   1 
ATOM   672 C CB  . ILE A 1 87  ? -0.198  -2.672  -1.819  1.00 25.63 ? 87  ILE A CB  1 
ATOM   673 C CG1 . ILE A 1 87  ? -0.154  -4.081  -1.203  1.00 26.33 ? 87  ILE A CG1 1 
ATOM   674 C CG2 . ILE A 1 87  ? -1.424  -1.906  -1.332  1.00 25.17 ? 87  ILE A CG2 1 
ATOM   675 C CD1 . ILE A 1 87  ? -1.354  -4.975  -1.484  1.00 26.62 ? 87  ILE A CD1 1 
ATOM   676 N N   . CYS A 1 88  ? -1.211  -0.738  -4.251  1.00 25.89 ? 88  CYS A N   1 
ATOM   677 C CA  . CYS A 1 88  ? -1.314  0.645   -4.711  1.00 26.46 ? 88  CYS A CA  1 
ATOM   678 C C   . CYS A 1 88  ? -2.617  1.288   -4.219  1.00 26.94 ? 88  CYS A C   1 
ATOM   679 O O   . CYS A 1 88  ? -3.535  0.596   -3.786  1.00 27.42 ? 88  CYS A O   1 
ATOM   680 C CB  . CYS A 1 88  ? -1.218  0.720   -6.248  1.00 27.09 ? 88  CYS A CB  1 
ATOM   681 S SG  . CYS A 1 88  ? -2.650  0.080   -7.167  1.00 29.57 ? 88  CYS A SG  1 
ATOM   682 N N   . VAL A 1 89  ? -2.695  2.616   -4.292  1.00 27.02 ? 89  VAL A N   1 
ATOM   683 C CA  . VAL A 1 89  ? -3.863  3.357   -3.836  1.00 26.38 ? 89  VAL A CA  1 
ATOM   684 C C   . VAL A 1 89  ? -4.323  4.407   -4.849  1.00 26.12 ? 89  VAL A C   1 
ATOM   685 O O   . VAL A 1 89  ? -3.528  4.930   -5.603  1.00 27.48 ? 89  VAL A O   1 
ATOM   686 C CB  . VAL A 1 89  ? -3.603  4.053   -2.471  1.00 26.38 ? 89  VAL A CB  1 
ATOM   687 C CG1 . VAL A 1 89  ? -2.980  3.081   -1.486  1.00 27.75 ? 89  VAL A CG1 1 
ATOM   688 C CG2 . VAL A 1 89  ? -2.716  5.287   -2.610  1.00 25.66 ? 89  VAL A CG2 1 
ATOM   689 N N   . SER A 1 90  ? -5.609  4.742   -4.806  1.00 26.35 ? 90  SER A N   1 
ATOM   690 C CA  . SER A 1 90  ? -6.186  5.794   -5.622  1.00 27.06 ? 90  SER A CA  1 
ATOM   691 C C   . SER A 1 90  ? -7.423  6.385   -4.958  1.00 28.89 ? 90  SER A C   1 
ATOM   692 O O   . SER A 1 90  ? -8.265  5.652   -4.426  1.00 27.52 ? 90  SER A O   1 
ATOM   693 C CB  . SER A 1 90  ? -6.599  5.242   -6.991  1.00 27.41 ? 90  SER A CB  1 
ATOM   694 O OG  . SER A 1 90  ? -7.100  6.265   -7.817  1.00 27.79 ? 90  SER A OG  1 
ATOM   695 N N   . SER A 1 91  ? -7.513  7.710   -5.004  1.00 31.71 ? 91  SER A N   1 
ATOM   696 C CA  . SER A 1 91  ? -8.727  8.457   -4.643  1.00 33.31 ? 91  SER A CA  1 
ATOM   697 C C   . SER A 1 91  ? -9.452  8.944   -5.893  1.00 35.70 ? 91  SER A C   1 
ATOM   698 O O   . SER A 1 91  ? -10.438 9.635   -5.767  1.00 38.78 ? 91  SER A O   1 
ATOM   699 C CB  . SER A 1 91  ? -8.383  9.688   -3.783  1.00 31.82 ? 91  SER A CB  1 
ATOM   700 O OG  . SER A 1 91  ? -7.481  10.553  -4.458  1.00 30.40 ? 91  SER A OG  1 
ATOM   701 N N   . GLU A 1 92  ? -8.977  8.590   -7.085  1.00 38.13 ? 92  GLU A N   1 
ATOM   702 C CA  . GLU A 1 92  ? -9.512  9.151   -8.325  1.00 39.70 ? 92  GLU A CA  1 
ATOM   703 C C   . GLU A 1 92  ? -10.496 8.192   -8.970  1.00 39.46 ? 92  GLU A C   1 
ATOM   704 O O   . GLU A 1 92  ? -10.649 7.067   -8.520  1.00 37.83 ? 92  GLU A O   1 
ATOM   705 C CB  . GLU A 1 92  ? -8.377  9.513   -9.280  1.00 39.29 ? 92  GLU A CB  1 
ATOM   706 C CG  . GLU A 1 92  ? -7.612  10.748  -8.828  1.00 39.71 ? 92  GLU A CG  1 
ATOM   707 C CD  . GLU A 1 92  ? -6.344  10.953  -9.618  1.00 40.57 ? 92  GLU A CD  1 
ATOM   708 O OE1 . GLU A 1 92  ? -5.259  11.104  -9.014  1.00 46.05 ? 92  GLU A OE1 1 
ATOM   709 O OE2 . GLU A 1 92  ? -6.429  10.932  -10.850 1.00 41.55 ? 92  GLU A OE2 1 
ATOM   710 N N   . GLU A 1 93  ? -11.200 8.686   -9.985  1.00 43.82 ? 93  GLU A N   1 
ATOM   711 C CA  . GLU A 1 93  ? -12.118 7.878   -10.799 1.00 46.00 ? 93  GLU A CA  1 
ATOM   712 C C   . GLU A 1 93  ? -11.413 7.367   -12.049 1.00 42.88 ? 93  GLU A C   1 
ATOM   713 O O   . GLU A 1 93  ? -10.413 7.929   -12.510 1.00 39.01 ? 93  GLU A O   1 
ATOM   714 C CB  . GLU A 1 93  ? -13.353 8.681   -11.221 1.00 48.26 ? 93  GLU A CB  1 
ATOM   715 C CG  . GLU A 1 93  ? -14.348 8.955   -10.099 1.00 52.41 ? 93  GLU A CG  1 
ATOM   716 C CD  . GLU A 1 93  ? -15.488 9.899   -10.511 1.00 58.10 ? 93  GLU A CD  1 
ATOM   717 O OE1 . GLU A 1 93  ? -15.318 10.752  -11.430 1.00 55.23 ? 93  GLU A OE1 1 
ATOM   718 O OE2 . GLU A 1 93  ? -16.573 9.788   -9.899  1.00 58.63 ? 93  GLU A OE2 1 
ATOM   719 N N   . GLU A 1 94  ? -11.952 6.282   -12.578 1.00 43.07 ? 94  GLU A N   1 
ATOM   720 C CA  . GLU A 1 94  ? -11.486 5.704   -13.831 1.00 45.86 ? 94  GLU A CA  1 
ATOM   721 C C   . GLU A 1 94  ? -11.761 6.638   -15.038 1.00 43.45 ? 94  GLU A C   1 
ATOM   722 O O   . GLU A 1 94  ? -12.663 7.468   -15.018 1.00 40.46 ? 94  GLU A O   1 
ATOM   723 C CB  . GLU A 1 94  ? -12.138 4.323   -14.019 1.00 48.31 ? 94  GLU A CB  1 
ATOM   724 C CG  . GLU A 1 94  ? -12.035 3.710   -15.411 1.00 53.90 ? 94  GLU A CG  1 
ATOM   725 C CD  . GLU A 1 94  ? -13.170 4.073   -16.358 1.00 54.15 ? 94  GLU A CD  1 
ATOM   726 O OE1 . GLU A 1 94  ? -14.262 4.477   -15.912 1.00 52.66 ? 94  GLU A OE1 1 
ATOM   727 O OE2 . GLU A 1 94  ? -12.950 3.936   -17.579 1.00 58.64 ? 94  GLU A OE2 1 
ATOM   728 N N   . GLN A 1 95  ? -10.941 6.496   -16.064 1.00 42.54 ? 95  GLN A N   1 
ATOM   729 C CA  . GLN A 1 95  ? -11.129 7.156   -17.326 1.00 43.35 ? 95  GLN A CA  1 
ATOM   730 C C   . GLN A 1 95  ? -10.573 6.214   -18.388 1.00 42.57 ? 95  GLN A C   1 
ATOM   731 O O   . GLN A 1 95  ? -9.392  5.824   -18.302 1.00 37.48 ? 95  GLN A O   1 
ATOM   732 C CB  . GLN A 1 95  ? -10.329 8.456   -17.339 1.00 48.97 ? 95  GLN A CB  1 
ATOM   733 C CG  . GLN A 1 95  ? -10.538 9.340   -18.564 1.00 50.89 ? 95  GLN A CG  1 
ATOM   734 C CD  . GLN A 1 95  ? -11.838 10.125  -18.486 1.00 53.77 ? 95  GLN A CD  1 
ATOM   735 O OE1 . GLN A 1 95  ? -12.923 9.555   -18.351 1.00 55.69 ? 95  GLN A OE1 1 
ATOM   736 N NE2 . GLN A 1 95  ? -11.730 11.441  -18.543 1.00 55.26 ? 95  GLN A NE2 1 
ATOM   737 N N   . ASP A 1 96  ? -11.416 5.840   -19.357 1.00 39.26 ? 96  ASP A N   1 
ATOM   738 C CA  . ASP A 1 96  ? -11.018 4.990   -20.500 1.00 39.80 ? 96  ASP A CA  1 
ATOM   739 C C   . ASP A 1 96  ? -10.505 3.607   -20.072 1.00 37.80 ? 96  ASP A C   1 
ATOM   740 O O   . ASP A 1 96  ? -9.657  2.999   -20.725 1.00 40.53 ? 96  ASP A O   1 
ATOM   741 C CB  . ASP A 1 96  ? -9.985  5.709   -21.396 1.00 42.24 ? 96  ASP A CB  1 
ATOM   742 C CG  . ASP A 1 96  ? -10.564 6.928   -22.135 1.00 44.48 ? 96  ASP A CG  1 
ATOM   743 O OD1 . ASP A 1 96  ? -11.775 7.232   -22.026 1.00 42.90 ? 96  ASP A OD1 1 
ATOM   744 O OD2 . ASP A 1 96  ? -9.773  7.587   -22.842 1.00 46.54 ? 96  ASP A OD2 1 
ATOM   745 N N   . GLY A 1 97  ? -11.062 3.102   -18.979 1.00 36.58 ? 97  GLY A N   1 
ATOM   746 C CA  . GLY A 1 97  ? -10.602 1.863   -18.360 1.00 36.41 ? 97  GLY A CA  1 
ATOM   747 C C   . GLY A 1 97  ? -9.320  1.886   -17.535 1.00 33.18 ? 97  GLY A C   1 
ATOM   748 O O   . GLY A 1 97  ? -8.916  0.842   -17.050 1.00 31.57 ? 97  GLY A O   1 
ATOM   749 N N   . PHE A 1 98  ? -8.682  3.051   -17.379 1.00 33.33 ? 98  PHE A N   1 
ATOM   750 C CA  . PHE A 1 98  ? -7.476  3.195   -16.550 1.00 32.11 ? 98  PHE A CA  1 
ATOM   751 C C   . PHE A 1 98  ? -7.749  4.064   -15.327 1.00 30.45 ? 98  PHE A C   1 
ATOM   752 O O   . PHE A 1 98  ? -8.594  4.938   -15.352 1.00 29.12 ? 98  PHE A O   1 
ATOM   753 C CB  . PHE A 1 98  ? -6.324  3.818   -17.332 1.00 31.81 ? 98  PHE A CB  1 
ATOM   754 C CG  . PHE A 1 98  ? -5.751  2.937   -18.413 1.00 32.75 ? 98  PHE A CG  1 
ATOM   755 C CD1 . PHE A 1 98  ? -6.414  2.775   -19.634 1.00 32.85 ? 98  PHE A CD1 1 
ATOM   756 C CD2 . PHE A 1 98  ? -4.512  2.328   -18.250 1.00 32.32 ? 98  PHE A CD2 1 
ATOM   757 C CE1 . PHE A 1 98  ? -5.871  1.997   -20.655 1.00 32.30 ? 98  PHE A CE1 1 
ATOM   758 C CE2 . PHE A 1 98  ? -3.966  1.546   -19.264 1.00 33.50 ? 98  PHE A CE2 1 
ATOM   759 C CZ  . PHE A 1 98  ? -4.650  1.375   -20.466 1.00 33.49 ? 98  PHE A CZ  1 
ATOM   760 N N   . ILE A 1 99  ? -6.998  3.813   -14.263 1.00 31.68 ? 99  ILE A N   1 
ATOM   761 C CA  . ILE A 1 99  ? -7.052  4.634   -13.045 1.00 30.60 ? 99  ILE A CA  1 
ATOM   762 C C   . ILE A 1 99  ? -5.636  5.052   -12.628 1.00 28.33 ? 99  ILE A C   1 
ATOM   763 O O   . ILE A 1 99  ? -4.677  4.288   -12.840 1.00 28.05 ? 99  ILE A O   1 
ATOM   764 C CB  . ILE A 1 99  ? -7.812  3.905   -11.929 1.00 29.40 ? 99  ILE A CB  1 
ATOM   765 C CG1 . ILE A 1 99  ? -8.115  4.839   -10.763 1.00 30.31 ? 99  ILE A CG1 1 
ATOM   766 C CG2 . ILE A 1 99  ? -7.071  2.674   -11.448 1.00 30.49 ? 99  ILE A CG2 1 
ATOM   767 C CD1 . ILE A 1 99  ? -9.309  4.380   -9.956  1.00 30.34 ? 99  ILE A CD1 1 
ATOM   768 N N   . ARG A 1 100 ? -5.512  6.264   -12.088 1.00 26.92 ? 100 ARG A N   1 
ATOM   769 C CA  . ARG A 1 100 ? -4.219  6.783   -11.621 1.00 27.30 ? 100 ARG A CA  1 
ATOM   770 C C   . ARG A 1 100 ? -4.031  6.299   -10.192 1.00 26.47 ? 100 ARG A C   1 
ATOM   771 O O   . ARG A 1 100 ? -4.883  6.555   -9.311  1.00 26.19 ? 100 ARG A O   1 
ATOM   772 C CB  . ARG A 1 100 ? -4.148  8.313   -11.673 1.00 28.07 ? 100 ARG A CB  1 
ATOM   773 C CG  . ARG A 1 100 ? -2.732  8.877   -11.430 1.00 30.97 ? 100 ARG A CG  1 
ATOM   774 C CD  . ARG A 1 100 ? -2.616  10.403  -11.648 1.00 32.78 ? 100 ARG A CD  1 
ATOM   775 N NE  . ARG A 1 100 ? -3.301  10.836  -12.874 1.00 34.73 ? 100 ARG A NE  1 
ATOM   776 C CZ  . ARG A 1 100 ? -2.797  10.795  -14.107 1.00 39.87 ? 100 ARG A CZ  1 
ATOM   777 N NH1 . ARG A 1 100 ? -1.539  10.405  -14.339 1.00 48.53 ? 100 ARG A NH1 1 
ATOM   778 N NH2 . ARG A 1 100 ? -3.551  11.166  -15.136 1.00 39.67 ? 100 ARG A NH2 1 
ATOM   779 N N   . VAL A 1 101 ? -2.910  5.608   -9.971  1.00 26.02 ? 101 VAL A N   1 
ATOM   780 C CA  . VAL A 1 101 ? -2.576  5.011   -8.677  1.00 25.34 ? 101 VAL A CA  1 
ATOM   781 C C   . VAL A 1 101 ? -1.200  5.478   -8.175  1.00 24.53 ? 101 VAL A C   1 
ATOM   782 O O   . VAL A 1 101 ? -0.392  6.023   -8.928  1.00 21.35 ? 101 VAL A O   1 
ATOM   783 C CB  . VAL A 1 101 ? -2.624  3.451   -8.718  1.00 25.31 ? 101 VAL A CB  1 
ATOM   784 C CG1 . VAL A 1 101 ? -4.017  2.943   -9.098  1.00 24.76 ? 101 VAL A CG1 1 
ATOM   785 C CG2 . VAL A 1 101 ? -1.549  2.873   -9.637  1.00 24.80 ? 101 VAL A CG2 1 
ATOM   786 N N   . LEU A 1 102 ? -0.977  5.256   -6.878  1.00 25.38 ? 102 LEU A N   1 
ATOM   787 C CA  . LEU A 1 102 ? 0.263   5.604   -6.186  1.00 25.20 ? 102 LEU A CA  1 
ATOM   788 C C   . LEU A 1 102 ? 0.729   4.329   -5.446  1.00 26.00 ? 102 LEU A C   1 
ATOM   789 O O   . LEU A 1 102 ? -0.037  3.688   -4.717  1.00 23.42 ? 102 LEU A O   1 
ATOM   790 C CB  . LEU A 1 102 ? 0.024   6.763   -5.216  1.00 25.56 ? 102 LEU A CB  1 
ATOM   791 C CG  . LEU A 1 102 ? 1.185   7.206   -4.305  1.00 27.65 ? 102 LEU A CG  1 
ATOM   792 C CD1 . LEU A 1 102 ? 2.384   7.696   -5.121  1.00 28.86 ? 102 LEU A CD1 1 
ATOM   793 C CD2 . LEU A 1 102 ? 0.708   8.292   -3.348  1.00 26.73 ? 102 LEU A CD2 1 
ATOM   794 N N   . SER A 1 103 ? 1.976   3.945   -5.670  1.00 25.36 ? 103 SER A N   1 
ATOM   795 C CA  . SER A 1 103 ? 2.548   2.826   -4.960  1.00 27.20 ? 103 SER A CA  1 
ATOM   796 C C   . SER A 1 103 ? 3.973   3.198   -4.600  1.00 26.87 ? 103 SER A C   1 
ATOM   797 O O   . SER A 1 103 ? 4.877   3.117   -5.430  1.00 26.33 ? 103 SER A O   1 
ATOM   798 C CB  . SER A 1 103 ? 2.496   1.566   -5.825  1.00 27.50 ? 103 SER A CB  1 
ATOM   799 O OG  . SER A 1 103 ? 3.024   0.469   -5.123  1.00 28.12 ? 103 SER A OG  1 
ATOM   800 N N   . GLY A 1 104 ? 4.155   3.648   -3.364  1.00 28.51 ? 104 GLY A N   1 
ATOM   801 C CA  . GLY A 1 104 ? 5.436   4.160   -2.907  1.00 31.10 ? 104 GLY A CA  1 
ATOM   802 C C   . GLY A 1 104 ? 5.693   5.465   -3.615  1.00 33.11 ? 104 GLY A C   1 
ATOM   803 O O   . GLY A 1 104 ? 4.835   6.338   -3.596  1.00 36.62 ? 104 GLY A O   1 
ATOM   804 N N   . LYS A 1 105 ? 6.851   5.580   -4.258  1.00 37.05 ? 105 LYS A N   1 
ATOM   805 C CA  . LYS A 1 105 ? 7.179   6.743   -5.100  1.00 39.16 ? 105 LYS A CA  1 
ATOM   806 C C   . LYS A 1 105 ? 6.627   6.667   -6.517  1.00 36.87 ? 105 LYS A C   1 
ATOM   807 O O   . LYS A 1 105 ? 6.689   7.652   -7.215  1.00 36.26 ? 105 LYS A O   1 
ATOM   808 C CB  . LYS A 1 105 ? 8.698   6.972   -5.171  1.00 41.74 ? 105 LYS A CB  1 
ATOM   809 C CG  . LYS A 1 105 ? 9.246   7.586   -3.906  1.00 44.92 ? 105 LYS A CG  1 
ATOM   810 C CD  . LYS A 1 105 ? 10.745  7.854   -3.982  1.00 47.62 ? 105 LYS A CD  1 
ATOM   811 C CE  . LYS A 1 105 ? 11.265  8.519   -2.709  1.00 48.67 ? 105 LYS A CE  1 
ATOM   812 N NZ  . LYS A 1 105 ? 10.617  8.041   -1.445  1.00 47.83 ? 105 LYS A NZ  1 
ATOM   813 N N   . LYS A 1 106 ? 6.104   5.521   -6.945  1.00 37.70 ? 106 LYS A N   1 
ATOM   814 C CA  . LYS A 1 106 ? 5.558   5.393   -8.302  1.00 37.76 ? 106 LYS A CA  1 
ATOM   815 C C   . LYS A 1 106 ? 4.123   5.919   -8.391  1.00 36.62 ? 106 LYS A C   1 
ATOM   816 O O   . LYS A 1 106 ? 3.265   5.499   -7.611  1.00 36.46 ? 106 LYS A O   1 
ATOM   817 C CB  . LYS A 1 106 ? 5.551   3.945   -8.759  1.00 38.04 ? 106 LYS A CB  1 
ATOM   818 C CG  . LYS A 1 106 ? 6.895   3.253   -8.802  1.00 39.99 ? 106 LYS A CG  1 
ATOM   819 C CD  . LYS A 1 106 ? 6.658   1.750   -8.790  1.00 43.80 ? 106 LYS A CD  1 
ATOM   820 C CE  . LYS A 1 106 ? 7.903   0.959   -9.135  1.00 48.71 ? 106 LYS A CE  1 
ATOM   821 N NZ  . LYS A 1 106 ? 7.924   0.517   -10.563 1.00 50.31 ? 106 LYS A NZ  1 
ATOM   822 N N   . LYS A 1 107 ? 3.878   6.807   -9.359  1.00 35.73 ? 107 LYS A N   1 
ATOM   823 C CA  . LYS A 1 107 ? 2.546   7.316   -9.676  1.00 35.38 ? 107 LYS A CA  1 
ATOM   824 C C   . LYS A 1 107 ? 2.278   7.233   -11.173 1.00 32.42 ? 107 LYS A C   1 
ATOM   825 O O   . LYS A 1 107 ? 3.094   7.644   -11.974 1.00 35.52 ? 107 LYS A O   1 
ATOM   826 C CB  . LYS A 1 107 ? 2.403   8.753   -9.204  1.00 37.29 ? 107 LYS A CB  1 
ATOM   827 C CG  . LYS A 1 107 ? 1.004   9.324   -9.393  1.00 41.72 ? 107 LYS A CG  1 
ATOM   828 C CD  . LYS A 1 107 ? 0.864   10.713  -8.794  1.00 46.79 ? 107 LYS A CD  1 
ATOM   829 C CE  . LYS A 1 107 ? 0.808   10.666  -7.267  1.00 51.08 ? 107 LYS A CE  1 
ATOM   830 N NZ  . LYS A 1 107 ? 0.682   12.020  -6.656  1.00 54.30 ? 107 LYS A NZ  1 
ATOM   831 N N   . GLY A 1 108 ? 1.118   6.726   -11.551 1.00 31.11 ? 108 GLY A N   1 
ATOM   832 C CA  . GLY A 1 108 ? 0.787   6.572   -12.960 1.00 29.53 ? 108 GLY A CA  1 
ATOM   833 C C   . GLY A 1 108 ? -0.498  5.811   -13.179 1.00 29.07 ? 108 GLY A C   1 
ATOM   834 O O   . GLY A 1 108 ? -1.086  5.274   -12.243 1.00 27.33 ? 108 GLY A O   1 
ATOM   835 N N   . LEU A 1 109 ? -0.903  5.740   -14.442 1.00 30.50 ? 109 LEU A N   1 
ATOM   836 C CA  . LEU A 1 109 ? -2.121  5.052   -14.864 1.00 29.77 ? 109 LEU A CA  1 
ATOM   837 C C   . LEU A 1 109 ? -1.934  3.537   -14.943 1.00 29.63 ? 109 LEU A C   1 
ATOM   838 O O   . LEU A 1 109 ? -0.857  3.036   -15.291 1.00 29.14 ? 109 LEU A O   1 
ATOM   839 C CB  . LEU A 1 109 ? -2.578  5.570   -16.229 1.00 32.32 ? 109 LEU A CB  1 
ATOM   840 C CG  . LEU A 1 109 ? -2.885  7.070   -16.328 1.00 36.35 ? 109 LEU A CG  1 
ATOM   841 C CD1 . LEU A 1 109 ? -3.259  7.405   -17.763 1.00 38.85 ? 109 LEU A CD1 1 
ATOM   842 C CD2 . LEU A 1 109 ? -3.999  7.529   -15.385 1.00 35.90 ? 109 LEU A CD2 1 
ATOM   843 N N   . ILE A 1 110 ? -3.003  2.815   -14.632 1.00 29.17 ? 110 ILE A N   1 
ATOM   844 C CA  . ILE A 1 110 ? -3.019  1.359   -14.696 1.00 30.00 ? 110 ILE A CA  1 
ATOM   845 C C   . ILE A 1 110 ? -4.450  0.941   -15.045 1.00 29.57 ? 110 ILE A C   1 
ATOM   846 O O   . ILE A 1 110 ? -5.394  1.585   -14.574 1.00 29.69 ? 110 ILE A O   1 
ATOM   847 C CB  . ILE A 1 110 ? -2.537  0.742   -13.338 1.00 31.44 ? 110 ILE A CB  1 
ATOM   848 C CG1 . ILE A 1 110 ? -2.065  -0.695  -13.504 1.00 31.61 ? 110 ILE A CG1 1 
ATOM   849 C CG2 . ILE A 1 110 ? -3.617  0.806   -12.261 1.00 31.38 ? 110 ILE A CG2 1 
ATOM   850 C CD1 . ILE A 1 110 ? -1.342  -1.253  -12.295 1.00 32.85 ? 110 ILE A CD1 1 
ATOM   851 N N   . PRO A 1 111 ? -4.622  -0.116  -15.879 1.00 32.20 ? 111 PRO A N   1 
ATOM   852 C CA  . PRO A 1 111 ? -5.991  -0.590  -16.180 1.00 32.98 ? 111 PRO A CA  1 
ATOM   853 C C   . PRO A 1 111 ? -6.721  -1.130  -14.956 1.00 33.49 ? 111 PRO A C   1 
ATOM   854 O O   . PRO A 1 111 ? -6.077  -1.686  -14.053 1.00 30.76 ? 111 PRO A O   1 
ATOM   855 C CB  . PRO A 1 111 ? -5.795  -1.714  -17.213 1.00 31.13 ? 111 PRO A CB  1 
ATOM   856 C CG  . PRO A 1 111 ? -4.351  -1.872  -17.419 1.00 32.02 ? 111 PRO A CG  1 
ATOM   857 C CD  . PRO A 1 111 ? -3.591  -0.839  -16.654 1.00 32.41 ? 111 PRO A CD  1 
ATOM   858 N N   . LEU A 1 112 ? -8.043  -0.946  -14.939 1.00 36.62 ? 112 LEU A N   1 
ATOM   859 C CA  . LEU A 1 112 ? -8.908  -1.454  -13.857 1.00 40.69 ? 112 LEU A CA  1 
ATOM   860 C C   . LEU A 1 112 ? -8.816  -2.966  -13.685 1.00 41.56 ? 112 LEU A C   1 
ATOM   861 O O   . LEU A 1 112 ? -8.819  -3.453  -12.556 1.00 44.63 ? 112 LEU A O   1 
ATOM   862 C CB  . LEU A 1 112 ? -10.382 -1.109  -14.098 1.00 42.96 ? 112 LEU A CB  1 
ATOM   863 C CG  . LEU A 1 112 ? -10.860 0.316   -13.833 1.00 47.77 ? 112 LEU A CG  1 
ATOM   864 C CD1 . LEU A 1 112 ? -12.317 0.413   -14.279 1.00 48.88 ? 112 LEU A CD1 1 
ATOM   865 C CD2 . LEU A 1 112 ? -10.691 0.699   -12.356 1.00 48.24 ? 112 LEU A CD2 1 
ATOM   866 N N   . ASP A 1 113 ? -8.738  -3.689  -14.803 1.00 40.77 ? 113 ASP A N   1 
ATOM   867 C CA  . ASP A 1 113 ? -8.749  -5.148  -14.804 1.00 41.24 ? 113 ASP A CA  1 
ATOM   868 C C   . ASP A 1 113 ? -7.477  -5.785  -14.214 1.00 39.47 ? 113 ASP A C   1 
ATOM   869 O O   . ASP A 1 113 ? -7.434  -6.998  -13.985 1.00 41.75 ? 113 ASP A O   1 
ATOM   870 C CB  . ASP A 1 113 ? -9.043  -5.689  -16.231 1.00 43.68 ? 113 ASP A CB  1 
ATOM   871 C CG  . ASP A 1 113 ? -7.812  -5.675  -17.164 1.00 43.80 ? 113 ASP A CG  1 
ATOM   872 O OD1 . ASP A 1 113 ? -7.407  -4.588  -17.621 1.00 41.85 ? 113 ASP A OD1 1 
ATOM   873 O OD2 . ASP A 1 113 ? -7.277  -6.776  -17.462 1.00 44.02 ? 113 ASP A OD2 1 
ATOM   874 N N   . VAL A 1 114 ? -6.440  -4.982  -14.000 1.00 38.74 ? 114 VAL A N   1 
ATOM   875 C CA  . VAL A 1 114 ? -5.234  -5.416  -13.276 1.00 39.26 ? 114 VAL A CA  1 
ATOM   876 C C   . VAL A 1 114 ? -5.379  -5.358  -11.743 1.00 38.59 ? 114 VAL A C   1 
ATOM   877 O O   . VAL A 1 114 ? -4.549  -5.925  -11.024 1.00 41.09 ? 114 VAL A O   1 
ATOM   878 C CB  . VAL A 1 114 ? -4.033  -4.580  -13.754 1.00 40.36 ? 114 VAL A CB  1 
ATOM   879 C CG1 . VAL A 1 114 ? -2.812  -4.729  -12.864 1.00 43.02 ? 114 VAL A CG1 1 
ATOM   880 C CG2 . VAL A 1 114 ? -3.703  -4.972  -15.181 1.00 43.34 ? 114 VAL A CG2 1 
ATOM   881 N N   . LEU A 1 115 ? -6.430  -4.703  -11.250 1.00 35.20 ? 115 LEU A N   1 
ATOM   882 C CA  . LEU A 1 115 ? -6.566  -4.404  -9.850  1.00 35.45 ? 115 LEU A CA  1 
ATOM   883 C C   . LEU A 1 115 ? -7.712  -5.166  -9.192  1.00 39.84 ? 115 LEU A C   1 
ATOM   884 O O   . LEU A 1 115 ? -8.768  -5.379  -9.791  1.00 42.07 ? 115 LEU A O   1 
ATOM   885 C CB  . LEU A 1 115 ? -6.779  -2.911  -9.679  1.00 33.93 ? 115 LEU A CB  1 
ATOM   886 C CG  . LEU A 1 115 ? -5.659  -1.963  -10.138 1.00 31.79 ? 115 LEU A CG  1 
ATOM   887 C CD1 . LEU A 1 115 ? -6.076  -0.533  -9.824  1.00 31.70 ? 115 LEU A CD1 1 
ATOM   888 C CD2 . LEU A 1 115 ? -4.338  -2.260  -9.476  1.00 30.35 ? 115 LEU A CD2 1 
ATOM   889 N N   . GLU A 1 116 ? -7.473  -5.551  -7.943  1.00 43.83 ? 116 GLU A N   1 
ATOM   890 C CA  . GLU A 1 116 ? -8.431  -6.220  -7.083  1.00 47.52 ? 116 GLU A CA  1 
ATOM   891 C C   . GLU A 1 116 ? -8.584  -5.355  -5.843  1.00 47.75 ? 116 GLU A C   1 
ATOM   892 O O   . GLU A 1 116 ? -7.591  -4.891  -5.280  1.00 45.97 ? 116 GLU A O   1 
ATOM   893 C CB  . GLU A 1 116 ? -7.851  -7.569  -6.703  1.00 51.62 ? 116 GLU A CB  1 
ATOM   894 C CG  . GLU A 1 116 ? -8.754  -8.496  -5.919  1.00 55.82 ? 116 GLU A CG  1 
ATOM   895 C CD  . GLU A 1 116 ? -8.064  -9.819  -5.637  1.00 59.62 ? 116 GLU A CD  1 
ATOM   896 O OE1 . GLU A 1 116 ? -6.863  -9.808  -5.290  1.00 58.43 ? 116 GLU A OE1 1 
ATOM   897 O OE2 . GLU A 1 116 ? -8.718  -10.873 -5.767  1.00 69.38 ? 116 GLU A OE2 1 
ATOM   898 N N   . ASN A 1 117 ? -9.815  -5.171  -5.394  1.00 51.39 ? 117 ASN A N   1 
ATOM   899 C CA  . ASN A 1 117 ? -10.132 -4.127  -4.422  1.00 55.30 ? 117 ASN A CA  1 
ATOM   900 C C   . ASN A 1 117 ? -9.671  -4.377  -2.974  1.00 60.84 ? 117 ASN A C   1 
ATOM   901 O O   . ASN A 1 117 ? -9.668  -3.426  -2.187  1.00 70.66 ? 117 ASN A O   1 
ATOM   902 C CB  . ASN A 1 117 ? -11.643 -3.825  -4.435  1.00 57.23 ? 117 ASN A CB  1 
ATOM   903 C CG  . ASN A 1 117 ? -11.933 -2.344  -4.585  1.00 61.65 ? 117 ASN A CG  1 
ATOM   904 O OD1 . ASN A 1 117 ? -11.735 -1.551  -3.646  1.00 62.79 ? 117 ASN A OD1 1 
ATOM   905 N ND2 . ASN A 1 117 ? -12.405 -1.955  -5.775  1.00 59.65 ? 117 ASN A ND2 1 
ATOM   906 N N   . ILE A 1 118 ? -9.283  -5.607  -2.616  1.00 61.04 ? 118 ILE A N   1 
ATOM   907 C CA  . ILE A 1 118 ? -8.978  -5.973  -1.207  1.00 63.37 ? 118 ILE A CA  1 
ATOM   908 C C   . ILE A 1 118 ? -10.197 -5.742  -0.302  1.00 62.49 ? 118 ILE A C   1 
ATOM   909 O O   . ILE A 1 118 ? -10.465 -4.615  0.128   1.00 59.76 ? 118 ILE A O   1 
ATOM   910 C CB  . ILE A 1 118 ? -7.716  -5.248  -0.635  1.00 64.66 ? 118 ILE A CB  1 
ATOM   911 C CG1 . ILE A 1 118 ? -6.462  -5.735  -1.357  1.00 62.30 ? 118 ILE A CG1 1 
ATOM   912 C CG2 . ILE A 1 118 ? -7.529  -5.517  0.865   1.00 67.83 ? 118 ILE A CG2 1 
ATOM   913 C CD1 . ILE A 1 118 ? -5.184  -5.059  -0.909  1.00 59.14 ? 118 ILE A CD1 1 
HETATM 914 N N1  . EPE B 2 .   ? 11.809  -3.791  18.024  1.00 43.60 ? 201 EPE A N1  1 
HETATM 915 C C2  . EPE B 2 .   ? 11.372  -5.093  18.552  1.00 39.84 ? 201 EPE A C2  1 
HETATM 916 C C3  . EPE B 2 .   ? 12.001  -6.274  17.787  1.00 40.10 ? 201 EPE A C3  1 
HETATM 917 N N4  . EPE B 2 .   ? 11.941  -6.134  16.306  1.00 40.72 ? 201 EPE A N4  1 
HETATM 918 C C5  . EPE B 2 .   ? 12.402  -4.786  15.924  1.00 39.20 ? 201 EPE A C5  1 
HETATM 919 C C6  . EPE B 2 .   ? 11.487  -3.774  16.587  1.00 41.10 ? 201 EPE A C6  1 
HETATM 920 C C7  . EPE B 2 .   ? 12.722  -7.177  15.572  1.00 38.63 ? 201 EPE A C7  1 
HETATM 921 C C8  . EPE B 2 .   ? 12.164  -7.458  14.167  1.00 39.36 ? 201 EPE A C8  1 
HETATM 922 O O8  . EPE B 2 .   ? 13.184  -7.607  13.144  1.00 41.27 ? 201 EPE A O8  1 
HETATM 923 C C9  . EPE B 2 .   ? 11.277  -2.657  18.833  1.00 51.28 ? 201 EPE A C9  1 
HETATM 924 C C10 . EPE B 2 .   ? 11.663  -1.271  18.269  1.00 60.15 ? 201 EPE A C10 1 
HETATM 925 S S   . EPE B 2 .   ? 12.442  -0.175  19.268  1.00 70.69 ? 201 EPE A S   1 
HETATM 926 O O1S . EPE B 2 .   ? 11.509  0.605   20.140  1.00 66.65 ? 201 EPE A O1S 1 
HETATM 927 O O2S . EPE B 2 .   ? 13.136  0.768   18.348  1.00 69.33 ? 201 EPE A O2S 1 
HETATM 928 O O3S . EPE B 2 .   ? 13.462  -0.889  20.079  1.00 73.07 ? 201 EPE A O3S 1 
HETATM 929 O O   . HOH C 3 .   ? -10.174 -6.904  -11.106 1.00 44.81 ? 301 HOH A O   1 
HETATM 930 O O   . HOH C 3 .   ? -7.060  -3.859  4.049   1.00 40.15 ? 302 HOH A O   1 
HETATM 931 O O   . HOH C 3 .   ? -6.065  -6.523  8.359   1.00 41.09 ? 303 HOH A O   1 
HETATM 932 O O   . HOH C 3 .   ? -9.321  -2.831  -17.871 1.00 47.88 ? 304 HOH A O   1 
HETATM 933 O O   . HOH C 3 .   ? 10.786  -9.978  9.947   1.00 25.54 ? 305 HOH A O   1 
HETATM 934 O O   . HOH C 3 .   ? -6.609  -2.443  10.767  1.00 29.46 ? 306 HOH A O   1 
HETATM 935 O O   . HOH C 3 .   ? 17.810  4.621   10.080  1.00 36.78 ? 307 HOH A O   1 
HETATM 936 O O   . HOH C 3 .   ? 9.617   -11.413 22.184  1.00 35.81 ? 308 HOH A O   1 
HETATM 937 O O   . HOH C 3 .   ? -7.738  8.156   -12.510 1.00 29.28 ? 309 HOH A O   1 
HETATM 938 O O   . HOH C 3 .   ? -1.782  -13.171 -12.663 1.00 55.90 ? 310 HOH A O   1 
HETATM 939 O O   . HOH C 3 .   ? 1.713   -9.477  15.459  1.00 30.28 ? 311 HOH A O   1 
HETATM 940 O O   . HOH C 3 .   ? 3.489   -3.622  -2.604  1.00 28.47 ? 312 HOH A O   1 
HETATM 941 O O   . HOH C 3 .   ? 3.469   -10.641 17.623  1.00 27.34 ? 313 HOH A O   1 
HETATM 942 O O   . HOH C 3 .   ? 2.936   -11.721 7.606   1.00 39.57 ? 314 HOH A O   1 
HETATM 943 O O   . HOH C 3 .   ? -5.689  0.046   11.946  1.00 32.12 ? 315 HOH A O   1 
HETATM 944 O O   . HOH C 3 .   ? -1.676  -8.603  9.983   1.00 30.01 ? 316 HOH A O   1 
HETATM 945 O O   . HOH C 3 .   ? 4.181   -7.092  -1.198  1.00 30.90 ? 317 HOH A O   1 
HETATM 946 O O   . HOH C 3 .   ? 9.486   -9.895  7.637   1.00 19.69 ? 318 HOH A O   1 
HETATM 947 O O   . HOH C 3 .   ? 5.003   -11.214 -7.563  1.00 44.52 ? 319 HOH A O   1 
HETATM 948 O O   . HOH C 3 .   ? -3.212  9.606   -7.628  1.00 39.59 ? 320 HOH A O   1 
HETATM 949 O O   . HOH C 3 .   ? 5.014   -1.221  -3.851  1.00 39.68 ? 321 HOH A O   1 
HETATM 950 O O   . HOH C 3 .   ? 0.126   -0.401  -22.505 1.00 48.61 ? 322 HOH A O   1 
HETATM 951 O O   . HOH C 3 .   ? 5.104   -8.609  0.746   1.00 22.78 ? 323 HOH A O   1 
HETATM 952 O O   . HOH C 3 .   ? 12.558  -8.004  23.111  1.00 39.53 ? 324 HOH A O   1 
HETATM 953 O O   . HOH C 3 .   ? 7.792   1.758   23.781  1.00 32.07 ? 325 HOH A O   1 
HETATM 954 O O   . HOH C 3 .   ? -9.750  0.733   0.597   1.00 33.14 ? 326 HOH A O   1 
HETATM 955 O O   . HOH C 3 .   ? 1.530   -11.773 -13.676 1.00 41.87 ? 327 HOH A O   1 
HETATM 956 O O   . HOH C 3 .   ? 2.235   9.709   16.828  1.00 38.83 ? 328 HOH A O   1 
HETATM 957 O O   . HOH C 3 .   ? -4.430  8.902   -5.490  1.00 37.37 ? 329 HOH A O   1 
HETATM 958 O O   . HOH C 3 .   ? -7.290  8.517   -14.990 1.00 32.10 ? 330 HOH A O   1 
HETATM 959 O O   . HOH C 3 .   ? 13.006  -0.277  24.364  1.00 42.86 ? 331 HOH A O   1 
HETATM 960 O O   . HOH C 3 .   ? 16.828  13.347  9.254   1.00 25.53 ? 332 HOH A O   1 
# 
